data_9W5W
#
_entry.id   9W5W
#
_cell.length_a   64.039
_cell.length_b   104.525
_cell.length_c   119.763
_cell.angle_alpha   109.25
_cell.angle_beta   100.66
_cell.angle_gamma   90.36
#
_symmetry.space_group_name_H-M   'P 1'
#
loop_
_entity.id
_entity.type
_entity.pdbx_description
1 polymer 'Nicotinamide phosphoribosyltransferase'
2 non-polymer NICOTINAMIDE-ADENINE-DINUCLEOTIDE
3 non-polymer 'SULFATE ION'
4 non-polymer GLYCEROL
5 water water
#
_entity_poly.entity_id   1
_entity_poly.type   'polypeptide(L)'
_entity_poly.pdbx_seq_one_letter_code
;GPLGSMTKYTYPATLLCDFYKVSHKEQYPEGTELIYSTWTPRTSRVEDIDRVVAFGFQGFIKKYLIDYFNENFFKRPKQD
VVNEYKRVIKHTLQVDDPDASHIESLHELGYLPIKIKAVKEGTFIPIKVPMLTIENTIPEFFWITNYLETLMSNEIWQPT
TSATLAYEYRKILDEYAMETVGNKLAVDFQGHDFSMRGMSSLESTKLSGAGHLLSFTGTDTIPAILYHEEFYNANIENEL
VGSSIPATEHSVMCANGQDEYVVFKKLITETYPEGFVSIVSDTWDFWNVIDTVVRKLKGDILKRDGKVVIRPDSGDPVKI
ICGDPEAKDELVRKGLIEVLWDIFGGNVTDKGYKVLDPHIGAIYGDAITISRCKEICKKLAAKGFASVNVVFGIGSFTYQ
YNTRDTFGFAMKATYTVVNGEERQIFKNPKTDDGTKKSQKGLVAVVNNGNELSLVDELDRNAYKQLSNDDILEDVFINGQ
LLRNQTLSEIRELLLD
;
_entity_poly.pdbx_strand_id   A,B,C,D
#
# COMPACT_ATOMS: atom_id res chain seq x y z
N THR A 7 19.71 -10.62 -15.78
CA THR A 7 18.36 -10.34 -15.32
C THR A 7 17.50 -11.61 -15.33
N LYS A 8 16.28 -11.48 -14.79
CA LYS A 8 15.37 -12.60 -14.62
C LYS A 8 14.12 -12.37 -15.45
N TYR A 9 13.46 -13.47 -15.83
CA TYR A 9 12.38 -13.38 -16.82
C TYR A 9 11.14 -12.76 -16.20
N THR A 10 10.64 -11.70 -16.84
CA THR A 10 9.43 -11.01 -16.39
C THR A 10 8.25 -11.40 -17.28
N TYR A 11 7.22 -11.97 -16.68
CA TYR A 11 5.97 -12.12 -17.40
C TYR A 11 5.24 -10.78 -17.29
N PRO A 12 5.03 -10.08 -18.41
CA PRO A 12 4.47 -8.73 -18.32
C PRO A 12 3.11 -8.74 -17.62
N ALA A 13 2.93 -7.75 -16.73
CA ALA A 13 1.68 -7.63 -15.98
C ALA A 13 0.48 -7.41 -16.88
N THR A 14 0.72 -6.93 -18.10
CA THR A 14 -0.32 -6.63 -19.06
C THR A 14 -0.66 -7.78 -19.98
N LEU A 15 -0.07 -8.97 -19.78
CA LEU A 15 -0.31 -10.11 -20.66
C LEU A 15 -0.67 -11.38 -19.88
N LEU A 16 -1.20 -11.21 -18.67
CA LEU A 16 -1.69 -12.35 -17.88
C LEU A 16 -3.18 -12.54 -18.14
N CYS A 17 -3.47 -13.06 -19.34
CA CYS A 17 -4.85 -13.11 -19.80
C CYS A 17 -4.93 -14.06 -20.98
N ASP A 18 -6.17 -14.39 -21.34
CA ASP A 18 -6.43 -14.99 -22.64
C ASP A 18 -6.06 -14.01 -23.73
N PHE A 19 -5.52 -14.53 -24.83
CA PHE A 19 -5.07 -13.68 -25.93
C PHE A 19 -6.20 -12.78 -26.43
N TYR A 20 -7.42 -13.28 -26.49
CA TYR A 20 -8.48 -12.46 -27.08
C TYR A 20 -8.85 -11.27 -26.18
N LYS A 21 -8.57 -11.32 -24.87
CA LYS A 21 -8.80 -10.17 -24.00
C LYS A 21 -8.04 -8.94 -24.49
N VAL A 22 -6.87 -9.15 -25.09
CA VAL A 22 -6.10 -8.05 -25.68
C VAL A 22 -6.89 -7.39 -26.83
N SER A 23 -7.63 -8.18 -27.60
CA SER A 23 -8.31 -7.66 -28.77
C SER A 23 -9.66 -7.03 -28.47
N HIS A 24 -10.16 -7.14 -27.24
CA HIS A 24 -11.53 -6.71 -26.97
C HIS A 24 -11.67 -5.18 -26.88
N LYS A 25 -10.58 -4.49 -26.52
CA LYS A 25 -10.63 -3.04 -26.33
C LYS A 25 -11.20 -2.34 -27.56
N GLU A 26 -10.64 -2.62 -28.73
CA GLU A 26 -11.05 -2.00 -29.98
C GLU A 26 -12.41 -2.48 -30.46
N GLN A 27 -13.00 -3.49 -29.81
CA GLN A 27 -14.27 -4.07 -30.24
C GLN A 27 -15.49 -3.44 -29.56
N TYR A 28 -15.32 -2.81 -28.41
CA TYR A 28 -16.43 -2.23 -27.67
C TYR A 28 -17.07 -1.08 -28.46
N PRO A 29 -18.32 -0.74 -28.17
CA PRO A 29 -18.94 0.40 -28.85
C PRO A 29 -18.16 1.68 -28.59
N GLU A 30 -18.20 2.58 -29.57
CA GLU A 30 -17.54 3.87 -29.40
C GLU A 30 -18.09 4.59 -28.18
N GLY A 31 -17.19 5.18 -27.40
CA GLY A 31 -17.62 5.89 -26.22
C GLY A 31 -18.00 5.03 -25.04
N THR A 32 -17.59 3.76 -25.02
CA THR A 32 -17.76 2.98 -23.80
C THR A 32 -16.95 3.62 -22.68
N GLU A 33 -17.61 3.84 -21.54
CA GLU A 33 -16.96 4.49 -20.42
C GLU A 33 -16.92 3.64 -19.16
N LEU A 34 -17.73 2.59 -19.06
CA LEU A 34 -17.65 1.77 -17.85
C LEU A 34 -18.04 0.33 -18.17
N ILE A 35 -17.28 -0.62 -17.61
CA ILE A 35 -17.60 -2.05 -17.63
C ILE A 35 -17.56 -2.57 -16.19
N TYR A 36 -18.59 -3.32 -15.81
CA TYR A 36 -18.80 -3.76 -14.44
C TYR A 36 -19.15 -5.24 -14.48
N SER A 37 -18.35 -6.05 -13.77
CA SER A 37 -18.44 -7.50 -13.79
C SER A 37 -18.57 -8.06 -12.37
N THR A 38 -19.24 -9.21 -12.29
CA THR A 38 -19.47 -9.91 -11.04
C THR A 38 -18.86 -11.31 -11.08
N TRP A 39 -18.47 -11.79 -9.90
CA TRP A 39 -17.96 -13.14 -9.67
C TRP A 39 -19.01 -13.93 -8.92
N THR A 40 -19.54 -14.99 -9.55
CA THR A 40 -20.64 -15.71 -8.95
C THR A 40 -20.41 -17.22 -9.01
N PRO A 41 -20.71 -17.94 -7.92
CA PRO A 41 -20.84 -19.40 -8.01
C PRO A 41 -22.23 -19.77 -8.53
N ARG A 42 -22.34 -20.14 -9.80
CA ARG A 42 -23.65 -20.24 -10.43
C ARG A 42 -24.34 -21.57 -10.20
N THR A 43 -23.65 -22.58 -9.68
CA THR A 43 -24.23 -23.90 -9.52
C THR A 43 -23.37 -24.67 -8.53
N SER A 44 -23.88 -25.81 -8.06
CA SER A 44 -23.12 -26.68 -7.17
C SER A 44 -23.18 -28.12 -7.68
N ARG A 45 -22.02 -28.73 -7.86
CA ARG A 45 -21.93 -30.12 -8.26
C ARG A 45 -21.67 -31.07 -7.09
N VAL A 46 -21.50 -30.54 -5.88
CA VAL A 46 -21.25 -31.36 -4.70
C VAL A 46 -22.54 -31.48 -3.91
N GLU A 47 -22.94 -32.71 -3.62
CA GLU A 47 -24.25 -32.95 -3.00
C GLU A 47 -24.24 -32.42 -1.57
N ASP A 48 -25.35 -31.78 -1.18
CA ASP A 48 -25.57 -31.17 0.13
C ASP A 48 -24.76 -29.90 0.36
N ILE A 49 -24.07 -29.38 -0.66
CA ILE A 49 -23.38 -28.10 -0.55
C ILE A 49 -24.15 -27.11 -1.42
N ASP A 50 -24.92 -26.23 -0.78
CA ASP A 50 -25.64 -25.19 -1.49
C ASP A 50 -25.12 -23.81 -1.16
N ARG A 51 -24.08 -23.71 -0.34
CA ARG A 51 -23.43 -22.46 -0.03
C ARG A 51 -21.93 -22.64 -0.13
N VAL A 52 -21.25 -21.52 -0.37
CA VAL A 52 -19.82 -21.48 -0.61
C VAL A 52 -19.19 -20.57 0.43
N VAL A 53 -17.96 -20.90 0.85
CA VAL A 53 -17.22 -20.13 1.85
C VAL A 53 -16.32 -19.16 1.10
N ALA A 54 -16.70 -17.88 1.09
CA ALA A 54 -15.94 -16.89 0.34
C ALA A 54 -14.54 -16.76 0.90
N PHE A 55 -13.53 -16.95 0.04
CA PHE A 55 -12.14 -16.88 0.50
C PHE A 55 -11.20 -16.68 -0.68
N GLY A 56 -10.24 -15.79 -0.50
CA GLY A 56 -9.13 -15.65 -1.43
C GLY A 56 -8.96 -14.28 -2.06
N PHE A 57 -9.99 -13.43 -2.06
CA PHE A 57 -9.91 -12.17 -2.79
C PHE A 57 -8.73 -11.34 -2.32
N GLN A 58 -8.57 -11.22 -0.99
CA GLN A 58 -7.51 -10.39 -0.44
C GLN A 58 -6.14 -10.88 -0.88
N GLY A 59 -5.93 -12.20 -0.87
CA GLY A 59 -4.66 -12.73 -1.32
C GLY A 59 -4.35 -12.37 -2.76
N PHE A 60 -5.34 -12.52 -3.64
CA PHE A 60 -5.11 -12.21 -5.06
C PHE A 60 -4.83 -10.72 -5.24
N ILE A 61 -5.64 -9.86 -4.62
CA ILE A 61 -5.46 -8.42 -4.73
C ILE A 61 -4.07 -8.02 -4.25
N LYS A 62 -3.67 -8.49 -3.08
CA LYS A 62 -2.36 -8.14 -2.55
C LYS A 62 -1.24 -8.64 -3.47
N LYS A 63 -1.35 -9.88 -3.95
CA LYS A 63 -0.24 -10.49 -4.69
C LYS A 63 -0.06 -9.85 -6.06
N TYR A 64 -1.16 -9.70 -6.80
CA TYR A 64 -1.09 -9.33 -8.21
C TYR A 64 -1.51 -7.90 -8.49
N LEU A 65 -2.63 -7.45 -7.91
CA LEU A 65 -3.12 -6.12 -8.21
C LEU A 65 -2.25 -5.05 -7.57
N ILE A 66 -1.66 -5.34 -6.42
CA ILE A 66 -0.77 -4.40 -5.75
C ILE A 66 0.68 -4.75 -6.08
N ASP A 67 1.14 -5.90 -5.59
CA ASP A 67 2.58 -6.16 -5.62
C ASP A 67 3.08 -6.44 -7.04
N TYR A 68 2.37 -7.28 -7.80
CA TYR A 68 2.88 -7.64 -9.11
C TYR A 68 2.85 -6.45 -10.06
N PHE A 69 1.74 -5.71 -10.06
CA PHE A 69 1.65 -4.55 -10.94
C PHE A 69 2.60 -3.44 -10.52
N ASN A 70 2.89 -3.29 -9.22
CA ASN A 70 3.86 -2.29 -8.80
C ASN A 70 5.28 -2.70 -9.17
N GLU A 71 5.69 -3.90 -8.76
CA GLU A 71 7.06 -4.34 -8.96
C GLU A 71 7.39 -4.50 -10.45
N ASN A 72 6.46 -5.07 -11.22
CA ASN A 72 6.76 -5.47 -12.59
C ASN A 72 6.21 -4.54 -13.65
N PHE A 73 5.33 -3.60 -13.29
CA PHE A 73 4.84 -2.64 -14.28
C PHE A 73 5.10 -1.19 -13.87
N PHE A 74 4.57 -0.73 -12.73
CA PHE A 74 4.56 0.72 -12.47
C PHE A 74 5.95 1.25 -12.10
N LYS A 75 6.67 0.53 -11.25
CA LYS A 75 7.99 0.97 -10.81
C LYS A 75 9.06 0.82 -11.88
N ARG A 76 8.74 0.24 -13.02
CA ARG A 76 9.68 0.06 -14.11
C ARG A 76 9.53 1.19 -15.13
N PRO A 77 10.57 1.46 -15.91
CA PRO A 77 10.48 2.54 -16.92
C PRO A 77 9.40 2.26 -17.95
N LYS A 78 8.74 3.35 -18.40
CA LYS A 78 7.64 3.24 -19.37
C LYS A 78 8.06 2.50 -20.62
N GLN A 79 9.24 2.81 -21.15
CA GLN A 79 9.71 2.23 -22.40
C GLN A 79 9.83 0.71 -22.29
N ASP A 80 10.30 0.20 -21.15
CA ASP A 80 10.46 -1.24 -20.96
C ASP A 80 9.12 -1.96 -21.04
N VAL A 81 8.13 -1.48 -20.28
CA VAL A 81 6.83 -2.14 -20.25
C VAL A 81 6.09 -1.95 -21.56
N VAL A 82 6.38 -0.89 -22.30
CA VAL A 82 5.81 -0.76 -23.64
C VAL A 82 6.44 -1.79 -24.58
N ASN A 83 7.76 -1.94 -24.51
CA ASN A 83 8.48 -2.80 -25.45
C ASN A 83 8.13 -4.27 -25.25
N GLU A 84 8.08 -4.73 -23.99
CA GLU A 84 7.79 -6.14 -23.73
C GLU A 84 6.42 -6.53 -24.29
N TYR A 85 5.42 -5.66 -24.08
CA TYR A 85 4.07 -5.88 -24.60
C TYR A 85 4.08 -5.89 -26.12
N LYS A 86 4.72 -4.88 -26.73
CA LYS A 86 4.77 -4.83 -28.18
C LYS A 86 5.41 -6.08 -28.76
N ARG A 87 6.51 -6.54 -28.14
CA ARG A 87 7.23 -7.70 -28.67
C ARG A 87 6.33 -8.94 -28.67
N VAL A 88 5.65 -9.20 -27.56
CA VAL A 88 4.78 -10.37 -27.50
C VAL A 88 3.65 -10.25 -28.52
N ILE A 89 2.97 -9.09 -28.55
CA ILE A 89 1.83 -8.94 -29.45
C ILE A 89 2.27 -9.10 -30.89
N LYS A 90 3.39 -8.47 -31.26
CA LYS A 90 3.94 -8.57 -32.61
C LYS A 90 4.15 -10.01 -33.01
N HIS A 91 4.86 -10.78 -32.19
CA HIS A 91 5.28 -12.09 -32.66
C HIS A 91 4.28 -13.20 -32.35
N THR A 92 3.18 -12.90 -31.65
CA THR A 92 2.15 -13.90 -31.42
C THR A 92 0.82 -13.61 -32.09
N LEU A 93 0.54 -12.35 -32.46
CA LEU A 93 -0.70 -12.00 -33.11
C LEU A 93 -0.48 -11.48 -34.53
N GLN A 94 0.76 -11.45 -35.00
CA GLN A 94 1.11 -11.03 -36.36
C GLN A 94 0.62 -9.61 -36.63
N VAL A 95 0.96 -8.71 -35.71
CA VAL A 95 0.73 -7.27 -35.87
C VAL A 95 2.09 -6.62 -36.03
N ASP A 96 2.29 -5.91 -37.14
CA ASP A 96 3.61 -5.36 -37.42
C ASP A 96 3.94 -4.19 -36.50
N ASP A 97 2.95 -3.41 -36.11
CA ASP A 97 3.16 -2.31 -35.16
C ASP A 97 1.99 -2.29 -34.18
N PRO A 98 2.07 -3.08 -33.12
CA PRO A 98 0.96 -3.11 -32.15
C PRO A 98 0.77 -1.75 -31.48
N ASP A 99 -0.49 -1.40 -31.22
CA ASP A 99 -0.82 -0.18 -30.51
C ASP A 99 -0.69 -0.43 -29.01
N ALA A 100 0.27 0.23 -28.38
CA ALA A 100 0.45 0.15 -26.93
C ALA A 100 0.18 1.47 -26.23
N SER A 101 -0.56 2.38 -26.87
CA SER A 101 -0.82 3.69 -26.27
C SER A 101 -1.58 3.56 -24.95
N HIS A 102 -2.52 2.60 -24.89
CA HIS A 102 -3.26 2.40 -23.65
C HIS A 102 -2.37 1.87 -22.53
N ILE A 103 -1.39 1.02 -22.86
CA ILE A 103 -0.42 0.57 -21.87
C ILE A 103 0.42 1.75 -21.38
N GLU A 104 0.86 2.59 -22.32
CA GLU A 104 1.60 3.80 -21.97
C GLU A 104 0.79 4.69 -21.04
N SER A 105 -0.50 4.87 -21.34
CA SER A 105 -1.36 5.74 -20.55
C SER A 105 -1.58 5.16 -19.15
N LEU A 106 -1.80 3.85 -19.05
CA LEU A 106 -1.90 3.23 -17.73
C LEU A 106 -0.63 3.44 -16.92
N HIS A 107 0.53 3.27 -17.56
CA HIS A 107 1.80 3.47 -16.85
C HIS A 107 1.94 4.92 -16.37
N GLU A 108 1.57 5.88 -17.22
CA GLU A 108 1.64 7.29 -16.82
C GLU A 108 0.70 7.58 -15.66
N LEU A 109 -0.47 6.94 -15.64
CA LEU A 109 -1.40 7.13 -14.53
C LEU A 109 -0.77 6.69 -13.21
N GLY A 110 0.00 5.61 -13.23
CA GLY A 110 0.74 5.20 -12.05
C GLY A 110 0.01 4.29 -11.07
N TYR A 111 -1.25 3.98 -11.31
CA TYR A 111 -2.01 3.07 -10.45
C TYR A 111 -3.10 2.42 -11.29
N LEU A 112 -3.70 1.36 -10.74
CA LEU A 112 -4.81 0.70 -11.43
C LEU A 112 -6.10 1.46 -11.15
N PRO A 113 -6.74 2.05 -12.16
CA PRO A 113 -8.00 2.80 -11.95
C PRO A 113 -9.19 1.87 -11.79
N ILE A 114 -9.19 1.13 -10.68
CA ILE A 114 -10.03 -0.04 -10.50
C ILE A 114 -10.70 0.02 -9.13
N LYS A 115 -11.94 -0.46 -9.07
CA LYS A 115 -12.70 -0.57 -7.83
C LYS A 115 -13.25 -1.99 -7.72
N ILE A 116 -12.78 -2.71 -6.70
CA ILE A 116 -13.23 -4.05 -6.35
C ILE A 116 -13.96 -4.00 -5.03
N LYS A 117 -15.17 -4.56 -5.02
CA LYS A 117 -15.98 -4.76 -3.82
C LYS A 117 -16.19 -6.26 -3.63
N ALA A 118 -16.35 -6.68 -2.37
CA ALA A 118 -16.57 -8.09 -2.10
C ALA A 118 -17.21 -8.26 -0.74
N VAL A 119 -17.88 -9.40 -0.57
CA VAL A 119 -18.33 -9.81 0.75
C VAL A 119 -17.12 -10.13 1.63
N LYS A 120 -17.34 -10.07 2.94
CA LYS A 120 -16.28 -10.41 3.88
C LYS A 120 -15.88 -11.88 3.71
N GLU A 121 -14.57 -12.13 3.66
CA GLU A 121 -14.09 -13.49 3.53
C GLU A 121 -14.38 -14.24 4.82
N GLY A 122 -14.92 -15.46 4.68
CA GLY A 122 -15.55 -16.18 5.78
C GLY A 122 -17.07 -16.20 5.70
N THR A 123 -17.68 -15.39 4.84
CA THR A 123 -19.13 -15.36 4.70
C THR A 123 -19.63 -16.55 3.90
N PHE A 124 -20.76 -17.11 4.33
CA PHE A 124 -21.46 -18.13 3.56
C PHE A 124 -22.29 -17.46 2.47
N ILE A 125 -22.05 -17.83 1.23
CA ILE A 125 -22.71 -17.22 0.06
C ILE A 125 -23.55 -18.30 -0.61
N PRO A 126 -24.86 -18.11 -0.73
CA PRO A 126 -25.67 -19.11 -1.45
C PRO A 126 -25.28 -19.21 -2.90
N ILE A 127 -25.54 -20.38 -3.48
CA ILE A 127 -25.36 -20.56 -4.91
C ILE A 127 -26.21 -19.54 -5.66
N LYS A 128 -25.65 -18.99 -6.74
CA LYS A 128 -26.29 -18.00 -7.60
C LYS A 128 -26.37 -16.60 -6.97
N VAL A 129 -25.60 -16.35 -5.92
CA VAL A 129 -25.48 -15.01 -5.35
C VAL A 129 -24.05 -14.52 -5.60
N PRO A 130 -23.87 -13.32 -6.14
CA PRO A 130 -22.50 -12.83 -6.39
C PRO A 130 -21.80 -12.47 -5.09
N MET A 131 -20.47 -12.62 -5.10
CA MET A 131 -19.68 -12.32 -3.92
C MET A 131 -18.64 -11.23 -4.14
N LEU A 132 -18.40 -10.81 -5.37
CA LEU A 132 -17.37 -9.84 -5.70
C LEU A 132 -17.78 -9.11 -6.98
N THR A 133 -17.45 -7.82 -7.03
CA THR A 133 -17.65 -7.00 -8.23
C THR A 133 -16.39 -6.22 -8.51
N ILE A 134 -16.19 -5.89 -9.78
CA ILE A 134 -15.03 -5.16 -10.27
C ILE A 134 -15.46 -4.21 -11.37
N GLU A 135 -14.90 -3.00 -11.34
CA GLU A 135 -15.24 -1.95 -12.32
C GLU A 135 -14.09 -0.96 -12.42
N ASN A 136 -14.06 -0.22 -13.52
CA ASN A 136 -13.05 0.81 -13.73
C ASN A 136 -13.54 2.15 -13.19
N THR A 137 -12.60 2.96 -12.70
CA THR A 137 -12.96 4.23 -12.08
C THR A 137 -12.70 5.44 -12.97
N ILE A 138 -12.01 5.28 -14.09
CA ILE A 138 -11.83 6.37 -15.06
C ILE A 138 -12.32 5.87 -16.42
N PRO A 139 -13.13 6.66 -17.15
CA PRO A 139 -13.72 6.15 -18.40
C PRO A 139 -12.73 5.61 -19.43
N GLU A 140 -11.61 6.30 -19.65
CA GLU A 140 -10.65 5.90 -20.67
C GLU A 140 -10.16 4.47 -20.45
N PHE A 141 -10.18 3.99 -19.21
CA PHE A 141 -9.72 2.65 -18.89
C PHE A 141 -10.86 1.65 -18.76
N PHE A 142 -11.98 1.89 -19.44
CA PHE A 142 -13.06 0.90 -19.50
C PHE A 142 -12.54 -0.50 -19.80
N TRP A 143 -11.48 -0.61 -20.61
CA TRP A 143 -10.98 -1.90 -21.06
C TRP A 143 -10.29 -2.70 -19.95
N ILE A 144 -9.95 -2.09 -18.81
CA ILE A 144 -9.13 -2.83 -17.84
C ILE A 144 -9.94 -3.91 -17.13
N THR A 145 -11.20 -3.63 -16.80
CA THR A 145 -12.03 -4.63 -16.12
C THR A 145 -11.99 -5.96 -16.86
N ASN A 146 -12.43 -5.94 -18.12
CA ASN A 146 -12.38 -7.11 -18.98
C ASN A 146 -11.01 -7.78 -18.93
N TYR A 147 -9.96 -6.97 -19.06
CA TYR A 147 -8.62 -7.55 -19.16
C TYR A 147 -8.29 -8.39 -17.91
N LEU A 148 -8.66 -7.91 -16.72
CA LEU A 148 -8.26 -8.59 -15.49
C LEU A 148 -9.06 -9.86 -15.25
N GLU A 149 -10.20 -9.99 -15.95
CA GLU A 149 -11.14 -11.08 -15.67
C GLU A 149 -10.44 -12.43 -15.58
N THR A 150 -9.74 -12.81 -16.65
CA THR A 150 -9.10 -14.12 -16.71
C THR A 150 -8.24 -14.35 -15.48
N LEU A 151 -7.32 -13.41 -15.22
CA LEU A 151 -6.37 -13.68 -14.15
C LEU A 151 -7.10 -13.84 -12.83
N MET A 152 -8.09 -13.00 -12.57
CA MET A 152 -8.74 -13.08 -11.27
C MET A 152 -9.44 -14.41 -11.12
N SER A 153 -10.12 -14.86 -12.17
CA SER A 153 -10.76 -16.17 -12.10
C SER A 153 -9.71 -17.23 -11.82
N ASN A 154 -8.61 -17.18 -12.58
CA ASN A 154 -7.54 -18.17 -12.46
C ASN A 154 -7.05 -18.25 -11.04
N GLU A 155 -7.19 -17.16 -10.29
CA GLU A 155 -6.56 -17.13 -8.99
C GLU A 155 -7.51 -17.36 -7.83
N ILE A 156 -8.82 -17.18 -8.00
CA ILE A 156 -9.67 -17.13 -6.81
C ILE A 156 -10.69 -18.26 -6.74
N TRP A 157 -10.83 -19.10 -7.77
CA TRP A 157 -11.80 -20.18 -7.63
C TRP A 157 -11.28 -21.29 -6.72
N GLN A 158 -9.98 -21.60 -6.78
CA GLN A 158 -9.45 -22.70 -5.97
C GLN A 158 -9.51 -22.40 -4.47
N PRO A 159 -9.03 -21.25 -3.97
CA PRO A 159 -9.05 -21.04 -2.50
C PRO A 159 -10.45 -21.07 -1.90
N THR A 160 -11.45 -20.56 -2.61
CA THR A 160 -12.82 -20.67 -2.14
C THR A 160 -13.28 -22.13 -2.14
N THR A 161 -13.06 -22.83 -3.27
CA THR A 161 -13.48 -24.23 -3.39
C THR A 161 -12.89 -25.08 -2.27
N SER A 162 -11.58 -24.99 -2.07
CA SER A 162 -10.95 -25.70 -0.97
C SER A 162 -11.57 -25.29 0.35
N ALA A 163 -11.72 -23.97 0.57
CA ALA A 163 -12.30 -23.50 1.82
C ALA A 163 -13.68 -24.10 2.01
N THR A 164 -14.45 -24.22 0.93
CA THR A 164 -15.78 -24.81 1.06
C THR A 164 -15.67 -26.30 1.39
N LEU A 165 -14.81 -27.02 0.66
CA LEU A 165 -14.72 -28.46 0.86
C LEU A 165 -14.28 -28.77 2.28
N ALA A 166 -13.27 -28.05 2.76
CA ALA A 166 -12.80 -28.20 4.13
C ALA A 166 -13.94 -27.99 5.12
N TYR A 167 -14.75 -26.95 4.89
CA TYR A 167 -15.81 -26.70 5.85
C TYR A 167 -16.81 -27.84 5.87
N GLU A 168 -17.00 -28.51 4.73
CA GLU A 168 -17.89 -29.66 4.71
C GLU A 168 -17.43 -30.68 5.74
N TYR A 169 -16.13 -31.02 5.70
CA TYR A 169 -15.58 -31.90 6.72
C TYR A 169 -15.84 -31.33 8.11
N ARG A 170 -15.55 -30.03 8.28
CA ARG A 170 -15.76 -29.38 9.57
C ARG A 170 -17.20 -29.58 10.03
N LYS A 171 -18.15 -29.36 9.12
CA LYS A 171 -19.56 -29.48 9.48
C LYS A 171 -19.87 -30.86 10.01
N ILE A 172 -19.31 -31.88 9.37
CA ILE A 172 -19.55 -33.25 9.84
C ILE A 172 -18.87 -33.46 11.19
N LEU A 173 -17.60 -33.05 11.30
CA LEU A 173 -16.83 -33.39 12.49
C LEU A 173 -17.34 -32.64 13.71
N ASP A 174 -17.73 -31.37 13.53
CA ASP A 174 -18.42 -30.67 14.60
C ASP A 174 -19.64 -31.45 15.03
N GLU A 175 -20.50 -31.83 14.07
CA GLU A 175 -21.80 -32.38 14.43
C GLU A 175 -21.66 -33.70 15.19
N TYR A 176 -20.74 -34.57 14.74
CA TYR A 176 -20.55 -35.81 15.46
C TYR A 176 -19.88 -35.57 16.81
N ALA A 177 -18.96 -34.59 16.88
CA ALA A 177 -18.33 -34.28 18.15
C ALA A 177 -19.38 -33.92 19.19
N MET A 178 -20.23 -32.93 18.86
CA MET A 178 -21.31 -32.54 19.74
C MET A 178 -22.14 -33.74 20.17
N GLU A 179 -22.41 -34.66 19.24
CA GLU A 179 -23.30 -35.76 19.59
C GLU A 179 -22.61 -36.81 20.44
N THR A 180 -21.31 -37.03 20.22
CA THR A 180 -20.64 -38.13 20.89
C THR A 180 -19.86 -37.70 22.11
N VAL A 181 -19.29 -36.50 22.10
CA VAL A 181 -18.50 -35.98 23.20
C VAL A 181 -19.25 -34.89 23.96
N GLY A 182 -19.96 -34.02 23.25
CA GLY A 182 -20.61 -32.87 23.86
C GLY A 182 -19.89 -31.55 23.67
N ASN A 183 -18.73 -31.55 23.01
CA ASN A 183 -18.01 -30.33 22.67
C ASN A 183 -17.24 -30.59 21.39
N LYS A 184 -16.72 -29.50 20.80
CA LYS A 184 -15.96 -29.55 19.56
C LYS A 184 -14.48 -29.28 19.79
N LEU A 185 -14.00 -29.44 21.03
CA LEU A 185 -12.64 -29.03 21.35
C LEU A 185 -11.60 -29.75 20.51
N ALA A 186 -11.91 -30.95 20.01
CA ALA A 186 -10.95 -31.73 19.26
C ALA A 186 -10.98 -31.47 17.76
N VAL A 187 -12.02 -30.80 17.24
CA VAL A 187 -12.27 -30.78 15.81
C VAL A 187 -11.16 -30.05 15.05
N ASP A 188 -10.55 -29.04 15.67
CA ASP A 188 -9.53 -28.25 15.01
C ASP A 188 -8.41 -29.11 14.41
N PHE A 189 -8.06 -30.20 15.07
CA PHE A 189 -7.00 -31.09 14.59
C PHE A 189 -7.53 -32.32 13.88
N GLN A 190 -8.85 -32.48 13.79
CA GLN A 190 -9.41 -33.68 13.17
C GLN A 190 -9.34 -33.62 11.65
N GLY A 191 -9.12 -32.45 11.07
CA GLY A 191 -8.97 -32.31 9.64
C GLY A 191 -7.55 -31.90 9.33
N HIS A 192 -6.78 -32.80 8.73
CA HIS A 192 -5.34 -32.60 8.58
C HIS A 192 -5.00 -32.66 7.09
N ASP A 193 -4.50 -31.54 6.56
CA ASP A 193 -4.22 -31.43 5.13
C ASP A 193 -2.98 -32.26 4.77
N PHE A 194 -3.17 -33.23 3.88
CA PHE A 194 -2.10 -34.10 3.39
C PHE A 194 -1.78 -33.88 1.92
N SER A 195 -2.38 -32.88 1.28
CA SER A 195 -2.56 -32.87 -0.17
C SER A 195 -1.42 -32.26 -0.97
N MET A 196 -0.33 -31.81 -0.35
CA MET A 196 0.61 -30.94 -1.07
C MET A 196 1.22 -31.62 -2.30
N ARG A 197 1.68 -32.87 -2.17
CA ARG A 197 2.35 -33.52 -3.30
C ARG A 197 1.41 -33.72 -4.48
N GLY A 198 0.11 -33.65 -4.27
CA GLY A 198 -0.86 -33.88 -5.32
C GLY A 198 -1.55 -32.66 -5.87
N MET A 199 -1.21 -31.48 -5.38
CA MET A 199 -1.72 -30.28 -6.05
C MET A 199 -0.88 -29.99 -7.30
N SER A 200 -1.45 -29.18 -8.19
CA SER A 200 -0.89 -29.06 -9.53
C SER A 200 0.30 -28.13 -9.59
N SER A 201 0.53 -27.34 -8.54
CA SER A 201 1.67 -26.43 -8.44
C SER A 201 1.73 -25.92 -7.01
N LEU A 202 2.90 -25.39 -6.64
CA LEU A 202 3.09 -24.88 -5.29
C LEU A 202 2.15 -23.71 -5.00
N GLU A 203 1.90 -22.85 -6.00
CA GLU A 203 0.95 -21.77 -5.78
C GLU A 203 -0.44 -22.31 -5.50
N SER A 204 -0.87 -23.31 -6.27
CA SER A 204 -2.15 -23.95 -5.98
C SER A 204 -2.13 -24.63 -4.62
N THR A 205 -0.98 -25.17 -4.21
CA THR A 205 -0.84 -25.73 -2.87
C THR A 205 -1.11 -24.67 -1.81
N LYS A 206 -0.51 -23.48 -1.96
CA LYS A 206 -0.72 -22.42 -0.99
C LYS A 206 -2.19 -22.01 -0.95
N LEU A 207 -2.80 -21.83 -2.12
CA LEU A 207 -4.19 -21.37 -2.18
C LEU A 207 -5.13 -22.38 -1.53
N SER A 208 -5.00 -23.67 -1.92
CA SER A 208 -5.86 -24.69 -1.36
C SER A 208 -5.64 -24.87 0.13
N GLY A 209 -4.38 -25.01 0.56
CA GLY A 209 -4.11 -25.23 1.97
C GLY A 209 -4.53 -24.06 2.85
N ALA A 210 -4.37 -22.84 2.33
CA ALA A 210 -4.92 -21.67 3.03
C ALA A 210 -6.42 -21.82 3.21
N GLY A 211 -7.11 -22.33 2.20
CA GLY A 211 -8.53 -22.61 2.36
C GLY A 211 -8.80 -23.66 3.42
N HIS A 212 -7.95 -24.69 3.49
CA HIS A 212 -8.13 -25.71 4.51
C HIS A 212 -7.97 -25.14 5.91
N LEU A 213 -7.05 -24.20 6.08
CA LEU A 213 -6.77 -23.65 7.41
C LEU A 213 -7.84 -22.70 7.93
N LEU A 214 -8.89 -22.39 7.16
CA LEU A 214 -9.99 -21.62 7.74
C LEU A 214 -10.81 -22.46 8.71
N SER A 215 -10.96 -23.76 8.44
CA SER A 215 -11.77 -24.64 9.27
C SER A 215 -10.95 -25.43 10.27
N PHE A 216 -9.73 -25.81 9.93
CA PHE A 216 -8.89 -26.64 10.78
C PHE A 216 -7.55 -25.96 11.01
N THR A 217 -6.84 -26.43 12.04
CA THR A 217 -5.46 -26.03 12.28
C THR A 217 -4.46 -27.13 11.95
N GLY A 218 -4.92 -28.35 11.70
CA GLY A 218 -4.02 -29.45 11.39
C GLY A 218 -3.65 -29.43 9.91
N THR A 219 -2.35 -29.46 9.64
CA THR A 219 -1.89 -29.51 8.25
C THR A 219 -0.45 -29.99 8.21
N ASP A 220 -0.10 -30.66 7.11
CA ASP A 220 1.30 -30.89 6.77
C ASP A 220 1.79 -29.92 5.71
N THR A 221 0.94 -29.03 5.22
CA THR A 221 1.27 -28.08 4.15
C THR A 221 1.85 -26.80 4.77
N ILE A 222 3.17 -26.84 5.02
CA ILE A 222 3.85 -25.68 5.59
C ILE A 222 3.64 -24.40 4.76
N PRO A 223 3.74 -24.43 3.42
CA PRO A 223 3.53 -23.20 2.65
C PRO A 223 2.16 -22.56 2.86
N ALA A 224 1.13 -23.33 3.22
CA ALA A 224 -0.18 -22.75 3.48
C ALA A 224 -0.20 -21.91 4.76
N ILE A 225 0.45 -22.40 5.81
CA ILE A 225 0.63 -21.61 7.02
C ILE A 225 1.35 -20.31 6.68
N LEU A 226 2.44 -20.44 5.92
CA LEU A 226 3.19 -19.22 5.60
C LEU A 226 2.43 -18.31 4.66
N TYR A 227 1.55 -18.85 3.81
CA TYR A 227 0.68 -18.03 2.98
C TYR A 227 -0.19 -17.13 3.82
N HIS A 228 -0.80 -17.69 4.87
CA HIS A 228 -1.58 -16.85 5.77
C HIS A 228 -0.72 -15.78 6.44
N GLU A 229 0.54 -16.12 6.75
CA GLU A 229 1.44 -15.06 7.23
C GLU A 229 1.63 -13.98 6.18
N GLU A 230 1.77 -14.36 4.91
CA GLU A 230 2.09 -13.39 3.87
C GLU A 230 0.93 -12.46 3.59
N PHE A 231 -0.29 -13.01 3.45
CA PHE A 231 -1.38 -12.21 2.94
C PHE A 231 -2.51 -11.94 3.93
N TYR A 232 -2.60 -12.68 5.04
CA TYR A 232 -3.75 -12.54 5.92
C TYR A 232 -3.34 -12.18 7.34
N ASN A 233 -2.20 -11.51 7.48
CA ASN A 233 -1.76 -10.87 8.72
C ASN A 233 -1.57 -11.86 9.86
N ALA A 234 -1.39 -13.14 9.56
CA ALA A 234 -1.18 -14.09 10.64
C ALA A 234 0.28 -14.09 11.07
N ASN A 235 0.51 -14.63 12.26
CA ASN A 235 1.87 -14.74 12.78
C ASN A 235 1.92 -15.97 13.70
N ILE A 236 2.71 -16.97 13.32
CA ILE A 236 2.75 -18.21 14.06
C ILE A 236 3.31 -18.05 15.47
N GLU A 237 3.99 -16.94 15.76
CA GLU A 237 4.50 -16.71 17.11
C GLU A 237 3.41 -16.29 18.08
N ASN A 238 2.35 -15.65 17.60
CA ASN A 238 1.31 -15.12 18.48
C ASN A 238 -0.01 -15.86 18.39
N GLU A 239 -0.22 -16.67 17.35
CA GLU A 239 -1.45 -17.42 17.20
C GLU A 239 -1.13 -18.79 16.66
N LEU A 240 -2.07 -19.72 16.85
CA LEU A 240 -1.97 -21.04 16.25
C LEU A 240 -2.51 -20.97 14.83
N VAL A 241 -1.61 -20.82 13.86
CA VAL A 241 -2.02 -20.83 12.46
C VAL A 241 -2.22 -22.25 11.97
N GLY A 242 -1.15 -23.02 11.96
CA GLY A 242 -1.21 -24.42 11.60
C GLY A 242 -0.26 -25.22 12.48
N SER A 243 -0.59 -26.49 12.66
CA SER A 243 0.19 -27.36 13.54
C SER A 243 0.26 -28.76 12.95
N SER A 244 1.33 -29.47 13.29
CA SER A 244 1.54 -30.85 12.85
C SER A 244 2.40 -31.57 13.89
N ILE A 245 2.78 -32.81 13.56
CA ILE A 245 3.46 -33.71 14.48
C ILE A 245 4.48 -34.54 13.72
N PRO A 246 5.49 -35.06 14.41
CA PRO A 246 6.39 -36.04 13.76
C PRO A 246 5.59 -37.26 13.32
N ALA A 247 5.93 -37.75 12.12
CA ALA A 247 5.25 -38.91 11.57
C ALA A 247 6.24 -39.66 10.68
N THR A 248 6.18 -40.98 10.73
CA THR A 248 7.01 -41.80 9.88
C THR A 248 6.35 -42.00 8.51
N GLU A 249 7.11 -42.60 7.60
CA GLU A 249 6.62 -42.90 6.26
C GLU A 249 7.12 -44.29 5.87
N HIS A 250 6.49 -44.87 4.85
CA HIS A 250 6.77 -46.25 4.48
C HIS A 250 8.26 -46.46 4.20
N SER A 251 8.90 -45.55 3.48
CA SER A 251 10.30 -45.72 3.11
C SER A 251 11.19 -45.75 4.36
N VAL A 252 10.90 -44.89 5.34
CA VAL A 252 11.66 -44.88 6.59
C VAL A 252 11.48 -46.20 7.33
N MET A 253 10.22 -46.64 7.45
CA MET A 253 9.91 -47.89 8.15
C MET A 253 10.60 -49.08 7.48
N CYS A 254 10.60 -49.10 6.13
CA CYS A 254 11.25 -50.18 5.40
C CYS A 254 12.76 -50.16 5.60
N ALA A 255 13.36 -48.97 5.59
CA ALA A 255 14.80 -48.88 5.86
C ALA A 255 15.13 -49.46 7.22
N ASN A 256 14.27 -49.22 8.21
CA ASN A 256 14.57 -49.71 9.56
C ASN A 256 14.37 -51.22 9.73
N GLY A 257 13.74 -51.91 8.77
CA GLY A 257 13.68 -53.36 8.81
C GLY A 257 12.48 -53.91 9.55
N GLN A 258 12.43 -55.25 9.60
CA GLN A 258 11.26 -56.00 10.04
C GLN A 258 11.21 -56.25 11.55
N ASP A 259 12.25 -55.87 12.30
CA ASP A 259 12.19 -55.98 13.76
C ASP A 259 11.34 -54.83 14.28
N GLU A 260 10.03 -54.96 14.05
CA GLU A 260 9.13 -53.82 14.24
C GLU A 260 8.99 -53.44 15.71
N TYR A 261 9.08 -54.40 16.63
CA TYR A 261 9.04 -54.06 18.04
C TYR A 261 10.19 -53.11 18.40
N VAL A 262 11.41 -53.45 17.98
CA VAL A 262 12.57 -52.62 18.28
C VAL A 262 12.41 -51.24 17.64
N VAL A 263 11.97 -51.19 16.38
CA VAL A 263 11.87 -49.91 15.67
C VAL A 263 10.82 -49.00 16.31
N PHE A 264 9.62 -49.55 16.59
CA PHE A 264 8.59 -48.76 17.24
C PHE A 264 9.04 -48.28 18.61
N LYS A 265 9.69 -49.17 19.36
CA LYS A 265 10.13 -48.82 20.71
C LYS A 265 11.16 -47.70 20.66
N LYS A 266 12.11 -47.77 19.72
CA LYS A 266 13.09 -46.70 19.60
C LYS A 266 12.40 -45.39 19.23
N LEU A 267 11.41 -45.46 18.33
CA LEU A 267 10.72 -44.23 17.92
C LEU A 267 10.02 -43.57 19.09
N ILE A 268 9.38 -44.35 19.97
CA ILE A 268 8.54 -43.78 21.02
C ILE A 268 9.24 -43.60 22.37
N THR A 269 10.38 -44.27 22.60
CA THR A 269 11.12 -44.11 23.85
C THR A 269 12.39 -43.27 23.70
N GLU A 270 12.97 -43.19 22.49
CA GLU A 270 14.23 -42.49 22.29
C GLU A 270 14.10 -41.31 21.34
N THR A 271 13.55 -41.52 20.15
CA THR A 271 13.46 -40.44 19.16
C THR A 271 12.38 -39.43 19.53
N TYR A 272 11.22 -39.90 19.98
CA TYR A 272 10.11 -39.04 20.39
C TYR A 272 9.59 -39.53 21.73
N PRO A 273 10.34 -39.31 22.82
CA PRO A 273 9.91 -39.81 24.13
C PRO A 273 8.63 -39.16 24.64
N GLU A 274 8.27 -37.96 24.17
CA GLU A 274 7.04 -37.32 24.57
C GLU A 274 6.38 -36.68 23.35
N GLY A 275 5.24 -36.03 23.58
CA GLY A 275 4.52 -35.39 22.51
C GLY A 275 3.81 -36.40 21.61
N PHE A 276 3.33 -35.87 20.49
CA PHE A 276 2.67 -36.71 19.49
C PHE A 276 3.71 -37.33 18.57
N VAL A 277 3.45 -38.56 18.14
CA VAL A 277 4.22 -39.15 17.05
C VAL A 277 3.32 -40.13 16.31
N SER A 278 3.28 -40.00 14.98
CA SER A 278 2.46 -40.85 14.15
C SER A 278 3.35 -41.90 13.50
N ILE A 279 2.91 -43.16 13.53
CA ILE A 279 3.71 -44.26 13.00
C ILE A 279 2.85 -45.00 11.98
N VAL A 280 3.27 -44.96 10.72
CA VAL A 280 2.58 -45.74 9.70
C VAL A 280 2.93 -47.21 9.89
N SER A 281 1.91 -48.05 9.95
CA SER A 281 2.07 -49.39 10.52
C SER A 281 1.71 -50.52 9.57
N ASP A 282 1.60 -50.25 8.27
CA ASP A 282 1.19 -51.28 7.31
C ASP A 282 2.29 -51.58 6.29
N THR A 283 3.55 -51.28 6.62
CA THR A 283 4.63 -51.56 5.68
C THR A 283 4.73 -53.05 5.37
N TRP A 284 4.61 -53.89 6.40
CA TRP A 284 4.64 -55.33 6.17
C TRP A 284 3.35 -56.03 6.53
N ASP A 285 2.84 -55.86 7.75
CA ASP A 285 1.54 -56.44 8.08
C ASP A 285 0.91 -55.56 9.14
N PHE A 286 -0.15 -54.84 8.76
CA PHE A 286 -0.80 -53.91 9.68
C PHE A 286 -1.32 -54.60 10.93
N TRP A 287 -2.11 -55.67 10.75
CA TRP A 287 -2.77 -56.26 11.90
C TRP A 287 -1.79 -56.97 12.82
N ASN A 288 -0.70 -57.52 12.27
CA ASN A 288 0.34 -58.08 13.12
C ASN A 288 0.98 -57.00 13.97
N VAL A 289 1.24 -55.82 13.39
CA VAL A 289 1.78 -54.71 14.19
C VAL A 289 0.81 -54.37 15.32
N ILE A 290 -0.46 -54.19 15.01
CA ILE A 290 -1.42 -53.84 16.06
C ILE A 290 -1.46 -54.92 17.14
N ASP A 291 -1.53 -56.19 16.73
CA ASP A 291 -1.77 -57.29 17.67
C ASP A 291 -0.50 -57.75 18.39
N THR A 292 0.68 -57.41 17.89
CA THR A 292 1.94 -57.92 18.39
C THR A 292 2.90 -56.83 18.87
N VAL A 293 3.02 -55.73 18.14
CA VAL A 293 3.99 -54.68 18.43
C VAL A 293 3.35 -53.64 19.35
N VAL A 294 2.23 -53.05 18.89
CA VAL A 294 1.54 -52.03 19.68
C VAL A 294 1.10 -52.61 21.01
N ARG A 295 0.53 -53.82 20.99
CA ARG A 295 0.10 -54.47 22.22
C ARG A 295 1.25 -54.67 23.19
N LYS A 296 2.36 -55.23 22.71
CA LYS A 296 3.52 -55.45 23.58
C LYS A 296 4.14 -54.14 24.06
N LEU A 297 3.88 -53.03 23.37
CA LEU A 297 4.41 -51.73 23.77
C LEU A 297 3.44 -50.96 24.66
N LYS A 298 2.38 -51.61 25.14
CA LYS A 298 1.33 -50.91 25.87
C LYS A 298 1.88 -50.10 27.05
N GLY A 299 2.72 -50.72 27.88
CA GLY A 299 3.27 -50.02 29.02
C GLY A 299 4.13 -48.83 28.64
N ASP A 300 4.99 -49.01 27.63
CA ASP A 300 5.80 -47.90 27.13
C ASP A 300 4.91 -46.79 26.58
N ILE A 301 3.86 -47.16 25.83
CA ILE A 301 2.95 -46.16 25.28
C ILE A 301 2.27 -45.39 26.40
N LEU A 302 1.83 -46.10 27.45
CA LEU A 302 1.14 -45.44 28.55
C LEU A 302 2.08 -44.60 29.40
N LYS A 303 3.37 -44.94 29.42
CA LYS A 303 4.33 -44.21 30.25
C LYS A 303 4.76 -42.88 29.63
N ARG A 304 4.56 -42.70 28.32
CA ARG A 304 4.97 -41.47 27.66
C ARG A 304 4.04 -40.32 28.03
N ASP A 305 4.61 -39.11 28.12
CA ASP A 305 3.81 -37.89 28.24
C ASP A 305 3.50 -37.40 26.82
N GLY A 306 2.49 -38.02 26.22
CA GLY A 306 2.12 -37.67 24.86
C GLY A 306 1.18 -38.69 24.26
N LYS A 307 1.23 -38.80 22.93
CA LYS A 307 0.33 -39.70 22.21
C LYS A 307 1.08 -40.38 21.07
N VAL A 308 0.84 -41.68 20.92
CA VAL A 308 1.29 -42.45 19.76
C VAL A 308 0.09 -42.64 18.86
N VAL A 309 0.21 -42.16 17.63
CA VAL A 309 -0.88 -42.15 16.65
C VAL A 309 -0.59 -43.22 15.61
N ILE A 310 -1.43 -44.26 15.57
CA ILE A 310 -1.28 -45.32 14.59
C ILE A 310 -1.85 -44.84 13.25
N ARG A 311 -1.12 -45.08 12.17
CA ARG A 311 -1.58 -44.69 10.84
C ARG A 311 -1.61 -45.88 9.90
N PRO A 312 -2.78 -46.36 9.50
CA PRO A 312 -2.87 -47.25 8.34
C PRO A 312 -2.98 -46.45 7.05
N ASP A 313 -2.43 -47.02 5.97
CA ASP A 313 -2.42 -46.34 4.69
C ASP A 313 -2.80 -47.28 3.55
N SER A 314 -3.67 -48.25 3.82
CA SER A 314 -4.12 -49.21 2.82
C SER A 314 -5.44 -49.81 3.28
N GLY A 315 -5.98 -50.72 2.47
CA GLY A 315 -7.27 -51.31 2.73
C GLY A 315 -8.41 -50.33 2.46
N ASP A 316 -9.61 -50.76 2.83
CA ASP A 316 -10.75 -49.85 2.78
C ASP A 316 -10.75 -48.98 4.03
N PRO A 317 -10.79 -47.65 3.88
CA PRO A 317 -10.71 -46.80 5.08
C PRO A 317 -11.78 -47.10 6.10
N VAL A 318 -13.04 -47.18 5.66
CA VAL A 318 -14.14 -47.45 6.58
C VAL A 318 -13.92 -48.77 7.31
N LYS A 319 -13.59 -49.83 6.57
CA LYS A 319 -13.45 -51.14 7.20
C LYS A 319 -12.23 -51.22 8.11
N ILE A 320 -11.13 -50.54 7.76
CA ILE A 320 -9.96 -50.55 8.64
C ILE A 320 -10.27 -49.82 9.94
N ILE A 321 -10.98 -48.70 9.88
CA ILE A 321 -11.23 -47.90 11.08
C ILE A 321 -12.34 -48.51 11.93
N CYS A 322 -13.49 -48.81 11.32
CA CYS A 322 -14.67 -49.29 12.05
C CYS A 322 -14.83 -50.79 12.06
N GLY A 323 -14.09 -51.52 11.24
CA GLY A 323 -14.23 -52.96 11.23
C GLY A 323 -14.93 -53.46 9.97
N ASP A 324 -14.57 -54.67 9.56
CA ASP A 324 -15.20 -55.35 8.45
C ASP A 324 -16.15 -56.40 9.01
N PRO A 325 -17.47 -56.20 8.95
CA PRO A 325 -18.38 -57.16 9.58
C PRO A 325 -18.36 -58.54 8.96
N GLU A 326 -17.85 -58.70 7.75
CA GLU A 326 -17.78 -60.01 7.11
C GLU A 326 -16.47 -60.73 7.38
N ALA A 327 -15.57 -60.14 8.18
CA ALA A 327 -14.28 -60.76 8.45
C ALA A 327 -14.41 -61.84 9.50
N LYS A 328 -13.57 -62.88 9.37
CA LYS A 328 -13.50 -63.96 10.33
C LYS A 328 -12.55 -63.63 11.48
N ASP A 329 -11.45 -62.95 11.18
CA ASP A 329 -10.48 -62.57 12.20
C ASP A 329 -11.08 -61.49 13.11
N GLU A 330 -10.98 -61.71 14.42
CA GLU A 330 -11.46 -60.75 15.41
C GLU A 330 -10.93 -59.34 15.12
N LEU A 331 -9.62 -59.24 14.89
CA LEU A 331 -8.96 -57.97 14.68
C LEU A 331 -9.59 -57.22 13.50
N VAL A 332 -9.73 -57.89 12.36
CA VAL A 332 -10.24 -57.26 11.15
C VAL A 332 -11.71 -56.90 11.32
N ARG A 333 -12.50 -57.81 11.90
CA ARG A 333 -13.93 -57.56 12.08
C ARG A 333 -14.17 -56.37 13.01
N LYS A 334 -13.30 -56.18 13.99
CA LYS A 334 -13.50 -55.11 14.97
C LYS A 334 -12.93 -53.77 14.52
N GLY A 335 -11.87 -53.79 13.71
CA GLY A 335 -11.27 -52.56 13.23
C GLY A 335 -10.37 -51.89 14.25
N LEU A 336 -9.65 -50.88 13.76
CA LEU A 336 -8.55 -50.29 14.51
C LEU A 336 -9.03 -49.66 15.80
N ILE A 337 -10.10 -48.88 15.76
CA ILE A 337 -10.52 -48.11 16.94
C ILE A 337 -10.93 -49.07 18.07
N GLU A 338 -11.77 -50.06 17.75
CA GLU A 338 -12.20 -50.99 18.79
C GLU A 338 -11.03 -51.83 19.31
N VAL A 339 -10.08 -52.19 18.44
CA VAL A 339 -8.95 -52.98 18.92
C VAL A 339 -8.04 -52.14 19.81
N LEU A 340 -7.78 -50.90 19.43
CA LEU A 340 -7.01 -50.01 20.29
C LEU A 340 -7.73 -49.81 21.63
N TRP A 341 -9.07 -49.76 21.60
CA TRP A 341 -9.82 -49.69 22.86
C TRP A 341 -9.62 -50.93 23.70
N ASP A 342 -9.65 -52.11 23.06
CA ASP A 342 -9.40 -53.34 23.78
C ASP A 342 -8.04 -53.35 24.45
N ILE A 343 -7.03 -52.76 23.80
CA ILE A 343 -5.69 -52.76 24.39
C ILE A 343 -5.58 -51.72 25.48
N PHE A 344 -6.01 -50.47 25.23
CA PHE A 344 -5.74 -49.37 26.13
C PHE A 344 -6.94 -48.86 26.91
N GLY A 345 -8.16 -49.17 26.48
CA GLY A 345 -9.30 -48.60 27.18
C GLY A 345 -9.35 -47.09 27.01
N GLY A 346 -10.06 -46.44 27.93
CA GLY A 346 -10.14 -44.99 27.88
C GLY A 346 -11.21 -44.42 28.77
N ASN A 347 -11.95 -43.44 28.27
CA ASN A 347 -12.97 -42.76 29.04
C ASN A 347 -14.32 -42.88 28.33
N VAL A 348 -15.39 -42.65 29.09
CA VAL A 348 -16.75 -42.75 28.60
C VAL A 348 -17.39 -41.37 28.73
N THR A 349 -17.99 -40.88 27.64
CA THR A 349 -18.57 -39.56 27.64
C THR A 349 -19.92 -39.54 28.35
N ASP A 350 -20.43 -38.32 28.54
CA ASP A 350 -21.73 -38.14 29.20
C ASP A 350 -22.84 -38.84 28.44
N LYS A 351 -22.73 -38.89 27.12
CA LYS A 351 -23.75 -39.50 26.27
C LYS A 351 -23.48 -40.97 25.98
N GLY A 352 -22.48 -41.56 26.62
CA GLY A 352 -22.24 -42.99 26.57
C GLY A 352 -21.26 -43.48 25.54
N TYR A 353 -20.49 -42.59 24.92
CA TYR A 353 -19.58 -42.98 23.86
C TYR A 353 -18.16 -43.14 24.40
N LYS A 354 -17.40 -44.04 23.76
CA LYS A 354 -16.05 -44.36 24.17
C LYS A 354 -15.04 -43.43 23.51
N VAL A 355 -14.11 -42.91 24.30
CA VAL A 355 -12.99 -42.11 23.82
C VAL A 355 -11.70 -42.80 24.23
N LEU A 356 -10.80 -42.99 23.26
CA LEU A 356 -9.57 -43.74 23.51
C LEU A 356 -8.71 -43.05 24.56
N ASP A 357 -7.93 -43.86 25.29
CA ASP A 357 -6.95 -43.34 26.22
C ASP A 357 -6.08 -42.31 25.51
N PRO A 358 -5.81 -41.16 26.12
CA PRO A 358 -5.12 -40.07 25.38
C PRO A 358 -3.71 -40.42 24.93
N HIS A 359 -3.14 -41.53 25.40
CA HIS A 359 -1.81 -41.95 24.97
C HIS A 359 -1.81 -42.62 23.61
N ILE A 360 -2.98 -43.00 23.08
CA ILE A 360 -3.07 -43.73 21.83
C ILE A 360 -4.07 -43.02 20.92
N GLY A 361 -3.81 -43.08 19.62
CA GLY A 361 -4.66 -42.42 18.65
C GLY A 361 -4.57 -43.09 17.31
N ALA A 362 -5.37 -42.56 16.37
CA ALA A 362 -5.47 -43.10 15.03
C ALA A 362 -5.60 -41.97 14.03
N ILE A 363 -4.94 -42.12 12.87
CA ILE A 363 -5.05 -41.18 11.76
C ILE A 363 -5.12 -41.97 10.46
N TYR A 364 -5.97 -41.52 9.54
CA TYR A 364 -6.12 -42.19 8.25
C TYR A 364 -6.14 -41.15 7.13
N GLY A 365 -5.20 -41.27 6.21
CA GLY A 365 -5.06 -40.27 5.16
C GLY A 365 -4.85 -40.83 3.76
N ASP A 366 -5.55 -41.90 3.40
CA ASP A 366 -5.47 -42.45 2.05
C ASP A 366 -6.87 -42.46 1.46
N ALA A 367 -7.07 -41.64 0.41
CA ALA A 367 -8.32 -41.61 -0.36
C ALA A 367 -9.49 -41.21 0.52
N ILE A 368 -9.27 -40.23 1.39
CA ILE A 368 -10.34 -39.76 2.26
C ILE A 368 -11.24 -38.82 1.47
N THR A 369 -12.55 -39.04 1.57
CA THR A 369 -13.57 -38.20 0.95
C THR A 369 -14.52 -37.73 2.03
N ILE A 370 -15.33 -36.72 1.67
CA ILE A 370 -16.37 -36.23 2.57
C ILE A 370 -17.30 -37.37 2.97
N SER A 371 -17.74 -38.14 1.98
CA SER A 371 -18.64 -39.27 2.24
C SER A 371 -17.97 -40.31 3.14
N ARG A 372 -16.69 -40.59 2.92
CA ARG A 372 -16.00 -41.56 3.77
C ARG A 372 -15.86 -41.04 5.19
N CYS A 373 -15.53 -39.75 5.35
CA CYS A 373 -15.48 -39.17 6.69
C CYS A 373 -16.81 -39.33 7.40
N LYS A 374 -17.91 -38.99 6.72
CA LYS A 374 -19.23 -39.12 7.32
C LYS A 374 -19.54 -40.57 7.67
N GLU A 375 -19.21 -41.51 6.77
CA GLU A 375 -19.52 -42.91 7.02
C GLU A 375 -18.71 -43.46 8.19
N ILE A 376 -17.45 -43.06 8.31
CA ILE A 376 -16.64 -43.49 9.44
C ILE A 376 -17.20 -42.94 10.75
N CYS A 377 -17.58 -41.65 10.76
CA CYS A 377 -18.21 -41.10 11.95
C CYS A 377 -19.48 -41.86 12.31
N LYS A 378 -20.33 -42.12 11.31
CA LYS A 378 -21.60 -42.79 11.54
C LYS A 378 -21.40 -44.20 12.07
N LYS A 379 -20.49 -44.96 11.46
CA LYS A 379 -20.30 -46.35 11.87
C LYS A 379 -19.53 -46.47 13.19
N LEU A 380 -18.69 -45.49 13.52
CA LEU A 380 -18.11 -45.44 14.86
C LEU A 380 -19.19 -45.18 15.91
N ALA A 381 -20.09 -44.23 15.64
CA ALA A 381 -21.17 -43.95 16.58
C ALA A 381 -22.12 -45.14 16.72
N ALA A 382 -22.31 -45.90 15.63
CA ALA A 382 -23.21 -47.05 15.68
C ALA A 382 -22.71 -48.14 16.61
N LYS A 383 -21.42 -48.19 16.91
CA LYS A 383 -20.87 -49.11 17.90
C LYS A 383 -20.42 -48.38 19.17
N GLY A 384 -20.91 -47.16 19.38
CA GLY A 384 -20.64 -46.45 20.61
C GLY A 384 -19.24 -45.89 20.75
N PHE A 385 -18.59 -45.54 19.65
CA PHE A 385 -17.29 -44.90 19.69
C PHE A 385 -17.44 -43.44 19.27
N ALA A 386 -16.83 -42.55 20.03
CA ALA A 386 -16.89 -41.13 19.70
C ALA A 386 -16.15 -40.87 18.39
N SER A 387 -16.57 -39.81 17.69
CA SER A 387 -15.96 -39.49 16.41
C SER A 387 -14.57 -38.90 16.56
N VAL A 388 -14.23 -38.41 17.75
CA VAL A 388 -12.96 -37.72 17.97
C VAL A 388 -11.81 -38.72 18.02
N ASN A 389 -12.13 -40.01 17.93
CA ASN A 389 -11.11 -41.03 18.07
C ASN A 389 -10.17 -41.12 16.87
N VAL A 390 -10.53 -40.54 15.73
CA VAL A 390 -9.71 -40.66 14.52
C VAL A 390 -9.49 -39.28 13.91
N VAL A 391 -8.27 -39.03 13.44
CA VAL A 391 -7.91 -37.82 12.70
C VAL A 391 -7.99 -38.12 11.22
N PHE A 392 -8.55 -37.19 10.44
CA PHE A 392 -8.74 -37.38 9.02
C PHE A 392 -7.67 -36.63 8.23
N GLY A 393 -6.85 -37.38 7.49
CA GLY A 393 -5.87 -36.81 6.59
C GLY A 393 -6.48 -36.56 5.22
N ILE A 394 -6.82 -35.30 4.94
CA ILE A 394 -7.51 -34.94 3.71
C ILE A 394 -6.47 -34.64 2.64
N GLY A 395 -6.52 -35.40 1.54
CA GLY A 395 -5.48 -35.39 0.55
C GLY A 395 -5.88 -34.70 -0.74
N SER A 396 -5.09 -34.94 -1.79
CA SER A 396 -5.31 -34.25 -3.06
C SER A 396 -6.55 -34.74 -3.79
N PHE A 397 -7.03 -35.95 -3.50
CA PHE A 397 -8.30 -36.39 -4.07
C PHE A 397 -9.40 -35.37 -3.77
N THR A 398 -9.43 -34.83 -2.54
CA THR A 398 -10.42 -33.84 -2.19
C THR A 398 -10.08 -32.48 -2.80
N TYR A 399 -8.86 -32.01 -2.60
CA TYR A 399 -8.59 -30.60 -2.86
C TYR A 399 -8.18 -30.31 -4.29
N GLN A 400 -7.59 -31.28 -4.98
CA GLN A 400 -7.14 -31.09 -6.36
C GLN A 400 -8.21 -31.42 -7.38
N TYR A 401 -8.97 -32.50 -7.19
CA TYR A 401 -9.90 -33.00 -8.20
C TYR A 401 -11.19 -32.19 -8.19
N ASN A 402 -11.07 -30.93 -8.62
CA ASN A 402 -12.21 -30.06 -8.85
C ASN A 402 -11.97 -29.24 -10.11
N THR A 403 -12.98 -28.48 -10.51
CA THR A 403 -12.79 -27.44 -11.52
C THR A 403 -13.43 -26.16 -11.02
N ARG A 404 -13.24 -25.10 -11.81
CA ARG A 404 -13.95 -23.86 -11.59
C ARG A 404 -15.46 -24.09 -11.59
N ASP A 405 -15.94 -25.01 -12.42
CA ASP A 405 -17.37 -25.28 -12.52
C ASP A 405 -17.87 -26.25 -11.46
N THR A 406 -17.00 -26.72 -10.56
CA THR A 406 -17.47 -27.49 -9.41
C THR A 406 -18.48 -26.69 -8.61
N PHE A 407 -18.21 -25.40 -8.40
CA PHE A 407 -19.20 -24.48 -7.85
C PHE A 407 -19.58 -23.41 -8.88
N GLY A 408 -19.45 -23.74 -10.15
CA GLY A 408 -20.04 -22.92 -11.22
C GLY A 408 -19.54 -21.50 -11.26
N PHE A 409 -18.31 -21.27 -10.84
CA PHE A 409 -17.78 -19.92 -10.80
C PHE A 409 -17.63 -19.37 -12.21
N ALA A 410 -18.18 -18.19 -12.41
CA ALA A 410 -17.85 -17.44 -13.62
C ALA A 410 -17.85 -15.96 -13.28
N MET A 411 -17.10 -15.21 -14.07
CA MET A 411 -17.14 -13.77 -13.98
C MET A 411 -17.75 -13.21 -15.26
N LYS A 412 -18.80 -12.43 -15.07
CA LYS A 412 -19.62 -11.97 -16.18
C LYS A 412 -19.78 -10.46 -16.07
N ALA A 413 -19.57 -9.77 -17.19
CA ALA A 413 -19.89 -8.36 -17.24
C ALA A 413 -21.40 -8.19 -17.23
N THR A 414 -21.91 -7.47 -16.25
CA THR A 414 -23.34 -7.30 -16.12
C THR A 414 -23.80 -5.89 -16.41
N TYR A 415 -22.90 -4.91 -16.43
CA TYR A 415 -23.33 -3.52 -16.53
C TYR A 415 -22.31 -2.71 -17.31
N THR A 416 -22.79 -1.79 -18.15
CA THR A 416 -21.87 -0.92 -18.86
C THR A 416 -22.47 0.47 -18.99
N VAL A 417 -21.59 1.44 -19.16
CA VAL A 417 -21.99 2.82 -19.43
C VAL A 417 -21.36 3.22 -20.75
N VAL A 418 -22.21 3.62 -21.71
CA VAL A 418 -21.81 3.95 -23.07
C VAL A 418 -22.31 5.36 -23.37
N ASN A 419 -21.38 6.30 -23.55
CA ASN A 419 -21.70 7.70 -23.81
C ASN A 419 -22.70 8.25 -22.80
N GLY A 420 -22.48 7.94 -21.52
CA GLY A 420 -23.35 8.41 -20.47
C GLY A 420 -24.61 7.60 -20.24
N GLU A 421 -24.91 6.63 -21.11
CA GLU A 421 -26.14 5.86 -21.01
C GLU A 421 -25.86 4.53 -20.32
N GLU A 422 -26.63 4.25 -19.26
CA GLU A 422 -26.51 2.98 -18.56
C GLU A 422 -27.16 1.88 -19.38
N ARG A 423 -26.47 0.74 -19.50
CA ARG A 423 -26.93 -0.39 -20.27
C ARG A 423 -26.66 -1.68 -19.52
N GLN A 424 -27.53 -2.66 -19.73
CA GLN A 424 -27.40 -3.99 -19.17
C GLN A 424 -26.74 -4.91 -20.18
N ILE A 425 -25.97 -5.87 -19.68
CA ILE A 425 -25.27 -6.86 -20.49
C ILE A 425 -25.68 -8.24 -20.01
N PHE A 426 -26.03 -9.11 -20.95
CA PHE A 426 -26.47 -10.48 -20.65
C PHE A 426 -26.68 -11.23 -21.96
N LYS A 427 -26.31 -12.50 -21.98
CA LYS A 427 -26.62 -13.34 -23.12
C LYS A 427 -27.94 -14.07 -22.88
N ASN A 428 -28.45 -14.70 -23.93
CA ASN A 428 -29.69 -15.46 -23.85
C ASN A 428 -29.47 -16.90 -24.32
N SER A 438 -30.12 -14.99 -15.19
CA SER A 438 -28.84 -14.29 -15.35
C SER A 438 -28.88 -12.87 -14.79
N GLN A 439 -27.76 -12.43 -14.22
CA GLN A 439 -27.68 -11.11 -13.61
C GLN A 439 -27.60 -10.03 -14.68
N LYS A 440 -28.36 -8.96 -14.47
CA LYS A 440 -28.38 -7.81 -15.36
C LYS A 440 -28.18 -6.55 -14.54
N GLY A 441 -27.36 -5.64 -15.06
CA GLY A 441 -27.13 -4.38 -14.39
C GLY A 441 -26.25 -4.51 -13.16
N LEU A 442 -26.20 -3.43 -12.40
CA LEU A 442 -25.53 -3.46 -11.10
C LEU A 442 -26.28 -4.38 -10.14
N VAL A 443 -25.53 -5.01 -9.25
CA VAL A 443 -26.10 -5.98 -8.33
C VAL A 443 -25.78 -5.58 -6.90
N ALA A 444 -26.54 -6.14 -5.97
CA ALA A 444 -26.31 -6.00 -4.54
C ALA A 444 -26.75 -7.29 -3.86
N VAL A 445 -26.18 -7.57 -2.69
CA VAL A 445 -26.55 -8.73 -1.90
C VAL A 445 -27.09 -8.24 -0.57
N VAL A 446 -28.33 -8.59 -0.27
CA VAL A 446 -28.97 -8.10 0.94
C VAL A 446 -29.30 -9.28 1.85
N ASN A 447 -29.23 -9.02 3.15
CA ASN A 447 -29.68 -9.98 4.15
C ASN A 447 -31.19 -9.90 4.27
N ASN A 448 -31.86 -11.04 4.11
CA ASN A 448 -33.31 -11.10 4.06
C ASN A 448 -33.87 -11.95 5.19
N GLY A 449 -33.43 -11.68 6.41
CA GLY A 449 -33.78 -12.52 7.54
C GLY A 449 -32.87 -13.71 7.65
N ASN A 450 -31.56 -13.43 7.67
CA ASN A 450 -30.52 -14.45 7.55
C ASN A 450 -30.73 -15.32 6.31
N GLU A 451 -30.99 -14.65 5.19
CA GLU A 451 -31.10 -15.29 3.88
C GLU A 451 -30.48 -14.31 2.88
N LEU A 452 -29.24 -14.55 2.48
CA LEU A 452 -28.58 -13.67 1.53
C LEU A 452 -29.23 -13.83 0.16
N SER A 453 -29.72 -12.72 -0.39
CA SER A 453 -30.38 -12.73 -1.69
C SER A 453 -29.74 -11.73 -2.63
N LEU A 454 -29.83 -12.03 -3.92
CA LEU A 454 -29.37 -11.14 -4.98
C LEU A 454 -30.46 -10.14 -5.34
N VAL A 455 -30.05 -8.88 -5.52
CA VAL A 455 -30.89 -7.86 -6.11
C VAL A 455 -30.14 -7.33 -7.32
N ASP A 456 -30.74 -7.48 -8.50
CA ASP A 456 -30.09 -6.98 -9.72
C ASP A 456 -31.03 -6.05 -10.47
N GLU A 457 -30.68 -5.74 -11.72
CA GLU A 457 -31.45 -4.80 -12.55
C GLU A 457 -31.44 -3.40 -11.96
N LEU A 458 -30.32 -3.03 -11.34
CA LEU A 458 -30.20 -1.77 -10.62
C LEU A 458 -29.41 -0.78 -11.45
N ASP A 459 -29.98 0.40 -11.65
CA ASP A 459 -29.17 1.50 -12.17
C ASP A 459 -28.34 2.08 -11.02
N ARG A 460 -27.48 3.04 -11.33
CA ARG A 460 -26.59 3.58 -10.31
C ARG A 460 -27.37 4.21 -9.16
N ASN A 461 -28.46 4.93 -9.47
CA ASN A 461 -29.26 5.53 -8.40
C ASN A 461 -29.83 4.47 -7.47
N ALA A 462 -30.43 3.42 -8.05
CA ALA A 462 -31.00 2.35 -7.23
C ALA A 462 -29.92 1.64 -6.43
N TYR A 463 -28.77 1.37 -7.06
CA TYR A 463 -27.65 0.76 -6.36
C TYR A 463 -27.20 1.61 -5.17
N LYS A 464 -27.19 2.94 -5.35
CA LYS A 464 -26.80 3.83 -4.27
C LYS A 464 -27.81 3.80 -3.13
N GLN A 465 -29.11 3.81 -3.46
CA GLN A 465 -30.12 3.72 -2.42
C GLN A 465 -30.00 2.42 -1.63
N LEU A 466 -29.47 1.38 -2.25
CA LEU A 466 -29.28 0.09 -1.61
C LEU A 466 -27.93 -0.06 -0.92
N SER A 467 -27.10 0.98 -0.95
CA SER A 467 -25.73 0.87 -0.45
C SER A 467 -25.69 0.39 1.00
N ASN A 468 -26.70 0.77 1.79
CA ASN A 468 -26.71 0.40 3.21
C ASN A 468 -26.91 -1.10 3.38
N ASP A 469 -27.87 -1.68 2.68
CA ASP A 469 -28.19 -3.09 2.84
C ASP A 469 -27.26 -4.00 2.05
N ASP A 470 -26.50 -3.45 1.11
CA ASP A 470 -25.53 -4.23 0.37
C ASP A 470 -24.41 -4.69 1.32
N ILE A 471 -24.17 -6.00 1.36
CA ILE A 471 -23.12 -6.55 2.21
C ILE A 471 -21.76 -6.55 1.53
N LEU A 472 -21.71 -6.34 0.22
CA LEU A 472 -20.44 -6.15 -0.46
C LEU A 472 -19.82 -4.83 0.02
N GLU A 473 -18.56 -4.88 0.43
CA GLU A 473 -17.86 -3.71 0.93
C GLU A 473 -16.72 -3.36 0.00
N ASP A 474 -16.33 -2.08 0.01
CA ASP A 474 -15.17 -1.64 -0.74
C ASP A 474 -13.95 -2.40 -0.26
N VAL A 475 -13.20 -2.97 -1.20
CA VAL A 475 -12.00 -3.72 -0.89
C VAL A 475 -10.75 -3.08 -1.47
N PHE A 476 -10.85 -2.55 -2.69
CA PHE A 476 -9.67 -2.02 -3.35
C PHE A 476 -10.10 -0.97 -4.35
N ILE A 477 -9.66 0.27 -4.17
CA ILE A 477 -10.03 1.37 -5.07
C ILE A 477 -8.78 2.14 -5.46
N ASN A 478 -8.55 2.27 -6.76
CA ASN A 478 -7.55 3.20 -7.31
C ASN A 478 -6.17 2.99 -6.70
N GLY A 479 -5.86 1.77 -6.29
CA GLY A 479 -4.54 1.43 -5.83
C GLY A 479 -4.40 1.17 -4.34
N GLN A 480 -5.37 1.56 -3.51
CA GLN A 480 -5.24 1.34 -2.08
C GLN A 480 -6.14 0.21 -1.62
N LEU A 481 -5.58 -0.69 -0.82
CA LEU A 481 -6.37 -1.69 -0.13
C LEU A 481 -7.18 -1.03 0.98
N LEU A 482 -8.50 -1.17 0.93
CA LEU A 482 -9.37 -0.52 1.90
C LEU A 482 -9.85 -1.45 3.00
N ARG A 483 -9.82 -2.76 2.80
CA ARG A 483 -10.18 -3.72 3.83
C ARG A 483 -9.11 -4.80 3.89
N ASN A 484 -8.59 -5.04 5.09
CA ASN A 484 -7.48 -5.97 5.32
C ASN A 484 -7.91 -6.92 6.43
N GLN A 485 -8.51 -8.04 6.06
CA GLN A 485 -8.97 -9.02 7.02
C GLN A 485 -7.81 -9.85 7.54
N THR A 486 -7.90 -10.23 8.82
CA THR A 486 -6.98 -11.18 9.40
C THR A 486 -7.54 -12.60 9.31
N LEU A 487 -6.64 -13.58 9.46
CA LEU A 487 -7.05 -14.97 9.49
C LEU A 487 -7.95 -15.26 10.69
N SER A 488 -7.63 -14.65 11.84
CA SER A 488 -8.46 -14.82 13.03
C SER A 488 -9.88 -14.32 12.82
N GLU A 489 -10.03 -13.16 12.17
CA GLU A 489 -11.36 -12.64 11.90
C GLU A 489 -12.15 -13.58 11.00
N ILE A 490 -11.50 -14.09 9.95
CA ILE A 490 -12.17 -14.98 9.01
C ILE A 490 -12.59 -16.27 9.71
N ARG A 491 -11.72 -16.81 10.54
CA ARG A 491 -12.06 -18.04 11.26
C ARG A 491 -13.24 -17.80 12.21
N GLU A 492 -13.25 -16.67 12.90
CA GLU A 492 -14.37 -16.40 13.81
C GLU A 492 -15.67 -16.21 13.05
N LEU A 493 -15.62 -15.50 11.92
CA LEU A 493 -16.80 -15.33 11.09
C LEU A 493 -17.31 -16.68 10.55
N LEU A 494 -16.37 -17.56 10.18
CA LEU A 494 -16.76 -18.86 9.63
C LEU A 494 -17.38 -19.77 10.69
N LEU A 495 -16.77 -19.85 11.88
CA LEU A 495 -17.13 -20.87 12.84
C LEU A 495 -18.04 -20.37 13.96
N ASP A 496 -18.13 -19.06 14.17
CA ASP A 496 -19.07 -18.54 15.16
C ASP A 496 -20.34 -18.04 14.45
N THR B 7 7.36 -5.33 2.78
CA THR B 7 8.45 -6.30 2.91
C THR B 7 8.08 -7.62 2.23
N LYS B 8 8.91 -8.04 1.26
CA LYS B 8 8.65 -9.28 0.54
C LYS B 8 8.78 -10.48 1.46
N TYR B 9 7.83 -11.39 1.36
CA TYR B 9 7.79 -12.58 2.20
C TYR B 9 8.51 -13.72 1.48
N THR B 10 9.47 -14.34 2.16
CA THR B 10 10.21 -15.45 1.60
C THR B 10 9.71 -16.75 2.23
N TYR B 11 9.18 -17.64 1.40
CA TYR B 11 8.92 -19.01 1.85
C TYR B 11 10.25 -19.75 1.89
N PRO B 12 10.71 -20.21 3.06
CA PRO B 12 12.02 -20.84 3.14
C PRO B 12 12.14 -22.03 2.19
N ALA B 13 13.27 -22.10 1.50
CA ALA B 13 13.54 -23.19 0.58
C ALA B 13 13.62 -24.53 1.29
N THR B 14 13.80 -24.52 2.60
CA THR B 14 13.94 -25.70 3.43
C THR B 14 12.61 -26.15 4.01
N LEU B 15 11.50 -25.53 3.62
CA LEU B 15 10.19 -25.87 4.16
C LEU B 15 9.15 -25.93 3.05
N LEU B 16 9.57 -26.31 1.84
CA LEU B 16 8.64 -26.53 0.74
C LEU B 16 8.36 -28.03 0.63
N CYS B 17 7.65 -28.52 1.65
CA CYS B 17 7.47 -29.96 1.82
C CYS B 17 6.29 -30.20 2.74
N ASP B 18 5.91 -31.48 2.84
CA ASP B 18 5.07 -31.93 3.93
C ASP B 18 5.83 -31.83 5.25
N PHE B 19 5.09 -31.52 6.32
CA PHE B 19 5.73 -31.35 7.62
C PHE B 19 6.49 -32.60 8.04
N TYR B 20 5.96 -33.79 7.78
CA TYR B 20 6.61 -34.98 8.30
C TYR B 20 7.92 -35.28 7.59
N LYS B 21 8.13 -34.73 6.38
CA LYS B 21 9.44 -34.84 5.73
C LYS B 21 10.56 -34.27 6.61
N VAL B 22 10.26 -33.21 7.36
CA VAL B 22 11.25 -32.58 8.23
C VAL B 22 11.70 -33.53 9.33
N SER B 23 10.82 -34.45 9.74
CA SER B 23 11.08 -35.35 10.86
C SER B 23 11.74 -36.67 10.47
N HIS B 24 11.88 -36.97 9.16
CA HIS B 24 12.36 -38.29 8.78
C HIS B 24 13.86 -38.46 8.99
N LYS B 25 14.64 -37.36 8.93
CA LYS B 25 16.09 -37.45 9.07
C LYS B 25 16.49 -38.23 10.32
N GLU B 26 15.88 -37.90 11.47
CA GLU B 26 16.20 -38.59 12.72
C GLU B 26 15.66 -40.02 12.75
N GLN B 27 14.75 -40.38 11.86
CA GLN B 27 14.12 -41.69 11.93
C GLN B 27 14.84 -42.75 11.11
N TYR B 28 15.68 -42.37 10.15
CA TYR B 28 16.42 -43.34 9.36
C TYR B 28 17.37 -44.12 10.25
N PRO B 29 17.74 -45.34 9.84
CA PRO B 29 18.73 -46.10 10.62
C PRO B 29 20.07 -45.39 10.65
N GLU B 30 20.81 -45.59 11.73
CA GLU B 30 22.17 -45.06 11.80
C GLU B 30 23.02 -45.67 10.69
N GLY B 31 23.91 -44.86 10.14
CA GLY B 31 24.73 -45.29 9.03
C GLY B 31 24.10 -45.14 7.67
N THR B 32 22.89 -44.58 7.58
CA THR B 32 22.28 -44.35 6.28
C THR B 32 23.11 -43.36 5.49
N GLU B 33 23.58 -43.77 4.32
CA GLU B 33 24.42 -42.95 3.49
C GLU B 33 23.76 -42.56 2.18
N LEU B 34 22.75 -43.29 1.73
CA LEU B 34 22.20 -42.97 0.42
C LEU B 34 20.72 -43.34 0.34
N ILE B 35 19.93 -42.42 -0.22
CA ILE B 35 18.51 -42.65 -0.50
C ILE B 35 18.25 -42.35 -1.98
N TYR B 36 17.63 -43.31 -2.67
CA TYR B 36 17.40 -43.23 -4.11
C TYR B 36 15.94 -43.51 -4.42
N SER B 37 15.32 -42.57 -5.13
CA SER B 37 13.89 -42.55 -5.39
C SER B 37 13.61 -42.33 -6.87
N THR B 38 12.50 -42.88 -7.32
CA THR B 38 12.08 -42.83 -8.72
C THR B 38 10.69 -42.21 -8.86
N TRP B 39 10.44 -41.66 -10.04
CA TRP B 39 9.19 -40.99 -10.38
C TRP B 39 8.53 -41.79 -11.50
N THR B 40 7.37 -42.37 -11.22
CA THR B 40 6.77 -43.29 -12.17
C THR B 40 5.28 -43.02 -12.35
N PRO B 41 4.79 -43.04 -13.59
CA PRO B 41 3.33 -43.14 -13.81
C PRO B 41 2.89 -44.59 -13.68
N ARG B 42 2.27 -44.92 -12.55
CA ARG B 42 2.05 -46.33 -12.23
C ARG B 42 0.80 -46.89 -12.89
N THR B 43 -0.10 -46.04 -13.38
CA THR B 43 -1.35 -46.52 -13.95
C THR B 43 -1.90 -45.43 -14.87
N SER B 44 -2.93 -45.78 -15.64
CA SER B 44 -3.63 -44.79 -16.45
C SER B 44 -5.12 -44.89 -16.22
N ARG B 45 -5.76 -43.76 -15.94
CA ARG B 45 -7.20 -43.69 -15.78
C ARG B 45 -7.89 -43.10 -17.00
N VAL B 46 -7.16 -42.85 -18.08
CA VAL B 46 -7.73 -42.31 -19.32
C VAL B 46 -7.72 -43.43 -20.36
N GLU B 47 -8.88 -43.65 -20.98
CA GLU B 47 -9.02 -44.73 -21.95
C GLU B 47 -8.10 -44.49 -23.15
N ASP B 48 -7.53 -45.59 -23.66
CA ASP B 48 -6.65 -45.61 -24.84
C ASP B 48 -5.33 -44.91 -24.63
N ILE B 49 -4.95 -44.56 -23.41
CA ILE B 49 -3.68 -43.90 -23.13
C ILE B 49 -2.89 -44.79 -22.18
N ASP B 50 -1.85 -45.45 -22.70
CA ASP B 50 -0.98 -46.27 -21.88
C ASP B 50 0.46 -45.77 -21.90
N ARG B 51 0.70 -44.60 -22.51
CA ARG B 51 1.99 -43.94 -22.48
C ARG B 51 1.80 -42.47 -22.15
N VAL B 52 2.79 -41.90 -21.50
CA VAL B 52 2.72 -40.53 -21.02
C VAL B 52 3.82 -39.74 -21.72
N VAL B 53 3.60 -38.44 -21.90
CA VAL B 53 4.57 -37.58 -22.58
C VAL B 53 5.45 -36.92 -21.53
N ALA B 54 6.70 -37.38 -21.43
CA ALA B 54 7.62 -36.83 -20.44
C ALA B 54 7.88 -35.35 -20.70
N PHE B 55 7.47 -34.50 -19.73
CA PHE B 55 7.67 -33.07 -19.84
C PHE B 55 7.61 -32.42 -18.47
N GLY B 56 8.50 -31.46 -18.23
CA GLY B 56 8.43 -30.59 -17.06
C GLY B 56 9.64 -30.61 -16.16
N PHE B 57 10.53 -31.61 -16.28
CA PHE B 57 11.64 -31.70 -15.32
C PHE B 57 12.53 -30.47 -15.38
N GLN B 58 12.84 -30.00 -16.60
CA GLN B 58 13.78 -28.90 -16.78
C GLN B 58 13.24 -27.61 -16.16
N GLY B 59 11.96 -27.32 -16.35
CA GLY B 59 11.39 -26.13 -15.76
C GLY B 59 11.43 -26.16 -14.23
N PHE B 60 11.15 -27.32 -13.65
CA PHE B 60 11.25 -27.43 -12.20
C PHE B 60 12.69 -27.29 -11.73
N ILE B 61 13.63 -27.95 -12.41
CA ILE B 61 15.03 -27.94 -11.99
C ILE B 61 15.60 -26.53 -12.07
N LYS B 62 15.34 -25.83 -13.19
CA LYS B 62 15.81 -24.46 -13.32
C LYS B 62 15.11 -23.54 -12.32
N LYS B 63 13.81 -23.73 -12.11
CA LYS B 63 13.09 -22.77 -11.29
C LYS B 63 13.42 -22.94 -9.80
N TYR B 64 13.35 -24.17 -9.29
CA TYR B 64 13.45 -24.38 -7.84
C TYR B 64 14.83 -24.84 -7.38
N LEU B 65 15.41 -25.84 -8.03
CA LEU B 65 16.68 -26.38 -7.55
C LEU B 65 17.83 -25.44 -7.87
N ILE B 66 17.74 -24.65 -8.93
CA ILE B 66 18.81 -23.71 -9.24
C ILE B 66 18.42 -22.30 -8.79
N ASP B 67 17.41 -21.71 -9.43
CA ASP B 67 17.08 -20.32 -9.15
C ASP B 67 16.64 -20.13 -7.70
N TYR B 68 15.64 -20.89 -7.26
CA TYR B 68 15.05 -20.63 -5.96
C TYR B 68 16.04 -20.90 -4.83
N PHE B 69 16.72 -22.03 -4.87
CA PHE B 69 17.65 -22.35 -3.79
C PHE B 69 18.84 -21.41 -3.76
N ASN B 70 19.31 -20.97 -4.93
CA ASN B 70 20.45 -20.06 -4.95
C ASN B 70 20.05 -18.67 -4.45
N GLU B 71 18.92 -18.15 -4.93
CA GLU B 71 18.51 -16.80 -4.54
C GLU B 71 18.06 -16.76 -3.09
N ASN B 72 17.22 -17.70 -2.68
CA ASN B 72 16.56 -17.61 -1.37
C ASN B 72 17.25 -18.41 -0.28
N PHE B 73 18.19 -19.30 -0.61
CA PHE B 73 18.93 -20.01 0.43
C PHE B 73 20.43 -19.79 0.38
N PHE B 74 21.11 -20.21 -0.70
CA PHE B 74 22.58 -20.28 -0.66
C PHE B 74 23.23 -18.92 -0.64
N LYS B 75 22.65 -17.93 -1.34
CA LYS B 75 23.24 -16.60 -1.40
C LYS B 75 22.99 -15.78 -0.14
N ARG B 76 21.99 -16.13 0.65
CA ARG B 76 21.60 -15.35 1.81
C ARG B 76 22.54 -15.63 2.98
N PRO B 77 22.56 -14.77 4.01
CA PRO B 77 23.37 -15.08 5.19
C PRO B 77 22.93 -16.38 5.84
N LYS B 78 23.91 -17.14 6.35
CA LYS B 78 23.61 -18.45 6.95
C LYS B 78 22.68 -18.30 8.14
N GLN B 79 22.92 -17.25 8.94
CA GLN B 79 22.09 -17.02 10.11
C GLN B 79 20.62 -16.81 9.73
N ASP B 80 20.38 -16.16 8.60
CA ASP B 80 19.01 -15.86 8.21
C ASP B 80 18.22 -17.11 7.85
N VAL B 81 18.81 -18.01 7.04
CA VAL B 81 18.13 -19.24 6.68
C VAL B 81 17.95 -20.15 7.90
N VAL B 82 18.95 -20.15 8.80
CA VAL B 82 18.80 -20.91 10.04
C VAL B 82 17.64 -20.36 10.86
N ASN B 83 17.57 -19.03 10.99
CA ASN B 83 16.52 -18.42 11.81
C ASN B 83 15.14 -18.67 11.23
N GLU B 84 15.00 -18.50 9.90
CA GLU B 84 13.70 -18.69 9.28
C GLU B 84 13.22 -20.13 9.46
N TYR B 85 14.14 -21.10 9.39
CA TYR B 85 13.77 -22.50 9.59
C TYR B 85 13.35 -22.75 11.04
N LYS B 86 14.15 -22.23 11.98
CA LYS B 86 13.89 -22.47 13.39
C LYS B 86 12.56 -21.88 13.82
N ARG B 87 12.22 -20.69 13.32
CA ARG B 87 10.99 -20.02 13.73
C ARG B 87 9.77 -20.88 13.40
N VAL B 88 9.71 -21.39 12.16
CA VAL B 88 8.56 -22.18 11.75
C VAL B 88 8.52 -23.48 12.52
N ILE B 89 9.66 -24.17 12.64
CA ILE B 89 9.65 -25.45 13.37
C ILE B 89 9.21 -25.23 14.81
N LYS B 90 9.79 -24.22 15.47
CA LYS B 90 9.50 -23.95 16.88
C LYS B 90 8.02 -23.72 17.10
N HIS B 91 7.39 -22.89 16.26
CA HIS B 91 6.01 -22.54 16.55
C HIS B 91 4.97 -23.44 15.89
N THR B 92 5.36 -24.36 15.00
CA THR B 92 4.39 -25.27 14.43
C THR B 92 4.52 -26.71 14.92
N LEU B 93 5.71 -27.17 15.29
CA LEU B 93 5.90 -28.50 15.84
C LEU B 93 6.03 -28.50 17.36
N GLN B 94 5.95 -27.33 17.99
CA GLN B 94 6.07 -27.18 19.44
C GLN B 94 7.39 -27.73 19.98
N VAL B 95 8.44 -27.67 19.17
CA VAL B 95 9.78 -27.99 19.62
C VAL B 95 10.39 -26.71 20.18
N ASP B 96 10.83 -26.76 21.44
CA ASP B 96 11.33 -25.54 22.08
C ASP B 96 12.59 -25.03 21.40
N ASP B 97 13.49 -25.93 21.02
CA ASP B 97 14.77 -25.57 20.43
C ASP B 97 15.06 -26.48 19.24
N PRO B 98 14.57 -26.13 18.05
CA PRO B 98 14.77 -27.01 16.89
C PRO B 98 16.24 -27.13 16.51
N ASP B 99 16.60 -28.31 16.03
CA ASP B 99 17.94 -28.52 15.49
C ASP B 99 17.97 -28.11 14.03
N ALA B 100 18.95 -27.25 13.69
CA ALA B 100 19.13 -26.81 12.32
C ALA B 100 20.58 -26.98 11.86
N SER B 101 21.36 -27.79 12.59
CA SER B 101 22.75 -28.01 12.20
C SER B 101 22.86 -28.58 10.80
N HIS B 102 21.89 -29.39 10.37
CA HIS B 102 21.91 -29.90 9.01
C HIS B 102 21.62 -28.79 7.99
N ILE B 103 20.76 -27.83 8.34
CA ILE B 103 20.56 -26.68 7.48
C ILE B 103 21.82 -25.84 7.41
N GLU B 104 22.49 -25.64 8.56
CA GLU B 104 23.79 -24.97 8.56
C GLU B 104 24.76 -25.66 7.62
N SER B 105 24.85 -26.99 7.73
CA SER B 105 25.80 -27.75 6.93
C SER B 105 25.48 -27.67 5.45
N LEU B 106 24.19 -27.75 5.08
CA LEU B 106 23.81 -27.57 3.69
C LEU B 106 24.22 -26.19 3.18
N HIS B 107 23.99 -25.15 3.98
CA HIS B 107 24.32 -23.79 3.54
C HIS B 107 25.82 -23.58 3.44
N GLU B 108 26.61 -24.23 4.31
CA GLU B 108 28.05 -24.18 4.22
C GLU B 108 28.57 -24.97 3.03
N LEU B 109 27.90 -26.08 2.68
CA LEU B 109 28.27 -26.83 1.48
C LEU B 109 28.13 -25.97 0.24
N GLY B 110 27.07 -25.15 0.18
CA GLY B 110 26.91 -24.18 -0.87
C GLY B 110 26.23 -24.66 -2.13
N TYR B 111 25.76 -25.90 -2.18
CA TYR B 111 25.01 -26.40 -3.33
C TYR B 111 24.17 -27.60 -2.89
N LEU B 112 23.23 -27.98 -3.75
CA LEU B 112 22.37 -29.14 -3.46
C LEU B 112 23.10 -30.42 -3.83
N PRO B 113 23.41 -31.26 -2.84
CA PRO B 113 24.19 -32.49 -3.12
C PRO B 113 23.29 -33.63 -3.60
N ILE B 114 22.63 -33.41 -4.75
CA ILE B 114 21.76 -34.39 -5.34
C ILE B 114 22.18 -34.65 -6.78
N LYS B 115 21.76 -35.80 -7.29
CA LYS B 115 21.91 -36.16 -8.69
C LYS B 115 20.55 -36.62 -9.19
N ILE B 116 20.09 -35.99 -10.26
CA ILE B 116 18.81 -36.28 -10.91
C ILE B 116 19.10 -36.74 -12.32
N LYS B 117 18.53 -37.89 -12.67
CA LYS B 117 18.51 -38.38 -14.03
C LYS B 117 17.08 -38.41 -14.54
N ALA B 118 16.91 -38.22 -15.85
CA ALA B 118 15.58 -38.24 -16.43
C ALA B 118 15.69 -38.60 -17.91
N VAL B 119 14.62 -39.20 -18.44
CA VAL B 119 14.54 -39.39 -19.87
C VAL B 119 14.43 -38.03 -20.55
N LYS B 120 14.75 -38.01 -21.84
CA LYS B 120 14.59 -36.79 -22.61
C LYS B 120 13.14 -36.36 -22.58
N GLU B 121 12.91 -35.06 -22.37
CA GLU B 121 11.55 -34.56 -22.42
C GLU B 121 11.04 -34.63 -23.85
N GLY B 122 9.82 -35.13 -24.02
CA GLY B 122 9.27 -35.47 -25.32
C GLY B 122 9.13 -36.97 -25.54
N THR B 123 9.85 -37.77 -24.76
CA THR B 123 9.80 -39.23 -24.90
C THR B 123 8.46 -39.77 -24.41
N PHE B 124 7.94 -40.78 -25.11
CA PHE B 124 6.77 -41.52 -24.63
C PHE B 124 7.22 -42.57 -23.63
N ILE B 125 6.63 -42.55 -22.45
CA ILE B 125 7.00 -43.48 -21.38
C ILE B 125 5.81 -44.37 -21.10
N PRO B 126 5.93 -45.69 -21.21
CA PRO B 126 4.80 -46.56 -20.91
C PRO B 126 4.45 -46.52 -19.42
N ILE B 127 3.16 -46.79 -19.14
CA ILE B 127 2.72 -46.98 -17.77
C ILE B 127 3.61 -48.00 -17.09
N LYS B 128 4.01 -47.71 -15.85
CA LYS B 128 4.82 -48.56 -14.97
C LYS B 128 6.30 -48.53 -15.33
N VAL B 129 6.75 -47.54 -16.09
CA VAL B 129 8.15 -47.33 -16.42
C VAL B 129 8.57 -46.01 -15.79
N PRO B 130 9.62 -45.98 -14.96
CA PRO B 130 10.06 -44.71 -14.37
C PRO B 130 10.63 -43.78 -15.42
N MET B 131 10.53 -42.47 -15.16
CA MET B 131 11.06 -41.47 -16.07
C MET B 131 12.08 -40.53 -15.43
N LEU B 132 12.27 -40.61 -14.12
CA LEU B 132 13.22 -39.75 -13.42
C LEU B 132 13.65 -40.43 -12.13
N THR B 133 14.91 -40.24 -11.77
CA THR B 133 15.43 -40.68 -10.49
C THR B 133 16.15 -39.53 -9.81
N ILE B 134 16.17 -39.58 -8.47
CA ILE B 134 16.90 -38.62 -7.65
C ILE B 134 17.58 -39.37 -6.51
N GLU B 135 18.81 -38.97 -6.21
CA GLU B 135 19.57 -39.49 -5.08
C GLU B 135 20.46 -38.37 -4.53
N ASN B 136 21.01 -38.61 -3.35
CA ASN B 136 21.99 -37.70 -2.76
C ASN B 136 23.41 -38.12 -3.14
N THR B 137 24.28 -37.13 -3.29
CA THR B 137 25.65 -37.37 -3.73
C THR B 137 26.68 -37.33 -2.61
N ILE B 138 26.26 -36.99 -1.38
CA ILE B 138 27.17 -36.97 -0.24
C ILE B 138 26.47 -37.71 0.88
N PRO B 139 27.13 -38.66 1.56
CA PRO B 139 26.47 -39.43 2.62
C PRO B 139 25.80 -38.59 3.69
N GLU B 140 26.46 -37.51 4.14
CA GLU B 140 25.93 -36.71 5.24
C GLU B 140 24.52 -36.22 4.93
N PHE B 141 24.23 -35.93 3.66
CA PHE B 141 22.94 -35.40 3.27
C PHE B 141 22.00 -36.48 2.73
N PHE B 142 22.11 -37.71 3.23
CA PHE B 142 21.15 -38.76 2.91
C PHE B 142 19.70 -38.27 2.99
N TRP B 143 19.42 -37.32 3.89
CA TRP B 143 18.08 -36.85 4.15
C TRP B 143 17.53 -35.92 3.08
N ILE B 144 18.37 -35.39 2.18
CA ILE B 144 17.89 -34.34 1.28
C ILE B 144 16.93 -34.92 0.24
N THR B 145 17.25 -36.11 -0.30
CA THR B 145 16.43 -36.74 -1.35
C THR B 145 14.96 -36.74 -0.95
N ASN B 146 14.65 -37.45 0.15
CA ASN B 146 13.28 -37.52 0.63
C ASN B 146 12.69 -36.14 0.86
N TYR B 147 13.50 -35.20 1.40
CA TYR B 147 12.99 -33.86 1.65
C TYR B 147 12.39 -33.24 0.40
N LEU B 148 13.06 -33.40 -0.74
CA LEU B 148 12.60 -32.70 -1.95
C LEU B 148 11.41 -33.38 -2.60
N GLU B 149 11.10 -34.62 -2.19
CA GLU B 149 10.13 -35.41 -2.95
C GLU B 149 8.81 -34.67 -3.11
N THR B 150 8.25 -34.18 -2.00
CA THR B 150 6.94 -33.52 -2.06
C THR B 150 6.95 -32.42 -3.12
N LEU B 151 7.93 -31.51 -3.02
CA LEU B 151 7.94 -30.37 -3.93
C LEU B 151 8.02 -30.84 -5.37
N MET B 152 8.91 -31.80 -5.64
CA MET B 152 9.05 -32.27 -7.01
C MET B 152 7.73 -32.80 -7.51
N SER B 153 7.08 -33.65 -6.71
CA SER B 153 5.82 -34.20 -7.15
C SER B 153 4.79 -33.10 -7.36
N ASN B 154 4.81 -32.09 -6.49
CA ASN B 154 3.85 -31.00 -6.58
C ASN B 154 3.99 -30.26 -7.91
N GLU B 155 5.22 -30.23 -8.48
CA GLU B 155 5.51 -29.36 -9.62
C GLU B 155 5.56 -30.07 -10.96
N ILE B 156 5.76 -31.38 -11.03
CA ILE B 156 6.00 -32.04 -12.31
C ILE B 156 4.86 -32.94 -12.78
N TRP B 157 3.86 -33.25 -11.94
CA TRP B 157 2.83 -34.14 -12.44
C TRP B 157 1.86 -33.44 -13.39
N GLN B 158 1.54 -32.16 -13.14
CA GLN B 158 0.64 -31.45 -14.05
C GLN B 158 1.24 -31.22 -15.43
N PRO B 159 2.50 -30.73 -15.57
CA PRO B 159 3.00 -30.50 -16.93
C PRO B 159 3.03 -31.75 -17.78
N THR B 160 3.35 -32.90 -17.19
CA THR B 160 3.30 -34.15 -17.95
C THR B 160 1.87 -34.52 -18.30
N THR B 161 0.97 -34.48 -17.32
CA THR B 161 -0.43 -34.82 -17.56
C THR B 161 -1.01 -34.00 -18.71
N SER B 162 -0.85 -32.68 -18.65
CA SER B 162 -1.33 -31.83 -19.71
C SER B 162 -0.71 -32.22 -21.05
N ALA B 163 0.62 -32.36 -21.07
CA ALA B 163 1.29 -32.77 -22.31
C ALA B 163 0.66 -34.05 -22.83
N THR B 164 0.47 -35.01 -21.94
CA THR B 164 -0.09 -36.28 -22.36
C THR B 164 -1.49 -36.08 -22.92
N LEU B 165 -2.34 -35.35 -22.18
CA LEU B 165 -3.69 -35.14 -22.68
C LEU B 165 -3.63 -34.39 -23.99
N ALA B 166 -2.75 -33.39 -24.08
CA ALA B 166 -2.67 -32.62 -25.31
C ALA B 166 -2.32 -33.53 -26.46
N TYR B 167 -1.35 -34.43 -26.24
CA TYR B 167 -0.93 -35.31 -27.31
C TYR B 167 -2.08 -36.18 -27.80
N GLU B 168 -2.96 -36.59 -26.88
CA GLU B 168 -4.07 -37.43 -27.30
C GLU B 168 -4.91 -36.71 -28.35
N TYR B 169 -5.27 -35.44 -28.09
CA TYR B 169 -5.97 -34.69 -29.11
C TYR B 169 -5.15 -34.72 -30.40
N ARG B 170 -3.86 -34.39 -30.27
CA ARG B 170 -2.96 -34.36 -31.40
C ARG B 170 -2.98 -35.69 -32.15
N LYS B 171 -2.93 -36.80 -31.39
CA LYS B 171 -2.92 -38.11 -32.03
C LYS B 171 -4.17 -38.27 -32.89
N ILE B 172 -5.33 -38.01 -32.30
CA ILE B 172 -6.57 -38.10 -33.05
C ILE B 172 -6.49 -37.20 -34.26
N LEU B 173 -6.09 -35.94 -34.04
CA LEU B 173 -6.15 -34.98 -35.12
C LEU B 173 -5.16 -35.33 -36.21
N ASP B 174 -4.05 -35.97 -35.86
CA ASP B 174 -3.11 -36.35 -36.91
C ASP B 174 -3.71 -37.45 -37.77
N GLU B 175 -4.26 -38.48 -37.13
CA GLU B 175 -4.78 -39.61 -37.89
C GLU B 175 -5.85 -39.15 -38.86
N TYR B 176 -6.84 -38.41 -38.35
CA TYR B 176 -7.93 -37.94 -39.21
C TYR B 176 -7.40 -37.06 -40.31
N ALA B 177 -6.40 -36.22 -40.00
CA ALA B 177 -5.82 -35.39 -41.03
C ALA B 177 -5.24 -36.26 -42.14
N MET B 178 -4.42 -37.24 -41.77
CA MET B 178 -3.87 -38.14 -42.77
C MET B 178 -4.99 -38.90 -43.48
N GLU B 179 -6.08 -39.20 -42.76
CA GLU B 179 -7.16 -39.95 -43.38
C GLU B 179 -7.94 -39.06 -44.36
N THR B 180 -8.09 -37.77 -44.03
CA THR B 180 -9.02 -36.95 -44.80
C THR B 180 -8.34 -35.89 -45.65
N VAL B 181 -7.09 -35.54 -45.36
CA VAL B 181 -6.34 -34.59 -46.17
C VAL B 181 -5.12 -35.24 -46.84
N GLY B 182 -4.43 -36.13 -46.12
CA GLY B 182 -3.20 -36.70 -46.61
C GLY B 182 -1.95 -35.99 -46.16
N ASN B 183 -2.09 -34.94 -45.35
CA ASN B 183 -0.98 -34.31 -44.65
C ASN B 183 -1.52 -33.71 -43.35
N LYS B 184 -0.62 -33.40 -42.43
CA LYS B 184 -1.01 -32.89 -41.12
C LYS B 184 -0.74 -31.40 -40.94
N LEU B 185 -0.62 -30.66 -42.05
CA LEU B 185 -0.13 -29.29 -41.96
C LEU B 185 -1.02 -28.42 -41.09
N ALA B 186 -2.33 -28.68 -41.08
CA ALA B 186 -3.27 -27.84 -40.35
C ALA B 186 -3.41 -28.21 -38.88
N VAL B 187 -2.77 -29.31 -38.44
CA VAL B 187 -3.06 -29.83 -37.10
C VAL B 187 -2.49 -28.94 -36.01
N ASP B 188 -1.35 -28.29 -36.26
CA ASP B 188 -0.70 -27.47 -35.23
C ASP B 188 -1.66 -26.46 -34.63
N PHE B 189 -2.59 -25.92 -35.42
CA PHE B 189 -3.53 -24.92 -34.96
C PHE B 189 -4.90 -25.48 -34.62
N GLN B 190 -5.11 -26.78 -34.74
CA GLN B 190 -6.44 -27.33 -34.48
C GLN B 190 -6.71 -27.54 -33.01
N GLY B 191 -5.67 -27.64 -32.18
CA GLY B 191 -5.83 -27.68 -30.74
C GLY B 191 -5.47 -26.35 -30.12
N HIS B 192 -6.46 -25.66 -29.54
CA HIS B 192 -6.29 -24.29 -29.06
C HIS B 192 -6.60 -24.21 -27.58
N ASP B 193 -5.60 -23.83 -26.77
CA ASP B 193 -5.77 -23.78 -25.33
C ASP B 193 -6.65 -22.61 -24.93
N PHE B 194 -7.76 -22.92 -24.24
CA PHE B 194 -8.73 -21.94 -23.77
C PHE B 194 -8.85 -21.93 -22.25
N SER B 195 -7.98 -22.67 -21.57
CA SER B 195 -8.24 -23.15 -20.22
C SER B 195 -7.81 -22.22 -19.10
N MET B 196 -7.12 -21.11 -19.40
CA MET B 196 -6.38 -20.41 -18.36
C MET B 196 -7.28 -19.95 -17.21
N ARG B 197 -8.49 -19.47 -17.54
CA ARG B 197 -9.36 -18.96 -16.48
C ARG B 197 -9.82 -20.06 -15.52
N GLY B 198 -9.72 -21.32 -15.93
CA GLY B 198 -10.19 -22.44 -15.14
C GLY B 198 -9.09 -23.28 -14.55
N MET B 199 -7.83 -22.90 -14.78
CA MET B 199 -6.72 -23.49 -14.05
C MET B 199 -6.68 -22.93 -12.63
N SER B 200 -6.08 -23.70 -11.71
CA SER B 200 -6.23 -23.39 -10.29
C SER B 200 -5.28 -22.29 -9.79
N SER B 201 -4.34 -21.85 -10.62
CA SER B 201 -3.38 -20.82 -10.27
C SER B 201 -2.61 -20.47 -11.53
N LEU B 202 -2.00 -19.27 -11.52
CA LEU B 202 -1.18 -18.84 -12.64
C LEU B 202 -0.02 -19.82 -12.88
N GLU B 203 0.58 -20.34 -11.82
CA GLU B 203 1.66 -21.31 -12.01
C GLU B 203 1.15 -22.56 -12.73
N SER B 204 0.03 -23.10 -12.26
CA SER B 204 -0.57 -24.27 -12.91
C SER B 204 -0.94 -23.94 -14.35
N THR B 205 -1.46 -22.74 -14.58
CA THR B 205 -1.68 -22.27 -15.94
C THR B 205 -0.44 -22.40 -16.80
N LYS B 206 0.70 -21.89 -16.32
CA LYS B 206 1.93 -21.92 -17.12
C LYS B 206 2.35 -23.35 -17.43
N LEU B 207 2.32 -24.23 -16.41
CA LEU B 207 2.84 -25.58 -16.62
C LEU B 207 1.93 -26.37 -17.57
N SER B 208 0.62 -26.32 -17.33
CA SER B 208 -0.34 -27.00 -18.20
C SER B 208 -0.27 -26.46 -19.63
N GLY B 209 -0.23 -25.14 -19.79
CA GLY B 209 -0.19 -24.55 -21.11
C GLY B 209 1.09 -24.88 -21.87
N ALA B 210 2.21 -24.99 -21.15
CA ALA B 210 3.45 -25.45 -21.78
C ALA B 210 3.32 -26.89 -22.28
N GLY B 211 2.69 -27.74 -21.48
CA GLY B 211 2.41 -29.09 -21.95
C GLY B 211 1.57 -29.10 -23.21
N HIS B 212 0.55 -28.22 -23.26
CA HIS B 212 -0.26 -28.07 -24.47
C HIS B 212 0.61 -27.64 -25.66
N LEU B 213 1.52 -26.69 -25.44
CA LEU B 213 2.33 -26.19 -26.54
C LEU B 213 3.33 -27.22 -27.06
N LEU B 214 3.56 -28.32 -26.34
CA LEU B 214 4.38 -29.38 -26.94
C LEU B 214 3.75 -29.92 -28.22
N SER B 215 2.42 -30.07 -28.25
CA SER B 215 1.72 -30.70 -29.38
C SER B 215 1.13 -29.71 -30.37
N PHE B 216 0.72 -28.52 -29.92
CA PHE B 216 0.07 -27.54 -30.78
C PHE B 216 0.80 -26.20 -30.68
N THR B 217 0.55 -25.34 -31.67
CA THR B 217 1.03 -23.97 -31.62
C THR B 217 -0.07 -22.97 -31.32
N GLY B 218 -1.34 -23.38 -31.38
CA GLY B 218 -2.44 -22.47 -31.08
C GLY B 218 -2.71 -22.43 -29.60
N THR B 219 -2.82 -21.22 -29.05
CA THR B 219 -3.16 -21.07 -27.65
C THR B 219 -3.63 -19.66 -27.37
N ASP B 220 -4.49 -19.52 -26.37
CA ASP B 220 -4.79 -18.21 -25.82
C ASP B 220 -4.06 -17.97 -24.51
N THR B 221 -3.31 -18.96 -24.02
CA THR B 221 -2.62 -18.85 -22.74
C THR B 221 -1.25 -18.21 -22.98
N ILE B 222 -1.24 -16.87 -22.99
CA ILE B 222 0.02 -16.12 -23.18
C ILE B 222 1.11 -16.57 -22.22
N PRO B 223 0.87 -16.71 -20.91
CA PRO B 223 1.95 -17.09 -20.00
C PRO B 223 2.60 -18.41 -20.33
N ALA B 224 1.90 -19.33 -21.02
CA ALA B 224 2.50 -20.61 -21.42
C ALA B 224 3.59 -20.40 -22.47
N ILE B 225 3.32 -19.56 -23.47
CA ILE B 225 4.34 -19.18 -24.44
C ILE B 225 5.55 -18.61 -23.73
N LEU B 226 5.30 -17.66 -22.82
CA LEU B 226 6.44 -17.04 -22.14
C LEU B 226 7.14 -18.03 -21.21
N TYR B 227 6.41 -19.01 -20.66
CA TYR B 227 7.05 -20.04 -19.85
C TYR B 227 8.09 -20.80 -20.66
N HIS B 228 7.74 -21.14 -21.90
CA HIS B 228 8.73 -21.77 -22.77
C HIS B 228 9.90 -20.83 -23.06
N GLU B 229 9.63 -19.52 -23.16
CA GLU B 229 10.75 -18.58 -23.27
C GLU B 229 11.64 -18.63 -22.03
N GLU B 230 11.05 -18.74 -20.85
CA GLU B 230 11.84 -18.66 -19.61
C GLU B 230 12.68 -19.92 -19.40
N PHE B 231 12.10 -21.11 -19.60
CA PHE B 231 12.78 -22.31 -19.17
C PHE B 231 13.26 -23.23 -20.28
N TYR B 232 12.69 -23.15 -21.48
CA TYR B 232 13.05 -24.09 -22.54
C TYR B 232 13.69 -23.38 -23.74
N ASN B 233 14.34 -22.24 -23.50
CA ASN B 233 15.17 -21.55 -24.48
C ASN B 233 14.40 -21.09 -25.71
N ALA B 234 13.08 -20.94 -25.59
CA ALA B 234 12.29 -20.50 -26.74
C ALA B 234 12.42 -19.00 -26.95
N ASN B 235 12.25 -18.58 -28.20
CA ASN B 235 12.28 -17.17 -28.56
C ASN B 235 11.23 -16.92 -29.63
N ILE B 236 10.18 -16.18 -29.28
CA ILE B 236 9.09 -15.90 -30.21
C ILE B 236 9.55 -15.11 -31.43
N GLU B 237 10.68 -14.39 -31.32
CA GLU B 237 11.20 -13.62 -32.46
C GLU B 237 11.84 -14.49 -33.53
N ASN B 238 12.09 -15.77 -33.24
CA ASN B 238 12.79 -16.66 -34.16
C ASN B 238 12.01 -17.91 -34.49
N GLU B 239 10.93 -18.20 -33.78
CA GLU B 239 10.21 -19.44 -33.94
C GLU B 239 8.77 -19.22 -33.50
N LEU B 240 7.87 -19.99 -34.08
CA LEU B 240 6.48 -19.98 -33.65
C LEU B 240 6.39 -20.83 -32.40
N VAL B 241 6.31 -20.18 -31.23
CA VAL B 241 6.09 -20.89 -29.98
C VAL B 241 4.59 -21.12 -29.84
N GLY B 242 3.85 -20.03 -29.69
CA GLY B 242 2.41 -20.06 -29.78
C GLY B 242 1.93 -18.85 -30.56
N SER B 243 0.68 -18.92 -31.00
CA SER B 243 0.05 -17.77 -31.64
C SER B 243 -1.46 -17.91 -31.48
N SER B 244 -2.15 -16.81 -31.71
CA SER B 244 -3.60 -16.76 -31.56
C SER B 244 -4.15 -15.74 -32.55
N ILE B 245 -5.44 -15.46 -32.44
CA ILE B 245 -6.13 -14.58 -33.38
C ILE B 245 -7.04 -13.63 -32.61
N PRO B 246 -7.35 -12.47 -33.20
CA PRO B 246 -8.41 -11.64 -32.61
C PRO B 246 -9.70 -12.43 -32.50
N ALA B 247 -10.36 -12.31 -31.35
CA ALA B 247 -11.60 -13.05 -31.12
C ALA B 247 -12.55 -12.24 -30.26
N THR B 248 -13.81 -12.17 -30.68
CA THR B 248 -14.83 -11.50 -29.87
C THR B 248 -15.28 -12.41 -28.73
N GLU B 249 -16.06 -11.82 -27.83
CA GLU B 249 -16.59 -12.53 -26.67
C GLU B 249 -18.03 -12.06 -26.42
N HIS B 250 -18.75 -12.84 -25.61
CA HIS B 250 -20.18 -12.63 -25.42
C HIS B 250 -20.50 -11.25 -24.87
N SER B 251 -19.68 -10.75 -23.93
CA SER B 251 -19.98 -9.44 -23.33
C SER B 251 -19.83 -8.32 -24.35
N VAL B 252 -18.83 -8.41 -25.23
CA VAL B 252 -18.65 -7.42 -26.29
C VAL B 252 -19.75 -7.55 -27.32
N MET B 253 -20.11 -8.78 -27.68
CA MET B 253 -21.19 -9.00 -28.63
C MET B 253 -22.49 -8.41 -28.12
N CYS B 254 -22.77 -8.59 -26.82
CA CYS B 254 -23.98 -8.04 -26.23
C CYS B 254 -23.90 -6.53 -26.09
N ALA B 255 -22.72 -5.98 -25.82
CA ALA B 255 -22.59 -4.53 -25.74
C ALA B 255 -22.85 -3.87 -27.10
N ASN B 256 -22.45 -4.54 -28.19
CA ASN B 256 -22.61 -3.92 -29.50
C ASN B 256 -24.06 -3.96 -30.01
N GLY B 257 -24.91 -4.82 -29.45
CA GLY B 257 -26.33 -4.77 -29.75
C GLY B 257 -26.77 -5.80 -30.78
N GLN B 258 -28.07 -5.76 -31.06
CA GLN B 258 -28.77 -6.80 -31.81
C GLN B 258 -28.71 -6.62 -33.32
N ASP B 259 -28.18 -5.49 -33.82
CA ASP B 259 -28.00 -5.29 -35.25
C ASP B 259 -26.78 -6.08 -35.72
N GLU B 260 -26.96 -7.42 -35.73
CA GLU B 260 -25.81 -8.30 -35.90
C GLU B 260 -25.20 -8.20 -37.29
N TYR B 261 -25.98 -7.83 -38.30
CA TYR B 261 -25.40 -7.58 -39.61
C TYR B 261 -24.35 -6.47 -39.54
N VAL B 262 -24.73 -5.31 -39.00
CA VAL B 262 -23.83 -4.17 -38.94
C VAL B 262 -22.65 -4.48 -38.02
N VAL B 263 -22.89 -5.19 -36.92
CA VAL B 263 -21.81 -5.52 -35.98
C VAL B 263 -20.76 -6.40 -36.65
N PHE B 264 -21.22 -7.49 -37.28
CA PHE B 264 -20.30 -8.41 -37.94
C PHE B 264 -19.59 -7.71 -39.10
N LYS B 265 -20.32 -6.90 -39.86
CA LYS B 265 -19.72 -6.22 -41.00
C LYS B 265 -18.64 -5.25 -40.57
N LYS B 266 -18.89 -4.48 -39.50
CA LYS B 266 -17.85 -3.62 -38.96
C LYS B 266 -16.63 -4.41 -38.54
N LEU B 267 -16.85 -5.55 -37.86
CA LEU B 267 -15.71 -6.34 -37.40
C LEU B 267 -14.85 -6.81 -38.57
N ILE B 268 -15.48 -7.37 -39.61
CA ILE B 268 -14.69 -8.03 -40.65
C ILE B 268 -14.28 -7.12 -41.81
N THR B 269 -14.91 -5.96 -41.96
CA THR B 269 -14.50 -5.00 -42.99
C THR B 269 -13.69 -3.84 -42.43
N GLU B 270 -13.94 -3.43 -41.17
CA GLU B 270 -13.28 -2.28 -40.60
C GLU B 270 -12.31 -2.63 -39.48
N THR B 271 -12.75 -3.35 -38.45
CA THR B 271 -11.87 -3.60 -37.30
C THR B 271 -10.78 -4.61 -37.65
N TYR B 272 -11.13 -5.68 -38.37
CA TYR B 272 -10.16 -6.67 -38.84
C TYR B 272 -10.41 -6.92 -40.33
N PRO B 273 -10.03 -5.96 -41.18
CA PRO B 273 -10.30 -6.11 -42.63
C PRO B 273 -9.56 -7.27 -43.26
N GLU B 274 -8.51 -7.78 -42.63
CA GLU B 274 -7.73 -8.88 -43.16
C GLU B 274 -7.31 -9.79 -41.99
N GLY B 275 -6.68 -10.90 -42.31
CA GLY B 275 -6.25 -11.83 -41.30
C GLY B 275 -7.39 -12.64 -40.72
N PHE B 276 -7.07 -13.34 -39.64
CA PHE B 276 -8.05 -14.16 -38.93
C PHE B 276 -8.82 -13.31 -37.94
N VAL B 277 -10.09 -13.64 -37.76
CA VAL B 277 -10.90 -13.04 -36.70
C VAL B 277 -11.97 -14.04 -36.31
N SER B 278 -12.09 -14.30 -35.01
CA SER B 278 -13.08 -15.23 -34.48
C SER B 278 -14.25 -14.45 -33.91
N ILE B 279 -15.46 -14.82 -34.29
CA ILE B 279 -16.66 -14.11 -33.87
C ILE B 279 -17.61 -15.10 -33.21
N VAL B 280 -17.80 -14.97 -31.89
CA VAL B 280 -18.78 -15.80 -31.21
C VAL B 280 -20.18 -15.34 -31.60
N SER B 281 -21.03 -16.29 -31.99
CA SER B 281 -22.24 -15.97 -32.75
C SER B 281 -23.54 -16.42 -32.09
N ASP B 282 -23.50 -16.93 -30.85
CA ASP B 282 -24.70 -17.44 -30.20
C ASP B 282 -25.21 -16.53 -29.10
N THR B 283 -24.80 -15.25 -29.10
CA THR B 283 -25.24 -14.34 -28.05
C THR B 283 -26.75 -14.25 -27.96
N TRP B 284 -27.44 -14.23 -29.12
CA TRP B 284 -28.89 -14.11 -29.13
C TRP B 284 -29.59 -15.23 -29.88
N ASP B 285 -29.08 -15.62 -31.05
CA ASP B 285 -29.66 -16.71 -31.82
C ASP B 285 -28.60 -17.16 -32.81
N PHE B 286 -28.02 -18.33 -32.57
CA PHE B 286 -26.89 -18.78 -33.37
C PHE B 286 -27.31 -19.07 -34.81
N TRP B 287 -28.29 -19.95 -34.98
CA TRP B 287 -28.66 -20.39 -36.31
C TRP B 287 -29.25 -19.25 -37.13
N ASN B 288 -29.90 -18.30 -36.48
CA ASN B 288 -30.30 -17.09 -37.20
C ASN B 288 -29.08 -16.32 -37.69
N VAL B 289 -28.03 -16.28 -36.88
CA VAL B 289 -26.81 -15.57 -37.30
C VAL B 289 -26.20 -16.23 -38.53
N ILE B 290 -26.21 -17.57 -38.57
CA ILE B 290 -25.68 -18.23 -39.76
C ILE B 290 -26.59 -17.99 -40.96
N ASP B 291 -27.91 -18.12 -40.77
CA ASP B 291 -28.83 -18.06 -41.91
C ASP B 291 -28.96 -16.65 -42.47
N THR B 292 -28.79 -15.64 -41.64
CA THR B 292 -29.17 -14.26 -41.96
C THR B 292 -28.00 -13.29 -41.93
N VAL B 293 -27.00 -13.50 -41.07
CA VAL B 293 -25.88 -12.58 -41.00
C VAL B 293 -24.74 -13.08 -41.87
N VAL B 294 -24.22 -14.27 -41.56
CA VAL B 294 -23.09 -14.80 -42.31
C VAL B 294 -23.45 -14.97 -43.78
N ARG B 295 -24.65 -15.51 -44.06
CA ARG B 295 -25.07 -15.69 -45.45
C ARG B 295 -25.11 -14.37 -46.20
N LYS B 296 -25.64 -13.32 -45.56
CA LYS B 296 -25.69 -12.00 -46.19
C LYS B 296 -24.31 -11.38 -46.33
N LEU B 297 -23.34 -11.81 -45.53
CA LEU B 297 -21.98 -11.28 -45.54
C LEU B 297 -21.04 -12.09 -46.42
N LYS B 298 -21.58 -13.02 -47.22
CA LYS B 298 -20.74 -13.94 -47.99
C LYS B 298 -19.73 -13.20 -48.87
N GLY B 299 -20.20 -12.22 -49.63
CA GLY B 299 -19.30 -11.48 -50.50
C GLY B 299 -18.19 -10.77 -49.73
N ASP B 300 -18.56 -10.10 -48.63
CA ASP B 300 -17.56 -9.42 -47.82
C ASP B 300 -16.57 -10.41 -47.23
N ILE B 301 -17.04 -11.56 -46.75
CA ILE B 301 -16.16 -12.57 -46.19
C ILE B 301 -15.19 -13.09 -47.25
N LEU B 302 -15.69 -13.33 -48.46
CA LEU B 302 -14.84 -13.81 -49.54
C LEU B 302 -13.90 -12.73 -50.05
N LYS B 303 -14.19 -11.45 -49.79
CA LYS B 303 -13.35 -10.35 -50.26
C LYS B 303 -12.12 -10.15 -49.40
N ARG B 304 -12.17 -10.48 -48.11
CA ARG B 304 -11.04 -10.24 -47.22
C ARG B 304 -9.88 -11.20 -47.52
N ASP B 305 -8.66 -10.69 -47.42
CA ASP B 305 -7.48 -11.55 -47.35
C ASP B 305 -7.33 -12.04 -45.92
N GLY B 306 -8.03 -13.12 -45.62
CA GLY B 306 -8.04 -13.64 -44.26
C GLY B 306 -9.13 -14.69 -44.09
N LYS B 307 -9.49 -14.91 -42.84
CA LYS B 307 -10.48 -15.94 -42.50
C LYS B 307 -11.36 -15.43 -41.37
N VAL B 308 -12.68 -15.54 -41.54
CA VAL B 308 -13.63 -15.30 -40.47
C VAL B 308 -13.99 -16.65 -39.87
N VAL B 309 -13.65 -16.83 -38.60
CA VAL B 309 -13.91 -18.07 -37.88
C VAL B 309 -15.18 -17.91 -37.07
N ILE B 310 -16.13 -18.82 -37.26
CA ILE B 310 -17.40 -18.80 -36.54
C ILE B 310 -17.24 -19.63 -35.26
N ARG B 311 -17.57 -19.01 -34.12
CA ARG B 311 -17.47 -19.69 -32.83
C ARG B 311 -18.84 -19.83 -32.16
N PRO B 312 -19.47 -20.99 -32.25
CA PRO B 312 -20.57 -21.30 -31.33
C PRO B 312 -20.02 -21.57 -29.94
N ASP B 313 -20.87 -21.38 -28.92
CA ASP B 313 -20.43 -21.57 -27.54
C ASP B 313 -21.51 -22.21 -26.68
N SER B 314 -22.48 -22.91 -27.29
CA SER B 314 -23.54 -23.57 -26.53
C SER B 314 -23.95 -24.82 -27.30
N GLY B 315 -25.03 -25.45 -26.85
CA GLY B 315 -25.55 -26.66 -27.48
C GLY B 315 -24.61 -27.85 -27.28
N ASP B 316 -24.98 -28.95 -27.93
CA ASP B 316 -24.09 -30.10 -27.95
C ASP B 316 -22.99 -29.88 -28.99
N PRO B 317 -21.72 -29.99 -28.60
CA PRO B 317 -20.64 -29.77 -29.60
C PRO B 317 -20.79 -30.64 -30.83
N VAL B 318 -21.06 -31.94 -30.65
CA VAL B 318 -21.17 -32.84 -31.79
C VAL B 318 -22.35 -32.44 -32.67
N LYS B 319 -23.50 -32.17 -32.07
CA LYS B 319 -24.68 -31.86 -32.87
C LYS B 319 -24.54 -30.51 -33.57
N ILE B 320 -23.96 -29.52 -32.89
CA ILE B 320 -23.78 -28.21 -33.51
C ILE B 320 -22.82 -28.32 -34.70
N ILE B 321 -21.69 -28.99 -34.51
CA ILE B 321 -20.69 -29.05 -35.58
C ILE B 321 -21.16 -29.96 -36.70
N CYS B 322 -21.54 -31.19 -36.38
CA CYS B 322 -21.80 -32.22 -37.36
C CYS B 322 -23.28 -32.33 -37.75
N GLY B 323 -24.17 -31.66 -37.04
CA GLY B 323 -25.59 -31.72 -37.33
C GLY B 323 -26.34 -32.56 -36.31
N ASP B 324 -27.62 -32.23 -36.11
CA ASP B 324 -28.52 -33.04 -35.30
C ASP B 324 -29.41 -33.84 -36.24
N PRO B 325 -29.25 -35.16 -36.33
CA PRO B 325 -30.02 -35.95 -37.30
C PRO B 325 -31.52 -35.90 -37.08
N GLU B 326 -31.99 -35.52 -35.89
CA GLU B 326 -33.41 -35.55 -35.58
C GLU B 326 -34.04 -34.16 -35.50
N ALA B 327 -33.32 -33.11 -35.87
CA ALA B 327 -33.87 -31.77 -35.84
C ALA B 327 -34.73 -31.52 -37.06
N LYS B 328 -35.89 -30.88 -36.85
CA LYS B 328 -36.78 -30.59 -37.96
C LYS B 328 -36.19 -29.53 -38.88
N ASP B 329 -35.50 -28.55 -38.32
CA ASP B 329 -34.95 -27.47 -39.13
C ASP B 329 -33.74 -27.95 -39.93
N GLU B 330 -33.65 -27.48 -41.18
CA GLU B 330 -32.63 -27.99 -42.10
C GLU B 330 -31.22 -27.58 -41.68
N LEU B 331 -31.04 -26.33 -41.23
CA LEU B 331 -29.73 -25.88 -40.80
C LEU B 331 -29.28 -26.63 -39.54
N VAL B 332 -30.19 -26.82 -38.58
CA VAL B 332 -29.84 -27.58 -37.38
C VAL B 332 -29.55 -29.02 -37.74
N ARG B 333 -30.30 -29.58 -38.69
CA ARG B 333 -30.06 -30.95 -39.12
C ARG B 333 -28.69 -31.12 -39.77
N LYS B 334 -28.30 -30.16 -40.61
CA LYS B 334 -27.04 -30.25 -41.33
C LYS B 334 -25.85 -29.98 -40.42
N GLY B 335 -25.94 -28.98 -39.56
CA GLY B 335 -24.80 -28.60 -38.75
C GLY B 335 -23.95 -27.52 -39.41
N LEU B 336 -23.10 -26.90 -38.60
CA LEU B 336 -22.38 -25.70 -39.02
C LEU B 336 -21.49 -25.97 -40.22
N ILE B 337 -20.69 -27.05 -40.18
CA ILE B 337 -19.71 -27.28 -41.24
C ILE B 337 -20.40 -27.49 -42.58
N GLU B 338 -21.47 -28.30 -42.60
CA GLU B 338 -22.20 -28.52 -43.84
C GLU B 338 -22.86 -27.23 -44.33
N VAL B 339 -23.45 -26.45 -43.41
CA VAL B 339 -24.13 -25.22 -43.82
C VAL B 339 -23.14 -24.24 -44.43
N LEU B 340 -21.99 -24.05 -43.77
CA LEU B 340 -20.95 -23.17 -44.30
C LEU B 340 -20.42 -23.69 -45.62
N TRP B 341 -20.36 -25.01 -45.80
CA TRP B 341 -20.02 -25.57 -47.10
C TRP B 341 -21.08 -25.22 -48.14
N ASP B 342 -22.36 -25.35 -47.77
CA ASP B 342 -23.45 -25.04 -48.68
C ASP B 342 -23.35 -23.59 -49.16
N ILE B 343 -22.97 -22.70 -48.24
CA ILE B 343 -22.93 -21.28 -48.59
C ILE B 343 -21.65 -20.95 -49.36
N PHE B 344 -20.49 -21.30 -48.80
CA PHE B 344 -19.20 -20.87 -49.35
C PHE B 344 -18.56 -21.91 -50.25
N GLY B 345 -18.92 -23.19 -50.13
CA GLY B 345 -18.21 -24.20 -50.89
C GLY B 345 -16.79 -24.37 -50.36
N GLY B 346 -15.91 -24.79 -51.26
CA GLY B 346 -14.53 -25.04 -50.90
C GLY B 346 -13.83 -25.98 -51.86
N ASN B 347 -12.95 -26.83 -51.34
CA ASN B 347 -12.15 -27.72 -52.16
C ASN B 347 -12.33 -29.17 -51.72
N VAL B 348 -11.78 -30.08 -52.50
CA VAL B 348 -11.75 -31.50 -52.20
C VAL B 348 -10.29 -31.92 -52.08
N THR B 349 -9.95 -32.60 -50.98
CA THR B 349 -8.58 -33.08 -50.76
C THR B 349 -8.28 -34.30 -51.63
N ASP B 350 -7.05 -34.82 -51.48
CA ASP B 350 -6.63 -36.00 -52.24
C ASP B 350 -7.35 -37.25 -51.78
N LYS B 351 -7.93 -37.25 -50.58
CA LYS B 351 -8.65 -38.40 -50.06
C LYS B 351 -10.14 -38.36 -50.38
N GLY B 352 -10.60 -37.32 -51.07
CA GLY B 352 -12.00 -37.19 -51.43
C GLY B 352 -12.87 -36.50 -50.42
N TYR B 353 -12.28 -35.76 -49.49
CA TYR B 353 -13.04 -35.09 -48.45
C TYR B 353 -13.17 -33.60 -48.73
N LYS B 354 -14.24 -33.00 -48.20
CA LYS B 354 -14.54 -31.60 -48.46
C LYS B 354 -13.91 -30.72 -47.39
N VAL B 355 -13.22 -29.66 -47.84
CA VAL B 355 -12.60 -28.68 -46.96
C VAL B 355 -13.19 -27.31 -47.28
N LEU B 356 -13.58 -26.57 -46.24
CA LEU B 356 -14.22 -25.27 -46.40
C LEU B 356 -13.31 -24.31 -47.17
N ASP B 357 -13.94 -23.36 -47.86
CA ASP B 357 -13.20 -22.27 -48.46
C ASP B 357 -12.43 -21.52 -47.37
N PRO B 358 -11.14 -21.21 -47.60
CA PRO B 358 -10.30 -20.68 -46.51
C PRO B 358 -10.74 -19.33 -45.96
N HIS B 359 -11.73 -18.67 -46.58
CA HIS B 359 -12.22 -17.42 -46.03
C HIS B 359 -13.12 -17.62 -44.82
N ILE B 360 -13.69 -18.81 -44.65
CA ILE B 360 -14.59 -19.10 -43.55
C ILE B 360 -14.00 -20.25 -42.73
N GLY B 361 -14.35 -20.30 -41.45
CA GLY B 361 -13.85 -21.36 -40.60
C GLY B 361 -14.73 -21.51 -39.38
N ALA B 362 -14.37 -22.49 -38.55
CA ALA B 362 -15.13 -22.81 -37.35
C ALA B 362 -14.20 -23.16 -36.19
N ILE B 363 -14.59 -22.75 -35.00
CA ILE B 363 -13.92 -23.13 -33.76
C ILE B 363 -14.99 -23.41 -32.72
N TYR B 364 -14.78 -24.45 -31.90
CA TYR B 364 -15.70 -24.77 -30.82
C TYR B 364 -14.90 -24.98 -29.54
N GLY B 365 -15.23 -24.23 -28.50
CA GLY B 365 -14.46 -24.28 -27.28
C GLY B 365 -15.26 -24.34 -25.98
N ASP B 366 -16.37 -25.08 -25.96
CA ASP B 366 -17.16 -25.26 -24.75
C ASP B 366 -17.28 -26.74 -24.45
N ALA B 367 -16.71 -27.17 -23.32
CA ALA B 367 -16.82 -28.54 -22.84
C ALA B 367 -16.25 -29.54 -23.82
N ILE B 368 -15.17 -29.15 -24.50
CA ILE B 368 -14.51 -30.05 -25.44
C ILE B 368 -13.75 -31.10 -24.65
N THR B 369 -13.95 -32.36 -25.00
CA THR B 369 -13.21 -33.47 -24.41
C THR B 369 -12.58 -34.28 -25.53
N ILE B 370 -11.64 -35.15 -25.14
CA ILE B 370 -10.99 -36.04 -26.10
C ILE B 370 -12.03 -36.85 -26.86
N SER B 371 -13.00 -37.42 -26.13
CA SER B 371 -14.02 -38.24 -26.79
C SER B 371 -14.89 -37.40 -27.72
N ARG B 372 -15.17 -36.14 -27.36
CA ARG B 372 -15.97 -35.31 -28.25
C ARG B 372 -15.18 -34.87 -29.48
N CYS B 373 -13.88 -34.63 -29.32
CA CYS B 373 -13.05 -34.36 -30.50
C CYS B 373 -13.06 -35.56 -31.44
N LYS B 374 -12.86 -36.76 -30.89
CA LYS B 374 -12.88 -37.98 -31.70
C LYS B 374 -14.23 -38.15 -32.39
N GLU B 375 -15.32 -37.91 -31.65
CA GLU B 375 -16.65 -38.09 -32.22
C GLU B 375 -16.94 -37.08 -33.32
N ILE B 376 -16.50 -35.82 -33.13
CA ILE B 376 -16.71 -34.79 -34.15
C ILE B 376 -15.96 -35.15 -35.42
N CYS B 377 -14.69 -35.55 -35.28
CA CYS B 377 -13.92 -35.98 -36.45
C CYS B 377 -14.59 -37.15 -37.15
N LYS B 378 -15.05 -38.13 -36.37
CA LYS B 378 -15.65 -39.35 -36.94
C LYS B 378 -16.92 -39.02 -37.72
N LYS B 379 -17.82 -38.24 -37.12
CA LYS B 379 -19.06 -37.93 -37.80
C LYS B 379 -18.85 -37.00 -38.98
N LEU B 380 -17.90 -36.07 -38.88
CA LEU B 380 -17.56 -35.23 -40.02
C LEU B 380 -17.07 -36.07 -41.19
N ALA B 381 -16.20 -37.03 -40.91
CA ALA B 381 -15.69 -37.92 -41.96
C ALA B 381 -16.81 -38.75 -42.55
N ALA B 382 -17.74 -39.22 -41.70
CA ALA B 382 -18.91 -39.95 -42.20
C ALA B 382 -19.74 -39.10 -43.15
N LYS B 383 -19.76 -37.78 -42.95
CA LYS B 383 -20.45 -36.88 -43.86
C LYS B 383 -19.58 -36.42 -45.04
N GLY B 384 -18.34 -36.88 -45.13
CA GLY B 384 -17.46 -36.50 -46.21
C GLY B 384 -16.66 -35.23 -45.98
N PHE B 385 -16.69 -34.66 -44.78
CA PHE B 385 -15.97 -33.44 -44.46
C PHE B 385 -14.69 -33.76 -43.71
N ALA B 386 -13.58 -33.17 -44.14
CA ALA B 386 -12.30 -33.42 -43.50
C ALA B 386 -12.30 -32.88 -42.06
N SER B 387 -11.44 -33.48 -41.24
CA SER B 387 -11.36 -33.07 -39.84
C SER B 387 -10.89 -31.62 -39.68
N VAL B 388 -10.11 -31.12 -40.65
CA VAL B 388 -9.45 -29.83 -40.50
C VAL B 388 -10.41 -28.66 -40.62
N ASN B 389 -11.71 -28.93 -40.77
CA ASN B 389 -12.69 -27.86 -40.87
C ASN B 389 -13.04 -27.23 -39.53
N VAL B 390 -12.68 -27.89 -38.42
CA VAL B 390 -12.99 -27.39 -37.08
C VAL B 390 -11.69 -27.21 -36.31
N VAL B 391 -11.61 -26.12 -35.56
CA VAL B 391 -10.56 -25.90 -34.57
C VAL B 391 -11.14 -26.16 -33.19
N PHE B 392 -10.41 -26.91 -32.36
CA PHE B 392 -10.90 -27.31 -31.05
C PHE B 392 -10.28 -26.43 -29.96
N GLY B 393 -11.12 -25.69 -29.26
CA GLY B 393 -10.71 -24.96 -28.09
C GLY B 393 -10.68 -25.88 -26.87
N ILE B 394 -9.48 -26.24 -26.43
CA ILE B 394 -9.32 -27.22 -25.37
C ILE B 394 -9.24 -26.47 -24.05
N GLY B 395 -10.21 -26.71 -23.17
CA GLY B 395 -10.44 -25.90 -22.01
C GLY B 395 -10.04 -26.56 -20.69
N SER B 396 -10.44 -25.89 -19.60
CA SER B 396 -10.04 -26.33 -18.27
C SER B 396 -10.69 -27.64 -17.86
N PHE B 397 -11.84 -28.00 -18.45
CA PHE B 397 -12.43 -29.32 -18.21
C PHE B 397 -11.42 -30.42 -18.51
N THR B 398 -10.63 -30.24 -19.57
CA THR B 398 -9.58 -31.19 -19.93
C THR B 398 -8.35 -31.07 -19.03
N TYR B 399 -7.82 -29.85 -18.87
CA TYR B 399 -6.49 -29.67 -18.30
C TYR B 399 -6.50 -29.51 -16.79
N GLN B 400 -7.56 -28.94 -16.22
CA GLN B 400 -7.63 -28.79 -14.77
C GLN B 400 -8.17 -30.05 -14.08
N TYR B 401 -9.19 -30.69 -14.67
CA TYR B 401 -9.91 -31.76 -13.97
C TYR B 401 -9.11 -33.07 -14.01
N ASN B 402 -7.99 -33.07 -13.31
CA ASN B 402 -7.17 -34.25 -13.13
C ASN B 402 -6.56 -34.24 -11.74
N THR B 403 -6.00 -35.38 -11.35
CA THR B 403 -5.12 -35.46 -10.20
C THR B 403 -3.80 -36.07 -10.67
N ARG B 404 -2.84 -36.07 -9.75
CA ARG B 404 -1.60 -36.79 -10.04
C ARG B 404 -1.82 -38.30 -10.14
N ASP B 405 -2.96 -38.82 -9.68
CA ASP B 405 -3.30 -40.23 -9.86
C ASP B 405 -4.01 -40.51 -11.17
N THR B 406 -4.33 -39.48 -11.95
CA THR B 406 -4.86 -39.70 -13.30
C THR B 406 -3.92 -40.56 -14.12
N PHE B 407 -2.61 -40.32 -14.00
CA PHE B 407 -1.61 -41.23 -14.56
C PHE B 407 -0.76 -41.88 -13.47
N GLY B 408 -1.29 -41.96 -12.24
CA GLY B 408 -0.72 -42.82 -11.21
C GLY B 408 0.69 -42.46 -10.79
N PHE B 409 1.03 -41.18 -10.82
CA PHE B 409 2.39 -40.74 -10.54
C PHE B 409 2.75 -40.92 -9.06
N ALA B 410 4.00 -41.30 -8.82
CA ALA B 410 4.47 -41.33 -7.45
C ALA B 410 5.99 -41.26 -7.42
N MET B 411 6.49 -40.54 -6.41
CA MET B 411 7.86 -40.64 -5.94
C MET B 411 7.96 -41.82 -4.99
N LYS B 412 8.90 -42.71 -5.24
CA LYS B 412 9.11 -43.86 -4.37
C LYS B 412 10.60 -44.05 -4.13
N ALA B 413 10.98 -44.03 -2.86
CA ALA B 413 12.31 -44.53 -2.53
C ALA B 413 12.36 -46.01 -2.88
N THR B 414 13.33 -46.38 -3.71
CA THR B 414 13.54 -47.77 -4.04
C THR B 414 14.88 -48.30 -3.56
N TYR B 415 15.79 -47.45 -3.08
CA TYR B 415 17.12 -47.98 -2.83
C TYR B 415 17.79 -47.18 -1.73
N THR B 416 18.53 -47.86 -0.87
CA THR B 416 19.26 -47.15 0.16
C THR B 416 20.56 -47.87 0.49
N VAL B 417 21.55 -47.10 0.89
CA VAL B 417 22.82 -47.61 1.38
C VAL B 417 22.97 -47.21 2.84
N VAL B 418 23.21 -48.22 3.69
CA VAL B 418 23.32 -48.06 5.14
C VAL B 418 24.60 -48.77 5.59
N ASN B 419 25.56 -47.99 6.09
CA ASN B 419 26.86 -48.52 6.51
C ASN B 419 27.50 -49.36 5.41
N GLY B 420 27.42 -48.87 4.17
CA GLY B 420 28.00 -49.55 3.03
C GLY B 420 27.22 -50.74 2.53
N GLU B 421 26.12 -51.09 3.17
CA GLU B 421 25.28 -52.20 2.73
C GLU B 421 24.19 -51.66 1.82
N GLU B 422 24.10 -52.20 0.61
CA GLU B 422 23.01 -51.89 -0.30
C GLU B 422 21.74 -52.61 0.13
N ARG B 423 20.61 -51.93 0.03
CA ARG B 423 19.31 -52.47 0.40
C ARG B 423 18.26 -51.94 -0.54
N GLN B 424 17.20 -52.74 -0.71
CA GLN B 424 16.06 -52.37 -1.54
C GLN B 424 14.91 -51.92 -0.65
N ILE B 425 14.23 -50.85 -1.07
CA ILE B 425 13.13 -50.26 -0.33
C ILE B 425 11.84 -50.51 -1.11
N PHE B 426 10.81 -50.98 -0.39
CA PHE B 426 9.51 -51.26 -0.96
C PHE B 426 8.55 -51.56 0.18
N LYS B 427 7.27 -51.65 -0.15
CA LYS B 427 6.27 -52.21 0.74
C LYS B 427 5.51 -53.31 0.01
N ASN B 428 4.47 -53.84 0.66
CA ASN B 428 3.52 -54.73 0.00
C ASN B 428 2.31 -54.95 0.90
N SER B 438 6.06 -53.84 -7.79
CA SER B 438 6.66 -52.61 -7.30
C SER B 438 8.16 -52.58 -7.58
N GLN B 439 8.70 -51.38 -7.75
CA GLN B 439 10.10 -51.23 -8.10
C GLN B 439 10.99 -51.42 -6.88
N LYS B 440 12.11 -52.12 -7.09
CA LYS B 440 13.07 -52.45 -6.04
C LYS B 440 14.47 -52.13 -6.51
N GLY B 441 15.31 -51.60 -5.61
CA GLY B 441 16.69 -51.38 -5.97
C GLY B 441 16.85 -50.24 -6.98
N LEU B 442 18.03 -50.20 -7.60
CA LEU B 442 18.25 -49.21 -8.64
C LEU B 442 17.51 -49.60 -9.90
N VAL B 443 17.19 -48.60 -10.72
CA VAL B 443 16.38 -48.80 -11.91
C VAL B 443 17.10 -48.24 -13.12
N ALA B 444 16.75 -48.80 -14.28
CA ALA B 444 17.19 -48.31 -15.57
C ALA B 444 16.05 -48.55 -16.55
N VAL B 445 16.06 -47.82 -17.65
CA VAL B 445 15.08 -48.01 -18.70
C VAL B 445 15.85 -48.22 -19.99
N VAL B 446 15.60 -49.32 -20.68
CA VAL B 446 16.40 -49.69 -21.83
C VAL B 446 15.51 -49.92 -23.03
N ASN B 447 16.06 -49.69 -24.22
CA ASN B 447 15.36 -50.07 -25.44
C ASN B 447 15.40 -51.59 -25.58
N ASN B 448 14.23 -52.20 -25.57
CA ASN B 448 14.04 -53.64 -25.56
C ASN B 448 13.21 -53.94 -26.80
N GLY B 449 13.88 -54.34 -27.88
CA GLY B 449 13.21 -54.45 -29.16
C GLY B 449 12.69 -53.09 -29.58
N ASN B 450 11.39 -53.01 -29.81
CA ASN B 450 10.72 -51.77 -30.21
C ASN B 450 10.04 -51.07 -29.03
N GLU B 451 10.34 -51.47 -27.80
CA GLU B 451 9.67 -50.92 -26.63
C GLU B 451 10.69 -50.40 -25.63
N LEU B 452 10.22 -49.60 -24.68
CA LEU B 452 11.02 -49.21 -23.53
C LEU B 452 10.68 -50.10 -22.35
N SER B 453 11.71 -50.61 -21.67
CA SER B 453 11.49 -51.60 -20.64
C SER B 453 12.19 -51.20 -19.34
N LEU B 454 11.46 -51.39 -18.24
CA LEU B 454 12.03 -51.19 -16.91
C LEU B 454 12.98 -52.34 -16.57
N VAL B 455 14.12 -51.98 -15.99
CA VAL B 455 15.02 -52.93 -15.36
C VAL B 455 15.20 -52.47 -13.93
N ASP B 456 14.90 -53.34 -12.97
CA ASP B 456 15.08 -52.96 -11.58
C ASP B 456 15.82 -54.07 -10.83
N GLU B 457 15.85 -53.97 -9.50
CA GLU B 457 16.56 -54.92 -8.64
C GLU B 457 18.05 -54.93 -8.95
N LEU B 458 18.56 -53.81 -9.45
CA LEU B 458 19.98 -53.65 -9.74
C LEU B 458 20.74 -53.19 -8.51
N ASP B 459 21.90 -53.80 -8.26
CA ASP B 459 22.86 -53.20 -7.36
C ASP B 459 23.73 -52.20 -8.14
N ARG B 460 24.59 -51.48 -7.41
CA ARG B 460 25.34 -50.40 -8.05
C ARG B 460 26.28 -50.91 -9.15
N ASN B 461 26.83 -52.11 -8.99
CA ASN B 461 27.70 -52.67 -10.03
C ASN B 461 26.94 -52.95 -11.32
N ALA B 462 25.81 -53.65 -11.21
CA ALA B 462 25.01 -53.96 -12.38
C ALA B 462 24.49 -52.69 -13.05
N TYR B 463 24.06 -51.72 -12.25
CA TYR B 463 23.56 -50.44 -12.76
C TYR B 463 24.64 -49.69 -13.53
N LYS B 464 25.86 -49.65 -12.97
CA LYS B 464 26.98 -49.04 -13.69
C LYS B 464 27.23 -49.76 -15.00
N GLN B 465 27.11 -51.09 -15.00
CA GLN B 465 27.24 -51.84 -16.25
C GLN B 465 26.21 -51.39 -17.28
N LEU B 466 24.95 -51.24 -16.85
CA LEU B 466 23.86 -50.88 -17.75
C LEU B 466 23.86 -49.42 -18.18
N SER B 467 24.70 -48.58 -17.55
CA SER B 467 24.59 -47.13 -17.75
C SER B 467 24.55 -46.72 -19.22
N ASN B 468 25.36 -47.36 -20.08
CA ASN B 468 25.37 -47.00 -21.49
C ASN B 468 24.04 -47.26 -22.18
N ASP B 469 23.23 -48.19 -21.66
CA ASP B 469 21.96 -48.57 -22.26
C ASP B 469 20.76 -47.87 -21.62
N ASP B 470 20.95 -47.26 -20.46
CA ASP B 470 19.88 -46.56 -19.75
C ASP B 470 19.51 -45.30 -20.52
N ILE B 471 18.23 -45.18 -20.91
CA ILE B 471 17.82 -43.96 -21.60
C ILE B 471 17.57 -42.81 -20.64
N LEU B 472 17.61 -43.06 -19.34
CA LEU B 472 17.70 -41.97 -18.37
C LEU B 472 19.06 -41.30 -18.52
N GLU B 473 19.08 -39.97 -18.54
CA GLU B 473 20.32 -39.23 -18.70
C GLU B 473 20.55 -38.35 -17.48
N ASP B 474 21.83 -38.14 -17.15
CA ASP B 474 22.18 -37.16 -16.12
C ASP B 474 21.63 -35.79 -16.49
N VAL B 475 20.86 -35.20 -15.57
CA VAL B 475 20.21 -33.93 -15.87
C VAL B 475 20.64 -32.86 -14.86
N PHE B 476 20.97 -33.27 -13.63
CA PHE B 476 21.36 -32.30 -12.62
C PHE B 476 22.24 -32.97 -11.57
N ILE B 477 23.46 -32.48 -11.36
CA ILE B 477 24.29 -32.98 -10.28
C ILE B 477 24.94 -31.80 -9.56
N ASN B 478 24.73 -31.71 -8.24
CA ASN B 478 25.52 -30.84 -7.37
C ASN B 478 25.48 -29.38 -7.82
N GLY B 479 24.30 -28.93 -8.28
CA GLY B 479 24.13 -27.57 -8.72
C GLY B 479 24.35 -27.34 -10.19
N GLN B 480 24.89 -28.33 -10.91
CA GLN B 480 25.18 -28.19 -12.32
C GLN B 480 23.99 -28.68 -13.13
N LEU B 481 23.54 -27.84 -14.06
CA LEU B 481 22.62 -28.29 -15.10
C LEU B 481 23.42 -29.08 -16.13
N LEU B 482 23.01 -30.33 -16.38
CA LEU B 482 23.75 -31.19 -17.28
C LEU B 482 23.09 -31.38 -18.64
N ARG B 483 21.81 -31.07 -18.75
CA ARG B 483 21.07 -31.19 -20.00
C ARG B 483 20.14 -30.00 -20.10
N ASN B 484 20.13 -29.33 -21.25
CA ASN B 484 19.36 -28.11 -21.47
C ASN B 484 18.60 -28.25 -22.80
N GLN B 485 17.41 -28.82 -22.76
CA GLN B 485 16.63 -29.08 -23.96
C GLN B 485 15.89 -27.82 -24.39
N THR B 486 15.62 -27.71 -25.68
CA THR B 486 14.82 -26.61 -26.20
C THR B 486 13.43 -27.11 -26.54
N LEU B 487 12.46 -26.19 -26.51
CA LEU B 487 11.10 -26.48 -26.93
C LEU B 487 11.09 -27.10 -28.33
N SER B 488 11.88 -26.55 -29.25
CA SER B 488 11.95 -27.08 -30.60
C SER B 488 12.44 -28.53 -30.60
N GLU B 489 13.50 -28.81 -29.82
CA GLU B 489 14.00 -30.18 -29.71
C GLU B 489 12.95 -31.12 -29.15
N ILE B 490 12.22 -30.68 -28.13
CA ILE B 490 11.19 -31.52 -27.52
C ILE B 490 10.06 -31.78 -28.51
N ARG B 491 9.66 -30.75 -29.27
CA ARG B 491 8.62 -30.94 -30.28
C ARG B 491 9.08 -31.92 -31.35
N GLU B 492 10.34 -31.80 -31.78
CA GLU B 492 10.91 -32.73 -32.74
C GLU B 492 10.84 -34.16 -32.21
N LEU B 493 11.29 -34.36 -30.97
CA LEU B 493 11.25 -35.69 -30.36
C LEU B 493 9.83 -36.23 -30.29
N LEU B 494 8.87 -35.39 -29.92
CA LEU B 494 7.50 -35.84 -29.69
C LEU B 494 6.81 -36.20 -31.00
N LEU B 495 6.90 -35.32 -32.00
CA LEU B 495 6.04 -35.40 -33.18
C LEU B 495 6.70 -36.10 -34.36
N ASP B 496 8.02 -36.25 -34.36
CA ASP B 496 8.69 -36.96 -35.44
C ASP B 496 9.01 -38.39 -35.03
N LYS C 8 -10.42 9.55 15.73
CA LYS C 8 -11.21 9.38 16.95
C LYS C 8 -12.07 10.62 17.19
N TYR C 9 -11.41 11.77 17.36
CA TYR C 9 -12.09 13.05 17.19
C TYR C 9 -11.99 13.44 15.73
N THR C 10 -13.13 13.68 15.10
CA THR C 10 -13.17 13.95 13.66
C THR C 10 -13.41 15.44 13.43
N TYR C 11 -12.50 16.08 12.68
CA TYR C 11 -12.71 17.43 12.21
C TYR C 11 -13.53 17.31 10.94
N PRO C 12 -14.77 17.79 10.92
CA PRO C 12 -15.61 17.60 9.73
C PRO C 12 -14.93 18.16 8.49
N ALA C 13 -15.00 17.40 7.40
CA ALA C 13 -14.40 17.83 6.15
C ALA C 13 -15.12 19.03 5.55
N THR C 14 -16.34 19.30 6.01
CA THR C 14 -17.12 20.43 5.53
C THR C 14 -16.87 21.71 6.31
N LEU C 15 -16.00 21.69 7.34
CA LEU C 15 -15.77 22.85 8.19
C LEU C 15 -14.29 23.19 8.29
N LEU C 16 -13.51 22.85 7.27
CA LEU C 16 -12.09 23.24 7.20
C LEU C 16 -11.96 24.53 6.39
N CYS C 17 -12.39 25.63 7.01
CA CYS C 17 -12.50 26.89 6.28
C CYS C 17 -12.58 28.03 7.27
N ASP C 18 -12.62 29.25 6.74
CA ASP C 18 -13.02 30.39 7.54
C ASP C 18 -14.53 30.33 7.78
N PHE C 19 -14.95 30.86 8.94
CA PHE C 19 -16.35 30.79 9.30
C PHE C 19 -17.23 31.47 8.27
N TYR C 20 -16.79 32.60 7.71
CA TYR C 20 -17.65 33.30 6.76
C TYR C 20 -17.80 32.54 5.45
N LYS C 21 -16.87 31.62 5.13
CA LYS C 21 -17.04 30.78 3.94
C LYS C 21 -18.34 29.98 4.01
N VAL C 22 -18.78 29.63 5.22
CA VAL C 22 -20.03 28.90 5.39
C VAL C 22 -21.23 29.76 5.02
N SER C 23 -21.14 31.07 5.23
CA SER C 23 -22.26 31.97 5.00
C SER C 23 -22.36 32.48 3.57
N HIS C 24 -21.36 32.25 2.73
CA HIS C 24 -21.39 32.89 1.41
C HIS C 24 -22.40 32.24 0.47
N LYS C 25 -22.71 30.95 0.67
CA LYS C 25 -23.62 30.23 -0.22
C LYS C 25 -24.93 30.98 -0.40
N GLU C 26 -25.55 31.36 0.72
CA GLU C 26 -26.83 32.08 0.69
C GLU C 26 -26.68 33.53 0.25
N GLN C 27 -25.46 34.04 0.04
CA GLN C 27 -25.26 35.43 -0.35
C GLN C 27 -25.06 35.63 -1.85
N TYR C 28 -24.71 34.58 -2.60
CA TYR C 28 -24.45 34.73 -4.02
C TYR C 28 -25.74 35.12 -4.75
N PRO C 29 -25.62 35.79 -5.90
CA PRO C 29 -26.80 36.12 -6.69
C PRO C 29 -27.58 34.87 -7.05
N GLU C 30 -28.91 34.99 -7.09
CA GLU C 30 -29.75 33.86 -7.43
C GLU C 30 -29.41 33.36 -8.82
N GLY C 31 -29.54 32.04 -9.02
CA GLY C 31 -29.20 31.43 -10.28
C GLY C 31 -27.72 31.26 -10.52
N THR C 32 -26.87 31.49 -9.52
CA THR C 32 -25.45 31.27 -9.69
C THR C 32 -25.18 29.79 -9.93
N GLU C 33 -24.52 29.50 -11.05
CA GLU C 33 -24.26 28.13 -11.46
C GLU C 33 -22.80 27.76 -11.48
N LEU C 34 -21.88 28.72 -11.54
CA LEU C 34 -20.48 28.34 -11.54
C LEU C 34 -19.60 29.44 -10.99
N ILE C 35 -18.62 29.06 -10.17
CA ILE C 35 -17.56 29.94 -9.68
C ILE C 35 -16.21 29.30 -10.01
N TYR C 36 -15.32 30.09 -10.60
CA TYR C 36 -14.02 29.65 -11.07
C TYR C 36 -12.96 30.58 -10.49
N SER C 37 -11.98 29.99 -9.80
CA SER C 37 -10.93 30.73 -9.09
C SER C 37 -9.54 30.26 -9.53
N THR C 38 -8.57 31.16 -9.37
CA THR C 38 -7.18 30.92 -9.73
C THR C 38 -6.29 31.08 -8.50
N TRP C 39 -5.16 30.38 -8.52
CA TRP C 39 -4.12 30.46 -7.48
C TRP C 39 -2.90 31.13 -8.11
N THR C 40 -2.57 32.34 -7.64
CA THR C 40 -1.52 33.12 -8.30
C THR C 40 -0.52 33.65 -7.29
N PRO C 41 0.79 33.49 -7.55
CA PRO C 41 1.79 34.28 -6.80
C PRO C 41 1.90 35.69 -7.36
N ARG C 42 1.30 36.67 -6.67
CA ARG C 42 1.10 37.98 -7.26
C ARG C 42 2.28 38.93 -7.08
N THR C 43 3.28 38.57 -6.30
CA THR C 43 4.42 39.46 -6.08
C THR C 43 5.57 38.63 -5.54
N SER C 44 6.74 39.25 -5.43
CA SER C 44 7.89 38.63 -4.80
C SER C 44 8.54 39.59 -3.82
N ARG C 45 8.77 39.12 -2.59
CA ARG C 45 9.48 39.89 -1.59
C ARG C 45 10.92 39.44 -1.40
N VAL C 46 11.36 38.42 -2.13
CA VAL C 46 12.75 37.97 -2.13
C VAL C 46 13.41 38.50 -3.39
N GLU C 47 14.54 39.17 -3.24
CA GLU C 47 15.16 39.81 -4.39
C GLU C 47 15.94 38.80 -5.22
N ASP C 48 15.96 39.03 -6.53
CA ASP C 48 16.48 38.10 -7.53
C ASP C 48 15.69 36.81 -7.58
N ILE C 49 14.45 36.82 -7.08
CA ILE C 49 13.49 35.74 -7.28
C ILE C 49 12.26 36.34 -7.93
N ASP C 50 12.03 36.00 -9.19
CA ASP C 50 10.87 36.47 -9.92
C ASP C 50 10.06 35.31 -10.49
N ARG C 51 10.38 34.09 -10.10
CA ARG C 51 9.70 32.88 -10.54
C ARG C 51 9.65 31.93 -9.35
N VAL C 52 8.54 31.22 -9.20
CA VAL C 52 8.43 30.23 -8.13
C VAL C 52 8.41 28.84 -8.76
N VAL C 53 8.81 27.86 -7.96
CA VAL C 53 8.81 26.45 -8.36
C VAL C 53 7.47 25.86 -7.96
N ALA C 54 6.62 25.56 -8.94
CA ALA C 54 5.30 25.01 -8.63
C ALA C 54 5.44 23.66 -7.96
N PHE C 55 4.96 23.55 -6.72
CA PHE C 55 5.04 22.29 -6.00
C PHE C 55 3.97 22.24 -4.92
N GLY C 56 3.30 21.09 -4.82
CA GLY C 56 2.44 20.81 -3.69
C GLY C 56 1.01 20.42 -4.01
N PHE C 57 0.53 20.73 -5.22
CA PHE C 57 -0.89 20.54 -5.51
C PHE C 57 -1.30 19.08 -5.33
N GLN C 58 -0.48 18.16 -5.84
CA GLN C 58 -0.84 16.75 -5.82
C GLN C 58 -0.93 16.21 -4.39
N GLY C 59 0.00 16.61 -3.52
CA GLY C 59 -0.07 16.18 -2.14
C GLY C 59 -1.34 16.66 -1.46
N PHE C 60 -1.69 17.95 -1.67
CA PHE C 60 -2.92 18.48 -1.07
C PHE C 60 -4.14 17.76 -1.63
N ILE C 61 -4.14 17.47 -2.93
CA ILE C 61 -5.30 16.84 -3.57
C ILE C 61 -5.49 15.42 -3.05
N LYS C 62 -4.40 14.65 -3.00
CA LYS C 62 -4.48 13.28 -2.54
C LYS C 62 -4.86 13.20 -1.07
N LYS C 63 -4.24 14.05 -0.23
CA LYS C 63 -4.44 13.97 1.21
C LYS C 63 -5.85 14.39 1.61
N TYR C 64 -6.31 15.53 1.09
CA TYR C 64 -7.53 16.14 1.60
C TYR C 64 -8.72 15.97 0.68
N LEU C 65 -8.57 16.27 -0.62
CA LEU C 65 -9.73 16.20 -1.51
C LEU C 65 -10.11 14.77 -1.82
N ILE C 66 -9.15 13.84 -1.83
CA ILE C 66 -9.47 12.44 -2.06
C ILE C 66 -9.60 11.74 -0.72
N ASP C 67 -8.49 11.60 0.00
CA ASP C 67 -8.46 10.72 1.17
C ASP C 67 -9.30 11.27 2.31
N TYR C 68 -9.06 12.52 2.71
CA TYR C 68 -9.78 13.06 3.87
C TYR C 68 -11.29 13.09 3.62
N PHE C 69 -11.71 13.55 2.45
CA PHE C 69 -13.13 13.63 2.16
C PHE C 69 -13.75 12.24 2.02
N ASN C 70 -13.02 11.26 1.47
CA ASN C 70 -13.56 9.90 1.36
C ASN C 70 -13.71 9.26 2.73
N GLU C 71 -12.63 9.23 3.51
CA GLU C 71 -12.66 8.55 4.81
C GLU C 71 -13.57 9.26 5.80
N ASN C 72 -13.54 10.60 5.84
CA ASN C 72 -14.21 11.34 6.90
C ASN C 72 -15.59 11.87 6.52
N PHE C 73 -15.92 11.94 5.23
CA PHE C 73 -17.24 12.43 4.83
C PHE C 73 -18.03 11.43 3.99
N PHE C 74 -17.52 11.01 2.82
CA PHE C 74 -18.38 10.28 1.89
C PHE C 74 -18.65 8.86 2.38
N LYS C 75 -17.67 8.22 3.00
CA LYS C 75 -17.85 6.83 3.45
C LYS C 75 -18.56 6.72 4.80
N ARG C 76 -18.82 7.84 5.47
CA ARG C 76 -19.53 7.82 6.74
C ARG C 76 -21.04 7.95 6.52
N PRO C 77 -21.84 7.57 7.50
CA PRO C 77 -23.29 7.72 7.35
C PRO C 77 -23.67 9.18 7.13
N LYS C 78 -24.67 9.39 6.26
CA LYS C 78 -25.10 10.74 5.92
C LYS C 78 -25.57 11.51 7.16
N GLN C 79 -26.32 10.83 8.03
CA GLN C 79 -26.85 11.48 9.23
C GLN C 79 -25.72 12.01 10.12
N ASP C 80 -24.61 11.25 10.24
CA ASP C 80 -23.52 11.67 11.13
C ASP C 80 -22.84 12.94 10.64
N VAL C 81 -22.54 13.03 9.34
CA VAL C 81 -21.89 14.22 8.81
C VAL C 81 -22.83 15.41 8.89
N VAL C 82 -24.13 15.16 8.65
CA VAL C 82 -25.11 16.24 8.77
C VAL C 82 -25.12 16.76 10.20
N ASN C 83 -25.11 15.86 11.18
CA ASN C 83 -25.20 16.27 12.58
C ASN C 83 -23.95 17.01 13.04
N GLU C 84 -22.75 16.52 12.70
CA GLU C 84 -21.53 17.20 13.11
C GLU C 84 -21.49 18.63 12.57
N TYR C 85 -21.87 18.80 11.28
CA TYR C 85 -21.97 20.12 10.70
C TYR C 85 -22.97 20.99 11.48
N LYS C 86 -24.20 20.47 11.65
CA LYS C 86 -25.24 21.24 12.30
C LYS C 86 -24.84 21.65 13.71
N ARG C 87 -24.17 20.75 14.43
CA ARG C 87 -23.80 21.02 15.81
C ARG C 87 -22.82 22.17 15.90
N VAL C 88 -21.78 22.16 15.06
CA VAL C 88 -20.83 23.27 15.08
C VAL C 88 -21.51 24.57 14.70
N ILE C 89 -22.31 24.56 13.62
CA ILE C 89 -22.92 25.81 13.16
C ILE C 89 -23.86 26.36 14.23
N LYS C 90 -24.67 25.48 14.83
CA LYS C 90 -25.63 25.88 15.84
C LYS C 90 -24.96 26.53 17.04
N HIS C 91 -23.84 25.96 17.51
CA HIS C 91 -23.28 26.47 18.75
C HIS C 91 -22.12 27.44 18.57
N THR C 92 -21.73 27.74 17.33
CA THR C 92 -20.73 28.78 17.10
C THR C 92 -21.24 29.96 16.28
N LEU C 93 -22.41 29.86 15.65
CA LEU C 93 -22.96 30.98 14.88
C LEU C 93 -24.31 31.43 15.41
N GLN C 94 -24.81 30.80 16.48
CA GLN C 94 -26.08 31.18 17.10
C GLN C 94 -27.24 31.06 16.13
N VAL C 95 -27.36 29.88 15.51
CA VAL C 95 -28.44 29.55 14.59
C VAL C 95 -29.17 28.35 15.18
N ASP C 96 -30.48 28.49 15.39
CA ASP C 96 -31.23 27.46 16.10
C ASP C 96 -31.33 26.18 15.25
N ASP C 97 -31.69 26.31 13.98
CA ASP C 97 -31.75 25.17 13.07
C ASP C 97 -30.92 25.50 11.83
N PRO C 98 -29.65 25.11 11.80
CA PRO C 98 -28.84 25.36 10.61
C PRO C 98 -29.32 24.52 9.43
N ASP C 99 -29.23 25.10 8.24
CA ASP C 99 -29.56 24.37 7.02
C ASP C 99 -28.35 23.56 6.58
N ALA C 100 -28.50 22.24 6.52
CA ALA C 100 -27.45 21.36 6.02
C ALA C 100 -27.91 20.56 4.80
N SER C 101 -28.95 21.03 4.11
CA SER C 101 -29.46 20.30 2.95
C SER C 101 -28.41 20.23 1.84
N HIS C 102 -27.58 21.26 1.70
CA HIS C 102 -26.49 21.18 0.73
C HIS C 102 -25.46 20.14 1.14
N ILE C 103 -25.24 19.96 2.44
CA ILE C 103 -24.34 18.91 2.90
C ILE C 103 -24.91 17.54 2.57
N GLU C 104 -26.22 17.35 2.79
CA GLU C 104 -26.86 16.11 2.40
C GLU C 104 -26.72 15.86 0.91
N SER C 105 -26.93 16.89 0.11
CA SER C 105 -26.86 16.72 -1.34
C SER C 105 -25.45 16.34 -1.78
N LEU C 106 -24.44 17.00 -1.22
CA LEU C 106 -23.06 16.64 -1.53
C LEU C 106 -22.78 15.20 -1.14
N HIS C 107 -23.23 14.79 0.06
CA HIS C 107 -22.98 13.42 0.51
C HIS C 107 -23.68 12.40 -0.39
N GLU C 108 -24.93 12.67 -0.78
CA GLU C 108 -25.65 11.77 -1.67
C GLU C 108 -24.98 11.68 -3.03
N LEU C 109 -24.48 12.81 -3.54
CA LEU C 109 -23.73 12.80 -4.79
C LEU C 109 -22.58 11.79 -4.71
N GLY C 110 -21.86 11.74 -3.60
CA GLY C 110 -20.84 10.74 -3.37
C GLY C 110 -19.44 11.11 -3.77
N TYR C 111 -19.24 12.28 -4.38
CA TYR C 111 -17.92 12.71 -4.80
C TYR C 111 -17.88 14.23 -4.82
N LEU C 112 -16.67 14.78 -4.86
CA LEU C 112 -16.49 16.22 -4.94
C LEU C 112 -16.66 16.67 -6.39
N PRO C 113 -17.72 17.41 -6.72
CA PRO C 113 -17.96 17.80 -8.12
C PRO C 113 -17.13 19.01 -8.53
N ILE C 114 -15.81 18.85 -8.54
CA ILE C 114 -14.90 19.94 -8.85
C ILE C 114 -13.87 19.49 -9.88
N LYS C 115 -13.35 20.48 -10.60
CA LYS C 115 -12.29 20.30 -11.57
C LYS C 115 -11.15 21.23 -11.18
N ILE C 116 -9.98 20.64 -10.98
CA ILE C 116 -8.74 21.35 -10.68
C ILE C 116 -7.76 21.08 -11.83
N LYS C 117 -7.33 22.17 -12.46
CA LYS C 117 -6.28 22.17 -13.48
C LYS C 117 -5.05 22.87 -12.92
N ALA C 118 -3.87 22.40 -13.32
CA ALA C 118 -2.65 23.03 -12.80
C ALA C 118 -1.51 22.78 -13.75
N VAL C 119 -0.49 23.63 -13.62
CA VAL C 119 0.77 23.39 -14.33
C VAL C 119 1.45 22.16 -13.75
N LYS C 120 2.35 21.59 -14.55
CA LYS C 120 3.18 20.50 -14.07
C LYS C 120 4.02 20.97 -12.88
N GLU C 121 3.93 20.26 -11.77
CA GLU C 121 4.77 20.60 -10.63
C GLU C 121 6.23 20.39 -11.01
N GLY C 122 7.07 21.35 -10.60
CA GLY C 122 8.42 21.47 -11.09
C GLY C 122 8.61 22.56 -12.11
N THR C 123 7.52 23.10 -12.66
CA THR C 123 7.59 24.18 -13.63
C THR C 123 7.99 25.49 -12.97
N PHE C 124 8.89 26.22 -13.62
CA PHE C 124 9.15 27.59 -13.21
C PHE C 124 7.99 28.47 -13.68
N ILE C 125 7.45 29.27 -12.77
CA ILE C 125 6.33 30.11 -13.16
C ILE C 125 6.57 31.55 -12.72
N PRO C 126 6.49 32.50 -13.66
CA PRO C 126 6.74 33.91 -13.32
C PRO C 126 5.73 34.46 -12.34
N ILE C 127 6.18 35.45 -11.58
CA ILE C 127 5.28 36.21 -10.71
C ILE C 127 4.16 36.82 -11.55
N LYS C 128 2.94 36.79 -11.00
CA LYS C 128 1.70 37.31 -11.58
C LYS C 128 1.12 36.41 -12.66
N VAL C 129 1.59 35.18 -12.77
CA VAL C 129 1.04 34.19 -13.70
C VAL C 129 0.34 33.12 -12.85
N PRO C 130 -0.89 32.72 -13.20
CA PRO C 130 -1.58 31.70 -12.41
C PRO C 130 -1.00 30.31 -12.65
N MET C 131 -1.08 29.46 -11.61
CA MET C 131 -0.58 28.11 -11.71
C MET C 131 -1.63 27.03 -11.50
N LEU C 132 -2.82 27.37 -11.01
CA LEU C 132 -3.85 26.39 -10.73
C LEU C 132 -5.21 27.08 -10.82
N THR C 133 -6.21 26.31 -11.25
CA THR C 133 -7.59 26.78 -11.29
C THR C 133 -8.49 25.71 -10.70
N ILE C 134 -9.56 26.17 -10.07
CA ILE C 134 -10.57 25.29 -9.48
C ILE C 134 -11.96 25.81 -9.83
N GLU C 135 -12.86 24.87 -10.16
CA GLU C 135 -14.24 25.20 -10.48
C GLU C 135 -15.13 24.04 -10.09
N ASN C 136 -16.43 24.31 -9.97
CA ASN C 136 -17.41 23.25 -9.77
C ASN C 136 -17.88 22.70 -11.10
N THR C 137 -18.18 21.39 -11.13
CA THR C 137 -18.63 20.71 -12.34
C THR C 137 -20.13 20.52 -12.42
N ILE C 138 -20.87 20.79 -11.34
CA ILE C 138 -22.32 20.67 -11.32
C ILE C 138 -22.89 22.00 -10.83
N PRO C 139 -23.86 22.59 -11.54
CA PRO C 139 -24.37 23.91 -11.13
C PRO C 139 -24.80 24.01 -9.68
N GLU C 140 -25.48 22.98 -9.16
CA GLU C 140 -26.05 23.07 -7.82
C GLU C 140 -24.96 23.28 -6.76
N PHE C 141 -23.74 22.84 -7.03
CA PHE C 141 -22.64 22.99 -6.08
C PHE C 141 -21.73 24.15 -6.45
N PHE C 142 -22.28 25.23 -7.02
CA PHE C 142 -21.50 26.44 -7.24
C PHE C 142 -20.73 26.86 -5.99
N TRP C 143 -21.29 26.61 -4.81
CA TRP C 143 -20.67 27.06 -3.57
C TRP C 143 -19.36 26.34 -3.26
N ILE C 144 -19.23 25.08 -3.69
CA ILE C 144 -18.14 24.25 -3.19
C ILE C 144 -16.78 24.88 -3.52
N THR C 145 -16.65 25.46 -4.72
CA THR C 145 -15.43 26.15 -5.09
C THR C 145 -15.00 27.11 -3.99
N ASN C 146 -15.88 28.07 -3.67
CA ASN C 146 -15.56 29.07 -2.67
C ASN C 146 -15.17 28.39 -1.36
N TYR C 147 -15.94 27.36 -0.97
CA TYR C 147 -15.71 26.73 0.31
C TYR C 147 -14.28 26.20 0.43
N LEU C 148 -13.71 25.72 -0.68
CA LEU C 148 -12.43 25.03 -0.58
C LEU C 148 -11.25 25.99 -0.50
N GLU C 149 -11.48 27.27 -0.83
CA GLU C 149 -10.35 28.17 -1.10
C GLU C 149 -9.45 28.30 0.12
N THR C 150 -10.03 28.39 1.32
CA THR C 150 -9.21 28.54 2.52
C THR C 150 -8.24 27.38 2.64
N LEU C 151 -8.78 26.15 2.65
CA LEU C 151 -7.94 25.01 2.99
C LEU C 151 -6.83 24.83 1.96
N MET C 152 -7.19 24.91 0.68
CA MET C 152 -6.20 24.83 -0.38
C MET C 152 -5.06 25.81 -0.13
N SER C 153 -5.40 27.08 0.11
CA SER C 153 -4.35 28.08 0.32
C SER C 153 -3.50 27.68 1.51
N ASN C 154 -4.18 27.32 2.60
CA ASN C 154 -3.52 26.95 3.84
C ASN C 154 -2.49 25.87 3.62
N GLU C 155 -2.70 25.04 2.58
CA GLU C 155 -1.88 23.85 2.42
C GLU C 155 -0.84 23.96 1.32
N ILE C 156 -0.95 24.89 0.39
CA ILE C 156 -0.08 24.82 -0.78
C ILE C 156 0.91 25.97 -0.91
N TRP C 157 0.75 27.05 -0.15
CA TRP C 157 1.72 28.14 -0.28
C TRP C 157 3.10 27.73 0.25
N GLN C 158 3.14 26.98 1.37
CA GLN C 158 4.43 26.65 1.97
C GLN C 158 5.27 25.70 1.12
N PRO C 159 4.77 24.57 0.62
CA PRO C 159 5.64 23.69 -0.18
C PRO C 159 6.19 24.38 -1.43
N THR C 160 5.41 25.25 -2.07
CA THR C 160 5.95 26.00 -3.19
C THR C 160 7.03 26.97 -2.72
N THR C 161 6.75 27.71 -1.64
CA THR C 161 7.70 28.68 -1.12
C THR C 161 9.03 28.01 -0.75
N SER C 162 8.95 26.91 0.00
CA SER C 162 10.17 26.19 0.31
C SER C 162 10.86 25.71 -0.96
N ALA C 163 10.08 25.17 -1.92
CA ALA C 163 10.69 24.69 -3.16
C ALA C 163 11.38 25.83 -3.88
N THR C 164 10.86 27.04 -3.78
CA THR C 164 11.52 28.17 -4.43
C THR C 164 12.81 28.50 -3.71
N LEU C 165 12.75 28.58 -2.38
CA LEU C 165 13.93 28.99 -1.62
C LEU C 165 15.05 27.99 -1.78
N ALA C 166 14.72 26.69 -1.66
CA ALA C 166 15.69 25.64 -1.93
C ALA C 166 16.36 25.85 -3.28
N TYR C 167 15.55 26.09 -4.32
CA TYR C 167 16.14 26.18 -5.65
C TYR C 167 17.12 27.34 -5.74
N GLU C 168 16.85 28.43 -5.01
CA GLU C 168 17.78 29.54 -5.02
C GLU C 168 19.15 29.09 -4.55
N TYR C 169 19.20 28.39 -3.42
CA TYR C 169 20.48 27.82 -2.98
C TYR C 169 21.07 26.98 -4.09
N ARG C 170 20.25 26.10 -4.68
CA ARG C 170 20.73 25.22 -5.75
C ARG C 170 21.33 26.04 -6.87
N LYS C 171 20.64 27.12 -7.27
CA LYS C 171 21.10 27.94 -8.38
C LYS C 171 22.49 28.50 -8.11
N ILE C 172 22.73 28.92 -6.87
CA ILE C 172 24.05 29.44 -6.52
C ILE C 172 25.06 28.31 -6.53
N LEU C 173 24.72 27.19 -5.88
CA LEU C 173 25.71 26.12 -5.70
C LEU C 173 26.04 25.44 -7.02
N ASP C 174 25.08 25.37 -7.94
CA ASP C 174 25.40 24.91 -9.28
C ASP C 174 26.41 25.85 -9.95
N GLU C 175 26.12 27.16 -9.92
CA GLU C 175 26.95 28.11 -10.67
C GLU C 175 28.39 28.04 -10.21
N TYR C 176 28.60 28.17 -8.90
CA TYR C 176 29.95 28.13 -8.35
C TYR C 176 30.60 26.77 -8.60
N ALA C 177 29.80 25.70 -8.55
CA ALA C 177 30.35 24.38 -8.84
C ALA C 177 30.92 24.34 -10.26
N MET C 178 30.18 24.89 -11.23
CA MET C 178 30.73 24.97 -12.58
C MET C 178 31.94 25.88 -12.63
N GLU C 179 31.88 27.00 -11.90
CA GLU C 179 32.92 28.01 -12.03
C GLU C 179 34.23 27.55 -11.42
N THR C 180 34.16 26.83 -10.30
CA THR C 180 35.38 26.46 -9.58
C THR C 180 35.81 25.02 -9.79
N VAL C 181 34.89 24.12 -10.16
CA VAL C 181 35.18 22.71 -10.31
C VAL C 181 34.98 22.23 -11.73
N GLY C 182 33.94 22.72 -12.41
CA GLY C 182 33.63 22.29 -13.75
C GLY C 182 32.50 21.29 -13.87
N ASN C 183 31.90 20.87 -12.76
CA ASN C 183 30.73 20.00 -12.77
C ASN C 183 29.91 20.27 -11.51
N LYS C 184 28.68 19.75 -11.49
CA LYS C 184 27.75 19.95 -10.39
C LYS C 184 27.54 18.68 -9.58
N LEU C 185 28.47 17.72 -9.64
CA LEU C 185 28.21 16.39 -9.11
C LEU C 185 28.11 16.36 -7.59
N ALA C 186 28.54 17.41 -6.89
CA ALA C 186 28.45 17.46 -5.44
C ALA C 186 27.28 18.30 -4.93
N VAL C 187 26.56 18.98 -5.82
CA VAL C 187 25.53 19.91 -5.38
C VAL C 187 24.35 19.19 -4.72
N ASP C 188 24.07 17.93 -5.13
CA ASP C 188 22.92 17.20 -4.58
C ASP C 188 22.94 17.21 -3.06
N PHE C 189 24.12 17.09 -2.46
CA PHE C 189 24.27 17.00 -1.02
C PHE C 189 24.73 18.31 -0.37
N GLN C 190 24.98 19.34 -1.17
CA GLN C 190 25.52 20.58 -0.63
C GLN C 190 24.47 21.44 0.06
N GLY C 191 23.19 21.20 -0.20
CA GLY C 191 22.12 21.83 0.56
C GLY C 191 21.43 20.80 1.44
N HIS C 192 21.52 20.97 2.76
CA HIS C 192 21.11 19.94 3.70
C HIS C 192 20.09 20.51 4.67
N ASP C 193 18.88 19.93 4.67
CA ASP C 193 17.79 20.46 5.47
C ASP C 193 18.00 20.15 6.95
N PHE C 194 18.10 21.21 7.77
CA PHE C 194 18.28 21.12 9.22
C PHE C 194 17.06 21.62 10.00
N SER C 195 15.97 21.96 9.30
CA SER C 195 14.97 22.90 9.80
C SER C 195 13.86 22.31 10.66
N MET C 196 13.80 20.97 10.83
CA MET C 196 12.56 20.36 11.32
C MET C 196 12.15 20.90 12.69
N ARG C 197 13.09 21.03 13.61
CA ARG C 197 12.74 21.51 14.94
C ARG C 197 12.15 22.91 14.93
N GLY C 198 12.32 23.66 13.84
CA GLY C 198 11.87 25.03 13.80
C GLY C 198 10.66 25.30 12.92
N MET C 199 10.19 24.28 12.20
CA MET C 199 8.91 24.40 11.52
C MET C 199 7.80 24.49 12.58
N SER C 200 6.66 25.06 12.17
CA SER C 200 5.60 25.35 13.14
C SER C 200 4.81 24.11 13.53
N SER C 201 4.94 23.02 12.79
CA SER C 201 4.21 21.78 13.04
C SER C 201 4.81 20.69 12.15
N LEU C 202 4.55 19.44 12.53
CA LEU C 202 5.09 18.31 11.76
C LEU C 202 4.59 18.32 10.32
N GLU C 203 3.34 18.73 10.09
CA GLU C 203 2.87 18.71 8.71
C GLU C 203 3.52 19.84 7.89
N SER C 204 3.75 21.00 8.51
CA SER C 204 4.55 22.02 7.82
C SER C 204 5.98 21.55 7.61
N THR C 205 6.52 20.77 8.54
CA THR C 205 7.81 20.12 8.31
C THR C 205 7.79 19.28 7.04
N LYS C 206 6.78 18.41 6.92
CA LYS C 206 6.70 17.54 5.74
C LYS C 206 6.64 18.35 4.46
N LEU C 207 5.77 19.37 4.44
CA LEU C 207 5.57 20.15 3.22
C LEU C 207 6.84 20.90 2.82
N SER C 208 7.48 21.54 3.80
CA SER C 208 8.66 22.34 3.50
C SER C 208 9.84 21.45 3.09
N GLY C 209 10.09 20.38 3.86
CA GLY C 209 11.21 19.50 3.53
C GLY C 209 11.02 18.80 2.20
N ALA C 210 9.77 18.44 1.88
CA ALA C 210 9.48 17.92 0.55
C ALA C 210 9.86 18.93 -0.52
N GLY C 211 9.59 20.21 -0.26
CA GLY C 211 10.02 21.23 -1.21
C GLY C 211 11.54 21.32 -1.32
N HIS C 212 12.24 21.20 -0.20
CA HIS C 212 13.70 21.17 -0.23
C HIS C 212 14.23 20.00 -1.05
N LEU C 213 13.53 18.87 -1.02
CA LEU C 213 14.05 17.67 -1.68
C LEU C 213 13.85 17.68 -3.21
N LEU C 214 13.18 18.68 -3.78
CA LEU C 214 13.17 18.75 -5.24
C LEU C 214 14.52 19.19 -5.79
N SER C 215 15.24 20.04 -5.08
CA SER C 215 16.54 20.57 -5.51
C SER C 215 17.72 19.79 -4.97
N PHE C 216 17.59 19.17 -3.80
CA PHE C 216 18.69 18.50 -3.11
C PHE C 216 18.25 17.13 -2.65
N THR C 217 19.24 16.27 -2.37
CA THR C 217 19.00 15.00 -1.71
C THR C 217 19.46 14.98 -0.26
N GLY C 218 20.30 15.91 0.16
CA GLY C 218 20.75 15.94 1.53
C GLY C 218 19.67 16.50 2.44
N THR C 219 19.35 15.76 3.50
CA THR C 219 18.34 16.23 4.44
C THR C 219 18.49 15.46 5.74
N ASP C 220 18.18 16.14 6.85
CA ASP C 220 17.96 15.46 8.12
C ASP C 220 16.49 15.27 8.45
N THR C 221 15.59 15.82 7.63
CA THR C 221 14.16 15.75 7.86
C THR C 221 13.61 14.44 7.31
N ILE C 222 13.66 13.39 8.14
CA ILE C 222 13.13 12.08 7.73
C ILE C 222 11.69 12.15 7.22
N PRO C 223 10.77 12.86 7.89
CA PRO C 223 9.38 12.87 7.40
C PRO C 223 9.22 13.42 6.00
N ALA C 224 10.12 14.28 5.52
CA ALA C 224 10.00 14.82 4.16
C ALA C 224 10.27 13.75 3.10
N ILE C 225 11.31 12.94 3.33
CA ILE C 225 11.55 11.77 2.48
C ILE C 225 10.31 10.89 2.45
N LEU C 226 9.75 10.63 3.64
CA LEU C 226 8.59 9.74 3.67
C LEU C 226 7.36 10.38 3.03
N TYR C 227 7.26 11.72 3.08
CA TYR C 227 6.17 12.42 2.41
C TYR C 227 6.22 12.20 0.91
N HIS C 228 7.42 12.28 0.33
CA HIS C 228 7.53 11.98 -1.10
C HIS C 228 7.16 10.54 -1.39
N GLU C 229 7.49 9.61 -0.48
CA GLU C 229 6.97 8.25 -0.67
C GLU C 229 5.45 8.24 -0.63
N GLU C 230 4.85 9.04 0.25
CA GLU C 230 3.41 8.98 0.48
C GLU C 230 2.62 9.54 -0.71
N PHE C 231 3.03 10.69 -1.23
CA PHE C 231 2.20 11.39 -2.20
C PHE C 231 2.80 11.53 -3.58
N TYR C 232 4.11 11.36 -3.74
CA TYR C 232 4.74 11.59 -5.03
C TYR C 232 5.42 10.33 -5.56
N ASN C 233 4.93 9.16 -5.14
CA ASN C 233 5.27 7.86 -5.73
C ASN C 233 6.77 7.55 -5.62
N ALA C 234 7.43 8.12 -4.62
CA ALA C 234 8.83 7.79 -4.41
C ALA C 234 8.94 6.45 -3.67
N ASN C 235 10.16 5.90 -3.70
CA ASN C 235 10.46 4.72 -2.89
C ASN C 235 11.96 4.69 -2.66
N ILE C 236 12.37 4.71 -1.39
CA ILE C 236 13.78 4.76 -1.04
C ILE C 236 14.52 3.50 -1.44
N GLU C 237 13.81 2.40 -1.71
CA GLU C 237 14.46 1.16 -2.10
C GLU C 237 14.93 1.20 -3.56
N ASN C 238 14.28 2.00 -4.40
CA ASN C 238 14.58 2.01 -5.82
C ASN C 238 15.22 3.30 -6.32
N GLU C 239 15.27 4.35 -5.49
CA GLU C 239 15.80 5.63 -5.91
C GLU C 239 16.27 6.38 -4.68
N LEU C 240 17.22 7.29 -4.88
CA LEU C 240 17.73 8.09 -3.77
C LEU C 240 16.78 9.27 -3.56
N VAL C 241 15.89 9.13 -2.57
CA VAL C 241 14.99 10.23 -2.24
C VAL C 241 15.71 11.25 -1.38
N GLY C 242 16.14 10.84 -0.19
CA GLY C 242 16.95 11.68 0.66
C GLY C 242 17.99 10.84 1.36
N SER C 243 19.05 11.50 1.81
CA SER C 243 20.12 10.80 2.50
C SER C 243 20.77 11.72 3.52
N SER C 244 21.44 11.10 4.48
CA SER C 244 22.12 11.84 5.54
C SER C 244 23.27 11.00 6.06
N ILE C 245 23.89 11.48 7.14
CA ILE C 245 25.12 10.90 7.68
C ILE C 245 25.06 10.95 9.20
N PRO C 246 25.82 10.08 9.88
CA PRO C 246 25.94 10.22 11.33
C PRO C 246 26.57 11.57 11.68
N ALA C 247 26.09 12.18 12.76
CA ALA C 247 26.57 13.48 13.20
C ALA C 247 26.37 13.60 14.70
N THR C 248 27.40 14.09 15.38
CA THR C 248 27.29 14.35 16.81
C THR C 248 26.61 15.71 17.05
N GLU C 249 26.30 15.96 18.31
CA GLU C 249 25.63 17.18 18.73
C GLU C 249 26.23 17.66 20.04
N HIS C 250 25.97 18.93 20.37
CA HIS C 250 26.65 19.57 21.49
C HIS C 250 26.47 18.80 22.79
N SER C 251 25.26 18.33 23.08
CA SER C 251 25.02 17.62 24.33
C SER C 251 25.83 16.32 24.40
N VAL C 252 25.95 15.61 23.28
CA VAL C 252 26.75 14.38 23.26
C VAL C 252 28.22 14.68 23.49
N MET C 253 28.78 15.62 22.72
CA MET C 253 30.17 16.03 22.92
C MET C 253 30.44 16.45 24.35
N CYS C 254 29.52 17.24 24.93
CA CYS C 254 29.67 17.64 26.32
C CYS C 254 29.70 16.44 27.25
N ALA C 255 28.77 15.49 27.05
CA ALA C 255 28.74 14.30 27.90
C ALA C 255 30.03 13.49 27.80
N ASN C 256 30.72 13.56 26.66
CA ASN C 256 31.94 12.78 26.51
C ASN C 256 33.18 13.42 27.13
N GLY C 257 33.09 14.68 27.59
CA GLY C 257 34.19 15.28 28.31
C GLY C 257 35.17 16.05 27.43
N GLN C 258 36.15 16.66 28.11
CA GLN C 258 37.06 17.61 27.51
C GLN C 258 38.34 16.98 26.98
N ASP C 259 38.54 15.66 27.13
CA ASP C 259 39.63 14.97 26.46
C ASP C 259 39.20 14.71 25.02
N GLU C 260 39.21 15.80 24.23
CA GLU C 260 38.60 15.77 22.92
C GLU C 260 39.36 14.86 21.95
N TYR C 261 40.66 14.69 22.15
CA TYR C 261 41.41 13.77 21.31
C TYR C 261 40.86 12.36 21.42
N VAL C 262 40.65 11.87 22.65
CA VAL C 262 40.13 10.52 22.86
C VAL C 262 38.73 10.39 22.25
N VAL C 263 37.89 11.40 22.44
CA VAL C 263 36.51 11.33 21.95
C VAL C 263 36.47 11.29 20.43
N PHE C 264 37.18 12.22 19.79
CA PHE C 264 37.22 12.28 18.33
C PHE C 264 37.79 10.99 17.76
N LYS C 265 38.89 10.49 18.34
CA LYS C 265 39.52 9.28 17.83
C LYS C 265 38.59 8.08 17.97
N LYS C 266 37.88 7.99 19.09
CA LYS C 266 36.92 6.90 19.23
C LYS C 266 35.81 7.02 18.19
N LEU C 267 35.34 8.24 17.93
CA LEU C 267 34.29 8.41 16.93
C LEU C 267 34.76 7.97 15.54
N ILE C 268 35.99 8.32 15.15
CA ILE C 268 36.41 8.08 13.78
C ILE C 268 37.10 6.74 13.54
N THR C 269 37.60 6.09 14.61
CA THR C 269 38.27 4.79 14.45
C THR C 269 37.47 3.61 14.98
N GLU C 270 36.48 3.83 15.85
CA GLU C 270 35.68 2.74 16.40
C GLU C 270 34.20 2.88 16.05
N THR C 271 33.57 4.01 16.39
CA THR C 271 32.13 4.15 16.21
C THR C 271 31.76 4.24 14.74
N TYR C 272 32.51 5.03 13.96
CA TYR C 272 32.31 5.15 12.52
C TYR C 272 33.67 5.01 11.84
N PRO C 273 34.21 3.78 11.78
CA PRO C 273 35.54 3.59 11.18
C PRO C 273 35.56 3.88 9.70
N GLU C 274 34.40 3.97 9.04
CA GLU C 274 34.33 4.30 7.63
C GLU C 274 33.08 5.11 7.38
N GLY C 275 32.96 5.61 6.16
CA GLY C 275 31.82 6.42 5.80
C GLY C 275 31.98 7.87 6.24
N PHE C 276 30.91 8.62 6.08
CA PHE C 276 30.87 9.99 6.55
C PHE C 276 30.57 10.04 8.04
N VAL C 277 31.14 11.01 8.72
CA VAL C 277 30.70 11.34 10.07
C VAL C 277 30.94 12.82 10.31
N SER C 278 29.91 13.51 10.81
CA SER C 278 29.99 14.94 11.11
C SER C 278 30.20 15.10 12.61
N ILE C 279 31.16 15.94 12.99
CA ILE C 279 31.49 16.13 14.40
C ILE C 279 31.42 17.63 14.70
N VAL C 280 30.49 18.01 15.58
CA VAL C 280 30.41 19.40 16.01
C VAL C 280 31.57 19.68 16.95
N SER C 281 32.25 20.82 16.74
CA SER C 281 33.58 21.00 17.28
C SER C 281 33.77 22.25 18.13
N ASP C 282 32.71 23.01 18.40
CA ASP C 282 32.83 24.27 19.13
C ASP C 282 32.29 24.17 20.56
N THR C 283 32.20 22.96 21.11
CA THR C 283 31.61 22.81 22.44
C THR C 283 32.43 23.52 23.51
N TRP C 284 33.76 23.42 23.43
CA TRP C 284 34.62 24.15 24.36
C TRP C 284 35.51 25.17 23.66
N ASP C 285 36.32 24.75 22.71
CA ASP C 285 37.18 25.67 21.97
C ASP C 285 37.33 25.12 20.55
N PHE C 286 36.69 25.79 19.59
CA PHE C 286 36.67 25.33 18.21
C PHE C 286 38.06 25.30 17.60
N TRP C 287 38.78 26.43 17.69
CA TRP C 287 40.09 26.50 17.04
C TRP C 287 41.10 25.62 17.75
N ASN C 288 40.94 25.39 19.05
CA ASN C 288 41.78 24.41 19.72
C ASN C 288 41.54 23.01 19.18
N VAL C 289 40.27 22.67 18.88
CA VAL C 289 39.98 21.37 18.27
C VAL C 289 40.65 21.26 16.90
N ILE C 290 40.47 22.27 16.06
CA ILE C 290 41.07 22.24 14.73
C ILE C 290 42.59 22.12 14.82
N ASP C 291 43.21 22.96 15.65
CA ASP C 291 44.66 23.11 15.70
C ASP C 291 45.36 21.97 16.44
N THR C 292 44.72 21.43 17.47
CA THR C 292 45.33 20.45 18.36
C THR C 292 44.72 19.06 18.24
N VAL C 293 43.42 18.96 17.98
CA VAL C 293 42.77 17.66 17.94
C VAL C 293 42.70 17.12 16.51
N VAL C 294 42.15 17.91 15.58
CA VAL C 294 42.00 17.44 14.20
C VAL C 294 43.36 17.19 13.58
N ARG C 295 44.28 18.15 13.76
CA ARG C 295 45.62 18.05 13.19
C ARG C 295 46.32 16.79 13.70
N LYS C 296 46.27 16.54 15.01
CA LYS C 296 46.90 15.37 15.59
C LYS C 296 46.28 14.06 15.10
N LEU C 297 45.03 14.09 14.63
CA LEU C 297 44.38 12.90 14.11
C LEU C 297 44.55 12.77 12.60
N LYS C 298 45.42 13.58 12.00
CA LYS C 298 45.54 13.63 10.54
C LYS C 298 45.70 12.23 9.95
N GLY C 299 46.72 11.51 10.41
CA GLY C 299 46.93 10.15 9.90
C GLY C 299 45.69 9.30 10.05
N ASP C 300 45.10 9.28 11.24
CA ASP C 300 43.87 8.53 11.45
C ASP C 300 42.80 8.95 10.46
N ILE C 301 42.60 10.26 10.31
CA ILE C 301 41.58 10.75 9.39
C ILE C 301 41.88 10.29 7.98
N LEU C 302 43.15 10.37 7.57
CA LEU C 302 43.47 10.01 6.20
C LEU C 302 43.42 8.51 5.96
N LYS C 303 43.33 7.70 7.01
CA LYS C 303 43.36 6.26 6.84
C LYS C 303 41.96 5.64 6.81
N ARG C 304 40.94 6.38 7.23
CA ARG C 304 39.56 5.91 7.11
C ARG C 304 39.15 5.84 5.64
N ASP C 305 38.28 4.88 5.34
CA ASP C 305 37.62 4.87 4.03
C ASP C 305 36.31 5.64 4.18
N GLY C 306 36.40 6.96 4.06
CA GLY C 306 35.25 7.82 4.28
C GLY C 306 35.70 9.26 4.49
N LYS C 307 34.83 10.03 5.13
CA LYS C 307 35.08 11.46 5.32
C LYS C 307 34.70 11.90 6.73
N VAL C 308 35.58 12.69 7.33
CA VAL C 308 35.32 13.33 8.62
C VAL C 308 34.94 14.77 8.33
N VAL C 309 33.72 15.15 8.69
CA VAL C 309 33.15 16.46 8.39
C VAL C 309 33.18 17.29 9.67
N ILE C 310 33.85 18.43 9.61
CA ILE C 310 33.94 19.32 10.77
C ILE C 310 32.76 20.27 10.73
N ARG C 311 32.03 20.36 11.84
CA ARG C 311 30.89 21.27 11.92
C ARG C 311 31.08 22.32 13.00
N PRO C 312 31.33 23.57 12.66
CA PRO C 312 31.18 24.64 13.64
C PRO C 312 29.71 25.07 13.75
N ASP C 313 29.35 25.61 14.91
CA ASP C 313 27.95 25.97 15.12
C ASP C 313 27.81 27.34 15.81
N SER C 314 28.85 28.17 15.76
CA SER C 314 28.81 29.48 16.39
C SER C 314 29.56 30.46 15.48
N GLY C 315 29.91 31.62 16.03
CA GLY C 315 30.62 32.63 15.30
C GLY C 315 29.83 33.18 14.11
N ASP C 316 30.50 34.02 13.35
CA ASP C 316 29.95 34.49 12.08
C ASP C 316 30.16 33.41 11.03
N PRO C 317 29.11 32.93 10.36
CA PRO C 317 29.30 31.85 9.38
C PRO C 317 30.38 32.16 8.34
N VAL C 318 30.29 33.35 7.73
CA VAL C 318 31.23 33.74 6.68
C VAL C 318 32.66 33.74 7.22
N LYS C 319 32.86 34.35 8.39
CA LYS C 319 34.22 34.50 8.91
C LYS C 319 34.79 33.19 9.41
N ILE C 320 33.95 32.32 9.97
CA ILE C 320 34.41 31.00 10.41
C ILE C 320 34.87 30.19 9.21
N ILE C 321 34.06 30.18 8.14
CA ILE C 321 34.37 29.33 6.99
C ILE C 321 35.53 29.91 6.18
N CYS C 322 35.48 31.21 5.88
CA CYS C 322 36.39 31.84 4.93
C CYS C 322 37.56 32.55 5.60
N GLY C 323 37.50 32.76 6.91
CA GLY C 323 38.52 33.54 7.59
C GLY C 323 38.06 34.94 7.94
N ASP C 324 38.59 35.45 9.05
CA ASP C 324 38.33 36.82 9.48
C ASP C 324 39.55 37.65 9.11
N PRO C 325 39.46 38.53 8.11
CA PRO C 325 40.64 39.29 7.68
C PRO C 325 41.18 40.24 8.73
N GLU C 326 40.36 40.62 9.72
CA GLU C 326 40.80 41.51 10.78
C GLU C 326 41.34 40.77 12.00
N ALA C 327 41.38 39.44 11.94
CA ALA C 327 41.82 38.63 13.06
C ALA C 327 43.34 38.50 13.08
N LYS C 328 43.90 38.42 14.29
CA LYS C 328 45.35 38.36 14.48
C LYS C 328 45.89 36.95 14.62
N ASP C 329 45.11 36.01 15.14
CA ASP C 329 45.52 34.61 15.15
C ASP C 329 45.41 34.05 13.74
N GLU C 330 46.47 33.38 13.28
CA GLU C 330 46.52 32.96 11.88
C GLU C 330 45.43 31.98 11.52
N LEU C 331 45.00 31.14 12.48
CA LEU C 331 43.92 30.19 12.18
C LEU C 331 42.61 30.93 11.97
N VAL C 332 42.30 31.90 12.85
CA VAL C 332 41.08 32.68 12.72
C VAL C 332 41.11 33.50 11.43
N ARG C 333 42.28 34.05 11.07
CA ARG C 333 42.38 34.82 9.84
C ARG C 333 42.20 33.94 8.61
N LYS C 334 42.77 32.74 8.62
CA LYS C 334 42.67 31.86 7.46
C LYS C 334 41.31 31.22 7.32
N GLY C 335 40.63 30.92 8.43
CA GLY C 335 39.34 30.26 8.38
C GLY C 335 39.46 28.76 8.19
N LEU C 336 38.32 28.10 8.41
CA LEU C 336 38.30 26.64 8.56
C LEU C 336 38.79 25.93 7.30
N ILE C 337 38.27 26.34 6.12
CA ILE C 337 38.62 25.62 4.90
C ILE C 337 40.11 25.73 4.61
N GLU C 338 40.67 26.93 4.77
CA GLU C 338 42.10 27.08 4.51
C GLU C 338 42.94 26.32 5.52
N VAL C 339 42.54 26.32 6.80
CA VAL C 339 43.32 25.59 7.80
C VAL C 339 43.25 24.09 7.55
N LEU C 340 42.06 23.59 7.20
CA LEU C 340 41.93 22.18 6.84
C LEU C 340 42.77 21.85 5.62
N TRP C 341 42.86 22.78 4.66
CA TRP C 341 43.77 22.59 3.54
C TRP C 341 45.22 22.53 4.01
N ASP C 342 45.59 23.42 4.94
CA ASP C 342 46.95 23.44 5.48
C ASP C 342 47.30 22.11 6.15
N ILE C 343 46.31 21.46 6.74
CA ILE C 343 46.57 20.20 7.43
C ILE C 343 46.58 19.02 6.46
N PHE C 344 45.57 18.93 5.59
CA PHE C 344 45.39 17.75 4.74
C PHE C 344 45.72 17.97 3.27
N GLY C 345 45.82 19.22 2.81
CA GLY C 345 46.02 19.40 1.39
C GLY C 345 44.82 18.91 0.60
N GLY C 346 45.07 18.56 -0.66
CA GLY C 346 44.03 18.01 -1.50
C GLY C 346 44.34 18.11 -2.98
N ASN C 347 43.39 18.61 -3.76
CA ASN C 347 43.49 18.61 -5.21
C ASN C 347 43.25 20.02 -5.77
N VAL C 348 43.71 20.22 -6.99
CA VAL C 348 43.58 21.49 -7.70
C VAL C 348 42.83 21.24 -8.99
N THR C 349 41.79 22.03 -9.25
CA THR C 349 40.97 21.82 -10.43
C THR C 349 41.62 22.44 -11.66
N ASP C 350 41.03 22.14 -12.83
CA ASP C 350 41.51 22.71 -14.09
C ASP C 350 41.48 24.23 -14.07
N LYS C 351 40.61 24.82 -13.25
CA LYS C 351 40.48 26.27 -13.16
C LYS C 351 41.31 26.87 -12.04
N GLY C 352 42.04 26.05 -11.30
CA GLY C 352 42.96 26.54 -10.31
C GLY C 352 42.44 26.64 -8.90
N TYR C 353 41.32 26.00 -8.59
CA TYR C 353 40.72 26.10 -7.27
C TYR C 353 41.05 24.86 -6.44
N LYS C 354 41.14 25.05 -5.13
CA LYS C 354 41.54 23.99 -4.21
C LYS C 354 40.31 23.24 -3.70
N VAL C 355 40.35 21.92 -3.80
CA VAL C 355 39.34 21.03 -3.25
C VAL C 355 39.99 20.21 -2.16
N LEU C 356 39.37 20.18 -0.97
CA LEU C 356 39.98 19.50 0.17
C LEU C 356 40.11 18.00 -0.11
N ASP C 357 41.08 17.38 0.56
CA ASP C 357 41.22 15.94 0.49
C ASP C 357 39.92 15.28 0.91
N PRO C 358 39.43 14.28 0.16
CA PRO C 358 38.08 13.74 0.44
C PRO C 358 37.93 13.11 1.82
N HIS C 359 39.01 12.89 2.57
CA HIS C 359 38.92 12.39 3.93
C HIS C 359 38.46 13.44 4.94
N ILE C 360 38.47 14.72 4.57
CA ILE C 360 38.09 15.80 5.46
C ILE C 360 37.03 16.65 4.76
N GLY C 361 36.15 17.22 5.57
CA GLY C 361 35.05 18.03 5.05
C GLY C 361 34.59 19.05 6.06
N ALA C 362 33.64 19.88 5.64
CA ALA C 362 33.12 20.94 6.48
C ALA C 362 31.64 21.13 6.17
N ILE C 363 30.85 21.33 7.23
CA ILE C 363 29.43 21.62 7.11
C ILE C 363 29.10 22.72 8.11
N TYR C 364 28.27 23.67 7.69
CA TYR C 364 27.87 24.77 8.55
C TYR C 364 26.36 24.93 8.48
N GLY C 365 25.72 24.89 9.64
CA GLY C 365 24.27 24.85 9.69
C GLY C 365 23.67 25.71 10.78
N ASP C 366 24.21 26.89 11.00
CA ASP C 366 23.66 27.82 11.98
C ASP C 366 23.41 29.16 11.29
N ALA C 367 22.13 29.50 11.15
CA ALA C 367 21.70 30.80 10.61
C ALA C 367 22.15 30.98 9.16
N ILE C 368 22.05 29.90 8.38
CA ILE C 368 22.33 29.98 6.95
C ILE C 368 21.19 30.70 6.25
N THR C 369 21.55 31.69 5.43
CA THR C 369 20.63 32.37 4.53
C THR C 369 21.14 32.21 3.10
N ILE C 370 20.28 32.53 2.14
CA ILE C 370 20.69 32.55 0.74
C ILE C 370 21.90 33.47 0.56
N SER C 371 21.81 34.67 1.14
CA SER C 371 22.87 35.66 1.02
C SER C 371 24.17 35.20 1.64
N ARG C 372 24.10 34.50 2.78
CA ARG C 372 25.32 33.99 3.41
C ARG C 372 25.95 32.87 2.58
N CYS C 373 25.12 32.00 1.99
CA CYS C 373 25.65 30.97 1.08
C CYS C 373 26.40 31.61 -0.08
N LYS C 374 25.79 32.63 -0.68
CA LYS C 374 26.43 33.37 -1.76
C LYS C 374 27.76 33.97 -1.31
N GLU C 375 27.76 34.64 -0.14
CA GLU C 375 28.96 35.32 0.33
C GLU C 375 30.08 34.33 0.63
N ILE C 376 29.73 33.17 1.21
CA ILE C 376 30.74 32.16 1.51
C ILE C 376 31.35 31.63 0.22
N CYS C 377 30.51 31.29 -0.77
CA CYS C 377 31.02 30.85 -2.05
C CYS C 377 31.95 31.89 -2.66
N LYS C 378 31.53 33.16 -2.62
CA LYS C 378 32.30 34.23 -3.23
C LYS C 378 33.67 34.40 -2.57
N LYS C 379 33.72 34.39 -1.23
CA LYS C 379 34.99 34.66 -0.56
C LYS C 379 35.93 33.46 -0.65
N LEU C 380 35.39 32.24 -0.58
CA LEU C 380 36.19 31.06 -0.86
C LEU C 380 36.82 31.14 -2.24
N ALA C 381 36.01 31.49 -3.26
CA ALA C 381 36.55 31.63 -4.60
C ALA C 381 37.57 32.76 -4.68
N ALA C 382 37.39 33.80 -3.87
CA ALA C 382 38.33 34.92 -3.86
C ALA C 382 39.70 34.49 -3.37
N LYS C 383 39.76 33.47 -2.50
CA LYS C 383 41.04 32.90 -2.11
C LYS C 383 41.39 31.63 -2.89
N GLY C 384 40.66 31.33 -3.96
CA GLY C 384 40.97 30.16 -4.76
C GLY C 384 40.60 28.84 -4.12
N PHE C 385 39.49 28.79 -3.40
CA PHE C 385 38.93 27.55 -2.88
C PHE C 385 37.60 27.27 -3.55
N ALA C 386 37.42 26.02 -4.00
CA ALA C 386 36.19 25.63 -4.67
C ALA C 386 35.02 25.68 -3.71
N SER C 387 33.84 25.99 -4.27
CA SER C 387 32.65 26.11 -3.44
C SER C 387 32.22 24.79 -2.82
N VAL C 388 32.66 23.67 -3.40
CA VAL C 388 32.19 22.35 -2.99
C VAL C 388 32.80 21.95 -1.64
N ASN C 389 33.68 22.80 -1.11
CA ASN C 389 34.37 22.45 0.12
C ASN C 389 33.46 22.49 1.35
N VAL C 390 32.30 23.15 1.26
CA VAL C 390 31.42 23.33 2.42
C VAL C 390 30.02 22.83 2.07
N VAL C 391 29.41 22.10 3.01
CA VAL C 391 28.01 21.72 2.93
C VAL C 391 27.22 22.73 3.76
N PHE C 392 26.09 23.16 3.23
CA PHE C 392 25.24 24.14 3.90
C PHE C 392 24.07 23.44 4.58
N GLY C 393 23.99 23.56 5.90
CA GLY C 393 22.80 23.16 6.63
C GLY C 393 21.77 24.28 6.62
N ILE C 394 20.72 24.12 5.84
CA ILE C 394 19.68 25.14 5.69
C ILE C 394 18.61 24.87 6.75
N GLY C 395 18.36 25.86 7.60
CA GLY C 395 17.54 25.69 8.77
C GLY C 395 16.20 26.38 8.67
N SER C 396 15.54 26.52 9.83
CA SER C 396 14.21 27.09 9.87
C SER C 396 14.21 28.60 9.68
N PHE C 397 15.34 29.27 9.89
CA PHE C 397 15.43 30.69 9.52
C PHE C 397 15.04 30.88 8.06
N THR C 398 15.46 29.94 7.20
CA THR C 398 15.11 30.02 5.80
C THR C 398 13.69 29.53 5.53
N TYR C 399 13.34 28.35 6.04
CA TYR C 399 12.12 27.70 5.58
C TYR C 399 10.89 28.08 6.38
N GLN C 400 11.05 28.44 7.66
CA GLN C 400 9.91 28.83 8.49
C GLN C 400 9.56 30.31 8.36
N TYR C 401 10.56 31.20 8.32
CA TYR C 401 10.30 32.64 8.40
C TYR C 401 9.82 33.17 7.03
N ASN C 402 8.61 32.76 6.67
CA ASN C 402 7.93 33.30 5.49
C ASN C 402 6.45 33.39 5.79
N THR C 403 5.71 33.97 4.84
CA THR C 403 4.25 34.00 4.85
C THR C 403 3.74 33.71 3.46
N ARG C 404 2.41 33.60 3.34
CA ARG C 404 1.79 33.38 2.03
C ARG C 404 2.02 34.57 1.12
N ASP C 405 2.39 35.72 1.69
CA ASP C 405 2.67 36.93 0.96
C ASP C 405 4.14 37.07 0.57
N THR C 406 5.01 36.16 1.00
CA THR C 406 6.40 36.21 0.55
C THR C 406 6.47 36.12 -0.96
N PHE C 407 5.62 35.29 -1.57
CA PHE C 407 5.41 35.32 -3.02
C PHE C 407 3.96 35.68 -3.37
N GLY C 408 3.30 36.44 -2.50
CA GLY C 408 2.04 37.09 -2.83
C GLY C 408 0.93 36.17 -3.31
N PHE C 409 0.84 34.97 -2.73
CA PHE C 409 -0.15 33.99 -3.18
C PHE C 409 -1.56 34.41 -2.83
N ALA C 410 -2.49 34.13 -3.73
CA ALA C 410 -3.89 34.36 -3.41
C ALA C 410 -4.78 33.47 -4.28
N MET C 411 -5.78 32.86 -3.64
CA MET C 411 -6.98 32.35 -4.29
C MET C 411 -7.86 33.54 -4.67
N LYS C 412 -8.13 33.71 -5.95
CA LYS C 412 -9.01 34.80 -6.39
C LYS C 412 -10.06 34.24 -7.34
N ALA C 413 -11.33 34.41 -6.98
CA ALA C 413 -12.42 34.07 -7.89
C ALA C 413 -12.43 35.06 -9.05
N THR C 414 -12.23 34.56 -10.27
CA THR C 414 -12.15 35.42 -11.43
C THR C 414 -13.34 35.28 -12.36
N TYR C 415 -14.18 34.26 -12.19
CA TYR C 415 -15.18 34.02 -13.22
C TYR C 415 -16.41 33.37 -12.60
N THR C 416 -17.58 33.68 -13.15
CA THR C 416 -18.81 33.06 -12.68
C THR C 416 -19.78 32.92 -13.84
N VAL C 417 -20.73 32.00 -13.67
CA VAL C 417 -21.86 31.86 -14.58
C VAL C 417 -23.13 31.94 -13.75
N VAL C 418 -24.02 32.87 -14.14
CA VAL C 418 -25.27 33.15 -13.45
C VAL C 418 -26.39 33.05 -14.48
N ASN C 419 -27.27 32.05 -14.32
CA ASN C 419 -28.40 31.82 -15.22
C ASN C 419 -27.94 31.70 -16.68
N GLY C 420 -26.78 31.10 -16.88
CA GLY C 420 -26.23 30.93 -18.21
C GLY C 420 -25.36 32.07 -18.70
N GLU C 421 -25.39 33.21 -18.03
CA GLU C 421 -24.62 34.38 -18.45
C GLU C 421 -23.21 34.30 -17.85
N GLU C 422 -22.20 34.36 -18.72
CA GLU C 422 -20.82 34.43 -18.28
C GLU C 422 -20.49 35.81 -17.75
N ARG C 423 -19.78 35.86 -16.61
CA ARG C 423 -19.46 37.12 -15.95
C ARG C 423 -18.04 37.07 -15.39
N GLN C 424 -17.44 38.25 -15.29
CA GLN C 424 -16.08 38.42 -14.80
C GLN C 424 -16.11 39.00 -13.38
N ILE C 425 -15.26 38.47 -12.51
CA ILE C 425 -15.22 38.84 -11.10
C ILE C 425 -13.90 39.51 -10.80
N PHE C 426 -13.97 40.76 -10.34
CA PHE C 426 -12.78 41.53 -9.96
C PHE C 426 -13.22 42.82 -9.29
N LYS C 427 -12.55 43.19 -8.20
CA LYS C 427 -12.76 44.45 -7.52
C LYS C 427 -11.73 45.48 -8.01
N ASN C 428 -11.69 46.62 -7.33
CA ASN C 428 -10.68 47.62 -7.61
C ASN C 428 -10.47 48.54 -6.40
N SER C 438 -5.67 43.09 -12.49
CA SER C 438 -6.10 41.83 -11.88
C SER C 438 -6.72 40.89 -12.91
N GLN C 439 -6.63 39.59 -12.64
CA GLN C 439 -7.18 38.59 -13.55
C GLN C 439 -8.71 38.67 -13.58
N LYS C 440 -9.28 38.45 -14.77
CA LYS C 440 -10.71 38.47 -14.97
C LYS C 440 -11.09 37.39 -15.98
N GLY C 441 -12.24 36.74 -15.74
CA GLY C 441 -12.67 35.68 -16.62
C GLY C 441 -11.76 34.45 -16.51
N LEU C 442 -12.01 33.50 -17.41
CA LEU C 442 -11.17 32.32 -17.48
C LEU C 442 -9.77 32.70 -17.94
N VAL C 443 -8.78 31.97 -17.44
CA VAL C 443 -7.38 32.29 -17.70
C VAL C 443 -6.72 31.10 -18.37
N ALA C 444 -5.59 31.38 -19.01
CA ALA C 444 -4.76 30.37 -19.64
C ALA C 444 -3.32 30.85 -19.54
N VAL C 445 -2.39 29.89 -19.51
CA VAL C 445 -0.97 30.19 -19.46
C VAL C 445 -0.34 29.59 -20.70
N VAL C 446 0.27 30.43 -21.53
CA VAL C 446 0.80 29.99 -22.81
C VAL C 446 2.30 30.24 -22.86
N ASN C 447 2.99 29.38 -23.62
CA ASN C 447 4.42 29.47 -23.81
C ASN C 447 4.71 30.33 -25.03
N ASN C 448 5.47 31.40 -24.83
CA ASN C 448 5.98 32.25 -25.90
C ASN C 448 7.47 32.01 -26.15
N GLY C 449 8.01 30.93 -25.60
CA GLY C 449 9.43 30.65 -25.70
C GLY C 449 10.24 31.14 -24.51
N ASN C 450 10.24 32.46 -24.28
CA ASN C 450 11.06 33.04 -23.23
C ASN C 450 10.63 32.55 -21.87
N GLU C 451 9.35 32.69 -21.57
CA GLU C 451 8.75 32.44 -20.28
C GLU C 451 7.25 32.46 -20.48
N LEU C 452 6.52 31.92 -19.51
CA LEU C 452 5.08 31.78 -19.67
C LEU C 452 4.38 33.12 -19.50
N SER C 453 3.26 33.27 -20.19
CA SER C 453 2.47 34.48 -20.09
C SER C 453 1.00 34.14 -19.85
N LEU C 454 0.33 35.05 -19.14
CA LEU C 454 -1.09 34.94 -18.84
C LEU C 454 -1.94 35.49 -19.96
N VAL C 455 -2.98 34.75 -20.32
CA VAL C 455 -4.07 35.24 -21.16
C VAL C 455 -5.33 35.16 -20.31
N ASP C 456 -6.00 36.29 -20.12
CA ASP C 456 -7.24 36.29 -19.35
C ASP C 456 -8.34 37.01 -20.11
N GLU C 457 -9.44 37.29 -19.42
CA GLU C 457 -10.63 37.86 -20.04
C GLU C 457 -11.20 36.92 -21.10
N LEU C 458 -11.10 35.62 -20.83
CA LEU C 458 -11.59 34.59 -21.74
C LEU C 458 -12.98 34.16 -21.31
N ASP C 459 -13.88 34.03 -22.29
CA ASP C 459 -15.12 33.32 -22.08
C ASP C 459 -14.87 31.84 -22.37
N ARG C 460 -15.91 31.01 -22.16
CA ARG C 460 -15.74 29.57 -22.34
C ARG C 460 -15.32 29.22 -23.76
N ASN C 461 -15.79 29.98 -24.75
CA ASN C 461 -15.46 29.69 -26.15
C ASN C 461 -13.97 29.90 -26.44
N ALA C 462 -13.48 31.12 -26.17
CA ALA C 462 -12.07 31.41 -26.40
C ALA C 462 -11.19 30.51 -25.53
N TYR C 463 -11.63 30.25 -24.30
CA TYR C 463 -10.89 29.34 -23.43
C TYR C 463 -10.78 27.95 -24.06
N LYS C 464 -11.89 27.43 -24.58
CA LYS C 464 -11.88 26.09 -25.17
C LYS C 464 -10.93 26.02 -26.35
N GLN C 465 -10.92 27.06 -27.19
CA GLN C 465 -10.01 27.04 -28.32
C GLN C 465 -8.61 27.55 -27.98
N LEU C 466 -8.35 27.85 -26.71
CA LEU C 466 -6.99 28.03 -26.22
C LEU C 466 -6.45 26.78 -25.53
N SER C 467 -7.25 25.73 -25.43
CA SER C 467 -6.84 24.53 -24.70
C SER C 467 -5.54 23.96 -25.24
N ASN C 468 -5.27 24.16 -26.53
CA ASN C 468 -4.05 23.65 -27.15
C ASN C 468 -2.81 24.20 -26.45
N ASP C 469 -2.71 25.53 -26.36
CA ASP C 469 -1.51 26.18 -25.84
C ASP C 469 -1.53 26.38 -24.33
N ASP C 470 -2.64 26.07 -23.67
CA ASP C 470 -2.75 26.23 -22.22
C ASP C 470 -1.95 25.13 -21.55
N ILE C 471 -0.88 25.51 -20.84
CA ILE C 471 -0.02 24.52 -20.19
C ILE C 471 -0.63 23.95 -18.91
N LEU C 472 -1.71 24.54 -18.42
CA LEU C 472 -2.43 23.91 -17.32
C LEU C 472 -3.10 22.64 -17.81
N GLU C 473 -3.03 21.58 -17.00
CA GLU C 473 -3.55 20.28 -17.37
C GLU C 473 -4.56 19.82 -16.35
N ASP C 474 -5.47 18.96 -16.79
CA ASP C 474 -6.43 18.35 -15.88
C ASP C 474 -5.69 17.53 -14.84
N VAL C 475 -5.96 17.81 -13.57
CA VAL C 475 -5.37 17.09 -12.45
C VAL C 475 -6.42 16.31 -11.67
N PHE C 476 -7.56 16.94 -11.39
CA PHE C 476 -8.56 16.28 -10.55
C PHE C 476 -9.96 16.67 -10.99
N ILE C 477 -10.74 15.71 -11.47
CA ILE C 477 -12.12 15.95 -11.88
C ILE C 477 -13.02 14.92 -11.19
N ASN C 478 -13.97 15.42 -10.39
CA ASN C 478 -15.09 14.61 -9.89
C ASN C 478 -14.63 13.39 -9.12
N GLY C 479 -13.58 13.55 -8.31
CA GLY C 479 -13.08 12.48 -7.49
C GLY C 479 -12.04 11.60 -8.12
N GLN C 480 -11.75 11.76 -9.41
CA GLN C 480 -10.76 10.96 -10.13
CA GLN C 480 -10.76 10.95 -10.09
C GLN C 480 -9.48 11.76 -10.30
N LEU C 481 -8.34 11.15 -9.96
CA LEU C 481 -7.04 11.78 -10.14
C LEU C 481 -6.53 11.44 -11.53
N LEU C 482 -6.44 12.44 -12.41
CA LEU C 482 -6.07 12.21 -13.80
C LEU C 482 -4.58 12.39 -14.07
N ARG C 483 -3.86 13.12 -13.23
CA ARG C 483 -2.42 13.29 -13.40
C ARG C 483 -1.75 13.00 -12.07
N ASN C 484 -0.71 12.16 -12.10
CA ASN C 484 -0.04 11.61 -10.92
C ASN C 484 1.46 11.67 -11.19
N GLN C 485 2.07 12.80 -10.89
CA GLN C 485 3.50 12.96 -11.12
C GLN C 485 4.31 12.21 -10.09
N THR C 486 5.52 11.83 -10.48
CA THR C 486 6.47 11.26 -9.53
C THR C 486 7.50 12.30 -9.14
N LEU C 487 8.19 12.02 -8.02
CA LEU C 487 9.28 12.88 -7.58
C LEU C 487 10.40 12.94 -8.62
N SER C 488 10.71 11.82 -9.26
CA SER C 488 11.77 11.81 -10.26
C SER C 488 11.42 12.72 -11.44
N GLU C 489 10.17 12.67 -11.90
CA GLU C 489 9.76 13.56 -12.98
C GLU C 489 9.87 15.03 -12.57
N ILE C 490 9.44 15.35 -11.36
CA ILE C 490 9.47 16.74 -10.90
C ILE C 490 10.90 17.24 -10.79
N ARG C 491 11.79 16.41 -10.23
CA ARG C 491 13.21 16.76 -10.18
C ARG C 491 13.78 16.98 -11.57
N GLU C 492 13.41 16.12 -12.52
CA GLU C 492 13.93 16.25 -13.88
C GLU C 492 13.45 17.54 -14.53
N LEU C 493 12.16 17.86 -14.38
CA LEU C 493 11.61 19.06 -14.97
C LEU C 493 12.21 20.31 -14.33
N LEU C 494 12.46 20.26 -13.02
CA LEU C 494 13.02 21.41 -12.31
C LEU C 494 14.49 21.62 -12.69
N LEU C 495 15.26 20.55 -12.78
CA LEU C 495 16.72 20.66 -12.85
C LEU C 495 17.29 20.49 -14.24
N ASP C 496 16.57 19.83 -15.15
CA ASP C 496 17.08 19.65 -16.50
C ASP C 496 16.37 20.59 -17.47
N GLY D 1 -2.00 7.63 0.57
CA GLY D 1 -1.18 6.79 -0.26
C GLY D 1 -0.36 5.76 0.49
N PRO D 2 -0.98 4.64 0.86
CA PRO D 2 -0.24 3.58 1.56
C PRO D 2 0.78 2.91 0.64
N LEU D 3 1.94 2.60 1.20
CA LEU D 3 2.95 1.84 0.48
C LEU D 3 2.57 0.37 0.42
N GLY D 4 2.54 -0.19 -0.79
CA GLY D 4 2.27 -1.60 -0.93
C GLY D 4 0.87 -1.98 -0.46
N SER D 5 0.78 -3.17 0.14
CA SER D 5 -0.50 -3.73 0.57
C SER D 5 -0.81 -3.40 2.03
N MET D 6 -0.74 -2.12 2.38
CA MET D 6 -1.20 -1.61 3.66
C MET D 6 -2.39 -0.69 3.44
N THR D 7 -3.05 -0.33 4.53
CA THR D 7 -4.25 0.49 4.43
C THR D 7 -3.99 1.97 4.61
N LYS D 8 -2.82 2.36 5.12
CA LYS D 8 -2.45 3.77 5.19
C LYS D 8 -0.93 3.89 5.21
N TYR D 9 -0.43 5.03 4.76
CA TYR D 9 0.99 5.31 4.87
C TYR D 9 1.28 5.74 6.31
N THR D 10 2.16 5.01 6.98
CA THR D 10 2.51 5.27 8.38
C THR D 10 3.89 5.89 8.46
N TYR D 11 3.98 7.06 9.07
CA TYR D 11 5.28 7.63 9.41
C TYR D 11 5.71 7.01 10.72
N PRO D 12 6.79 6.24 10.74
CA PRO D 12 7.17 5.53 11.97
C PRO D 12 7.36 6.50 13.12
N ALA D 13 6.77 6.16 14.28
CA ALA D 13 6.87 7.00 15.45
C ALA D 13 8.30 7.16 15.93
N THR D 14 9.17 6.25 15.53
CA THR D 14 10.57 6.23 15.93
C THR D 14 11.46 7.01 14.95
N LEU D 15 10.88 7.63 13.94
CA LEU D 15 11.64 8.41 12.96
C LEU D 15 11.03 9.78 12.74
N LEU D 16 10.44 10.36 13.79
CA LEU D 16 9.94 11.73 13.74
C LEU D 16 10.97 12.67 14.38
N CYS D 17 12.10 12.81 13.69
CA CYS D 17 13.24 13.50 14.27
C CYS D 17 14.22 13.89 13.17
N ASP D 18 15.24 14.64 13.56
CA ASP D 18 16.42 14.82 12.72
C ASP D 18 17.18 13.51 12.61
N PHE D 19 17.81 13.29 11.45
CA PHE D 19 18.51 12.04 11.20
C PHE D 19 19.59 11.76 12.23
N TYR D 20 20.38 12.78 12.62
CA TYR D 20 21.51 12.52 13.51
C TYR D 20 21.07 12.11 14.92
N LYS D 21 19.84 12.44 15.30
CA LYS D 21 19.27 11.94 16.55
C LYS D 21 19.33 10.42 16.61
N VAL D 22 19.12 9.75 15.47
CA VAL D 22 19.19 8.29 15.43
C VAL D 22 20.60 7.80 15.73
N SER D 23 21.61 8.58 15.36
CA SER D 23 23.01 8.20 15.53
C SER D 23 23.56 8.52 16.92
N HIS D 24 22.87 9.38 17.67
CA HIS D 24 23.45 9.82 18.96
C HIS D 24 23.54 8.70 20.00
N LYS D 25 22.62 7.72 19.98
CA LYS D 25 22.60 6.72 21.04
C LYS D 25 23.95 6.02 21.21
N GLU D 26 24.57 5.62 20.09
CA GLU D 26 25.88 4.97 20.13
C GLU D 26 27.02 5.93 20.47
N GLN D 27 26.79 7.24 20.43
CA GLN D 27 27.86 8.19 20.67
C GLN D 27 28.00 8.57 22.14
N TYR D 28 26.98 8.29 22.97
CA TYR D 28 27.04 8.63 24.38
C TYR D 28 28.14 7.82 25.06
N PRO D 29 28.67 8.32 26.19
CA PRO D 29 29.68 7.56 26.91
C PRO D 29 29.11 6.25 27.44
N GLU D 30 30.01 5.31 27.73
CA GLU D 30 29.59 4.06 28.33
C GLU D 30 28.92 4.32 29.68
N GLY D 31 27.85 3.59 29.95
CA GLY D 31 27.19 3.68 31.23
C GLY D 31 26.23 4.85 31.38
N THR D 32 25.89 5.55 30.30
CA THR D 32 24.95 6.65 30.41
C THR D 32 23.59 6.12 30.80
N GLU D 33 23.04 6.70 31.87
CA GLU D 33 21.79 6.21 32.43
C GLU D 33 20.68 7.24 32.37
N LEU D 34 21.00 8.52 32.23
CA LEU D 34 19.94 9.52 32.30
C LEU D 34 20.31 10.75 31.49
N ILE D 35 19.35 11.26 30.73
CA ILE D 35 19.45 12.54 30.05
C ILE D 35 18.22 13.37 30.37
N TYR D 36 18.45 14.60 30.82
CA TYR D 36 17.42 15.52 31.29
C TYR D 36 17.57 16.80 30.49
N SER D 37 16.48 17.21 29.84
CA SER D 37 16.44 18.37 28.96
C SER D 37 15.31 19.32 29.36
N THR D 38 15.56 20.61 29.14
CA THR D 38 14.63 21.68 29.45
C THR D 38 14.22 22.41 28.19
N TRP D 39 13.05 23.04 28.25
CA TRP D 39 12.49 23.80 27.14
C TRP D 39 12.33 25.24 27.62
N THR D 40 13.07 26.16 26.99
CA THR D 40 13.15 27.53 27.50
C THR D 40 12.98 28.57 26.41
N PRO D 41 12.18 29.61 26.65
CA PRO D 41 12.25 30.81 25.82
C PRO D 41 13.41 31.69 26.25
N ARG D 42 14.50 31.68 25.48
CA ARG D 42 15.73 32.29 25.94
C ARG D 42 15.81 33.79 25.67
N THR D 43 15.06 34.32 24.73
CA THR D 43 15.09 35.74 24.41
C THR D 43 13.72 36.14 23.87
N SER D 44 13.50 37.45 23.71
CA SER D 44 12.29 37.95 23.07
C SER D 44 12.67 38.94 21.98
N ARG D 45 12.25 38.67 20.76
CA ARG D 45 12.43 39.60 19.65
C ARG D 45 11.24 40.53 19.47
N VAL D 46 10.20 40.41 20.29
CA VAL D 46 9.04 41.28 20.21
C VAL D 46 9.15 42.34 21.29
N GLU D 47 9.07 43.60 20.87
CA GLU D 47 9.22 44.72 21.79
C GLU D 47 8.10 44.70 22.85
N ASP D 48 8.48 44.98 24.09
CA ASP D 48 7.60 45.10 25.26
C ASP D 48 7.09 43.74 25.74
N ILE D 49 7.44 42.64 25.10
CA ILE D 49 7.04 41.31 25.55
C ILE D 49 8.24 40.66 26.19
N ASP D 50 8.18 40.42 27.49
CA ASP D 50 9.26 39.75 28.20
C ASP D 50 8.78 38.49 28.92
N ARG D 51 7.55 38.06 28.65
CA ARG D 51 7.04 36.78 29.16
C ARG D 51 6.22 36.13 28.06
N VAL D 52 6.13 34.81 28.12
CA VAL D 52 5.29 34.07 27.18
C VAL D 52 4.13 33.44 27.94
N VAL D 53 3.07 33.14 27.20
CA VAL D 53 1.94 32.39 27.73
C VAL D 53 2.21 30.92 27.47
N ALA D 54 2.45 30.15 28.53
CA ALA D 54 2.73 28.73 28.35
C ALA D 54 1.49 28.02 27.82
N PHE D 55 1.62 27.44 26.62
CA PHE D 55 0.48 26.74 26.02
C PHE D 55 0.95 25.70 25.01
N GLY D 56 0.35 24.52 25.07
CA GLY D 56 0.49 23.58 23.99
C GLY D 56 0.99 22.21 24.38
N PHE D 57 1.60 22.09 25.58
CA PHE D 57 2.21 20.82 25.97
C PHE D 57 1.18 19.70 25.97
N GLN D 58 -0.01 19.95 26.51
CA GLN D 58 -1.02 18.92 26.63
C GLN D 58 -1.46 18.40 25.27
N GLY D 59 -1.69 19.30 24.32
CA GLY D 59 -2.06 18.87 22.98
C GLY D 59 -1.00 17.99 22.36
N PHE D 60 0.27 18.37 22.50
CA PHE D 60 1.35 17.53 21.98
C PHE D 60 1.39 16.18 22.67
N ILE D 61 1.27 16.17 24.01
CA ILE D 61 1.39 14.93 24.77
C ILE D 61 0.28 13.96 24.40
N LYS D 62 -0.96 14.47 24.33
CA LYS D 62 -2.08 13.61 23.96
C LYS D 62 -1.97 13.13 22.52
N LYS D 63 -1.64 14.03 21.60
CA LYS D 63 -1.64 13.66 20.18
C LYS D 63 -0.54 12.66 19.87
N TYR D 64 0.70 12.96 20.27
CA TYR D 64 1.85 12.17 19.82
C TYR D 64 2.32 11.14 20.85
N LEU D 65 2.55 11.57 22.09
CA LEU D 65 3.14 10.65 23.06
C LEU D 65 2.14 9.58 23.49
N ILE D 66 0.84 9.85 23.40
CA ILE D 66 -0.15 8.86 23.77
C ILE D 66 -0.82 8.30 22.52
N ASP D 67 -1.58 9.13 21.82
CA ASP D 67 -2.37 8.62 20.69
C ASP D 67 -1.47 8.03 19.60
N TYR D 68 -0.49 8.82 19.15
CA TYR D 68 0.29 8.40 17.99
C TYR D 68 1.17 7.20 18.33
N PHE D 69 1.83 7.22 19.47
CA PHE D 69 2.72 6.11 19.81
C PHE D 69 1.95 4.83 20.11
N ASN D 70 0.79 4.95 20.76
CA ASN D 70 -0.02 3.76 21.01
C ASN D 70 -0.57 3.20 19.71
N GLU D 71 -1.21 4.05 18.90
CA GLU D 71 -1.86 3.59 17.68
C GLU D 71 -0.85 3.07 16.66
N ASN D 72 0.21 3.83 16.41
CA ASN D 72 1.12 3.51 15.33
C ASN D 72 2.39 2.79 15.78
N PHE D 73 2.63 2.64 17.08
CA PHE D 73 3.78 1.86 17.49
C PHE D 73 3.49 0.69 18.44
N PHE D 74 2.93 0.97 19.62
CA PHE D 74 2.89 -0.05 20.66
C PHE D 74 1.85 -1.13 20.35
N LYS D 75 0.69 -0.74 19.85
CA LYS D 75 -0.37 -1.70 19.54
C LYS D 75 -0.13 -2.44 18.22
N ARG D 76 0.89 -2.07 17.47
CA ARG D 76 1.18 -2.75 16.22
C ARG D 76 2.12 -3.91 16.45
N PRO D 77 2.20 -4.88 15.52
CA PRO D 77 3.13 -5.99 15.71
C PRO D 77 4.57 -5.50 15.79
N LYS D 78 5.36 -6.16 16.63
CA LYS D 78 6.74 -5.75 16.84
C LYS D 78 7.56 -5.85 15.55
N GLN D 79 7.32 -6.92 14.77
CA GLN D 79 8.07 -7.06 13.53
C GLN D 79 7.78 -5.94 12.55
N ASP D 80 6.55 -5.40 12.57
CA ASP D 80 6.19 -4.31 11.66
C ASP D 80 6.92 -3.02 12.02
N VAL D 81 6.96 -2.67 13.30
CA VAL D 81 7.67 -1.44 13.69
C VAL D 81 9.17 -1.62 13.44
N VAL D 82 9.70 -2.80 13.72
CA VAL D 82 11.12 -3.05 13.49
C VAL D 82 11.45 -2.93 12.01
N ASN D 83 10.60 -3.50 11.14
CA ASN D 83 10.90 -3.51 9.71
C ASN D 83 10.74 -2.13 9.10
N GLU D 84 9.72 -1.39 9.54
CA GLU D 84 9.54 -0.03 9.04
C GLU D 84 10.72 0.84 9.44
N TYR D 85 11.30 0.59 10.61
CA TYR D 85 12.49 1.33 11.03
C TYR D 85 13.72 0.94 10.20
N LYS D 86 13.95 -0.38 10.08
CA LYS D 86 15.13 -0.86 9.40
C LYS D 86 15.14 -0.43 7.94
N ARG D 87 13.97 -0.44 7.29
CA ARG D 87 13.90 -0.09 5.87
C ARG D 87 14.37 1.35 5.65
N VAL D 88 13.86 2.28 6.46
CA VAL D 88 14.25 3.67 6.31
C VAL D 88 15.74 3.85 6.60
N ILE D 89 16.21 3.28 7.72
CA ILE D 89 17.62 3.47 8.08
C ILE D 89 18.52 2.88 6.99
N LYS D 90 18.19 1.68 6.52
CA LYS D 90 19.01 1.01 5.52
C LYS D 90 19.10 1.80 4.23
N HIS D 91 17.96 2.30 3.74
CA HIS D 91 17.96 2.93 2.43
C HIS D 91 18.15 4.44 2.46
N THR D 92 18.36 5.04 3.64
CA THR D 92 18.73 6.44 3.69
C THR D 92 20.08 6.71 4.35
N LEU D 93 20.50 5.89 5.31
CA LEU D 93 21.78 6.07 5.97
C LEU D 93 22.85 5.10 5.46
N GLN D 94 22.53 4.32 4.43
CA GLN D 94 23.48 3.42 3.77
C GLN D 94 24.06 2.40 4.76
N VAL D 95 23.23 1.92 5.68
CA VAL D 95 23.59 0.90 6.64
C VAL D 95 22.99 -0.42 6.18
N ASP D 96 23.85 -1.39 5.86
CA ASP D 96 23.37 -2.63 5.29
C ASP D 96 22.50 -3.41 6.26
N ASP D 97 22.88 -3.44 7.54
CA ASP D 97 22.16 -4.17 8.58
C ASP D 97 21.98 -3.26 9.78
N PRO D 98 20.97 -2.39 9.77
CA PRO D 98 20.76 -1.47 10.90
C PRO D 98 20.45 -2.22 12.18
N ASP D 99 20.95 -1.71 13.30
CA ASP D 99 20.59 -2.23 14.61
C ASP D 99 19.23 -1.65 15.01
N ALA D 100 18.29 -2.53 15.32
CA ALA D 100 16.96 -2.13 15.77
C ALA D 100 16.61 -2.79 17.10
N SER D 101 17.61 -3.32 17.82
CA SER D 101 17.36 -3.96 19.10
C SER D 101 16.74 -2.99 20.10
N HIS D 102 17.12 -1.71 20.07
CA HIS D 102 16.54 -0.75 21.01
C HIS D 102 15.08 -0.47 20.69
N ILE D 103 14.73 -0.40 19.40
CA ILE D 103 13.32 -0.28 19.01
C ILE D 103 12.54 -1.51 19.48
N GLU D 104 13.13 -2.70 19.31
CA GLU D 104 12.52 -3.93 19.80
C GLU D 104 12.26 -3.87 21.28
N SER D 105 13.26 -3.44 22.05
CA SER D 105 13.13 -3.39 23.49
C SER D 105 12.07 -2.39 23.91
N LEU D 106 12.00 -1.24 23.22
CA LEU D 106 10.97 -0.25 23.52
C LEU D 106 9.57 -0.81 23.24
N HIS D 107 9.39 -1.53 22.13
CA HIS D 107 8.09 -2.14 21.86
C HIS D 107 7.75 -3.19 22.92
N GLU D 108 8.73 -4.01 23.31
CA GLU D 108 8.52 -5.00 24.36
C GLU D 108 8.08 -4.34 25.66
N LEU D 109 8.72 -3.22 26.01
CA LEU D 109 8.38 -2.50 27.24
C LEU D 109 6.94 -2.01 27.20
N GLY D 110 6.48 -1.50 26.06
CA GLY D 110 5.07 -1.23 25.85
C GLY D 110 4.59 0.15 26.22
N TYR D 111 5.48 1.06 26.60
CA TYR D 111 5.13 2.45 26.89
C TYR D 111 6.40 3.27 26.76
N LEU D 112 6.23 4.59 26.66
CA LEU D 112 7.37 5.48 26.59
C LEU D 112 7.96 5.66 27.99
N PRO D 113 9.20 5.26 28.21
CA PRO D 113 9.81 5.38 29.54
C PRO D 113 10.37 6.77 29.78
N ILE D 114 9.47 7.76 29.83
CA ILE D 114 9.85 9.16 29.98
C ILE D 114 9.00 9.80 31.06
N LYS D 115 9.49 10.93 31.57
CA LYS D 115 8.77 11.77 32.51
C LYS D 115 8.90 13.22 32.06
N ILE D 116 7.76 13.89 31.95
CA ILE D 116 7.65 15.28 31.53
C ILE D 116 6.98 16.06 32.64
N LYS D 117 7.61 17.18 33.02
CA LYS D 117 7.06 18.18 33.92
C LYS D 117 6.87 19.48 33.15
N ALA D 118 5.89 20.27 33.56
CA ALA D 118 5.59 21.52 32.86
C ALA D 118 4.78 22.42 33.77
N VAL D 119 4.97 23.73 33.60
CA VAL D 119 4.12 24.68 34.31
C VAL D 119 2.69 24.51 33.84
N LYS D 120 1.75 24.97 34.66
CA LYS D 120 0.36 24.98 34.22
C LYS D 120 0.23 25.82 32.95
N GLU D 121 -0.49 25.29 31.96
CA GLU D 121 -0.74 26.07 30.75
C GLU D 121 -1.62 27.26 31.08
N GLY D 122 -1.25 28.42 30.54
CA GLY D 122 -1.87 29.68 30.91
C GLY D 122 -1.01 30.52 31.81
N THR D 123 0.10 29.97 32.31
CA THR D 123 0.97 30.69 33.22
C THR D 123 1.92 31.60 32.42
N PHE D 124 2.09 32.85 32.89
CA PHE D 124 3.09 33.74 32.31
C PHE D 124 4.50 33.30 32.75
N ILE D 125 5.36 33.03 31.79
CA ILE D 125 6.70 32.52 32.07
C ILE D 125 7.70 33.55 31.59
N PRO D 126 8.58 34.07 32.45
CA PRO D 126 9.53 35.08 32.00
C PRO D 126 10.62 34.49 31.11
N ILE D 127 11.18 35.39 30.28
CA ILE D 127 12.30 35.03 29.42
C ILE D 127 13.46 34.55 30.29
N LYS D 128 14.11 33.48 29.84
CA LYS D 128 15.28 32.80 30.47
C LYS D 128 14.83 31.91 31.62
N VAL D 129 13.54 31.62 31.73
CA VAL D 129 13.01 30.70 32.72
C VAL D 129 12.45 29.49 31.97
N PRO D 130 12.86 28.26 32.32
CA PRO D 130 12.29 27.09 31.66
C PRO D 130 10.85 26.88 32.09
N MET D 131 10.14 26.11 31.27
CA MET D 131 8.74 25.83 31.55
C MET D 131 8.35 24.39 31.27
N LEU D 132 9.27 23.55 30.80
CA LEU D 132 9.02 22.13 30.64
C LEU D 132 10.35 21.39 30.76
N THR D 133 10.29 20.19 31.33
CA THR D 133 11.45 19.31 31.37
C THR D 133 11.02 17.91 30.94
N ILE D 134 11.97 17.18 30.36
CA ILE D 134 11.78 15.80 29.95
C ILE D 134 13.02 14.99 30.33
N GLU D 135 12.79 13.78 30.81
CA GLU D 135 13.89 12.85 31.09
C GLU D 135 13.40 11.43 30.82
N ASN D 136 14.34 10.50 30.75
CA ASN D 136 14.01 9.08 30.68
C ASN D 136 13.90 8.50 32.09
N THR D 137 12.99 7.55 32.25
CA THR D 137 12.73 6.97 33.56
C THR D 137 13.33 5.59 33.75
N ILE D 138 14.01 5.05 32.74
CA ILE D 138 14.66 3.75 32.85
C ILE D 138 16.05 3.92 32.26
N PRO D 139 17.11 3.45 32.93
CA PRO D 139 18.47 3.72 32.43
C PRO D 139 18.71 3.24 31.01
N GLU D 140 18.24 2.04 30.67
CA GLU D 140 18.47 1.46 29.35
C GLU D 140 18.03 2.43 28.24
N PHE D 141 16.94 3.16 28.46
CA PHE D 141 16.39 4.06 27.46
C PHE D 141 16.87 5.50 27.64
N PHE D 142 18.09 5.68 28.16
CA PHE D 142 18.73 6.98 28.21
C PHE D 142 18.60 7.75 26.90
N TRP D 143 18.56 7.04 25.77
CA TRP D 143 18.59 7.64 24.44
C TRP D 143 17.26 8.23 24.02
N ILE D 144 16.16 7.85 24.69
CA ILE D 144 14.85 8.28 24.22
C ILE D 144 14.67 9.79 24.40
N THR D 145 15.24 10.36 25.46
CA THR D 145 15.04 11.78 25.75
C THR D 145 15.50 12.65 24.59
N ASN D 146 16.71 12.38 24.09
CA ASN D 146 17.23 13.13 22.95
C ASN D 146 16.35 12.91 21.71
N TYR D 147 15.87 11.67 21.51
CA TYR D 147 15.16 11.37 20.27
C TYR D 147 13.94 12.27 20.08
N LEU D 148 13.18 12.50 21.15
CA LEU D 148 11.94 13.26 21.07
C LEU D 148 12.16 14.75 20.90
N GLU D 149 13.38 15.23 21.20
CA GLU D 149 13.58 16.68 21.32
C GLU D 149 13.17 17.42 20.04
N THR D 150 13.46 16.83 18.89
CA THR D 150 13.09 17.47 17.63
C THR D 150 11.58 17.64 17.51
N LEU D 151 10.84 16.53 17.63
CA LEU D 151 9.41 16.59 17.38
C LEU D 151 8.73 17.54 18.35
N MET D 152 9.07 17.41 19.64
CA MET D 152 8.46 18.27 20.64
C MET D 152 8.66 19.73 20.29
N SER D 153 9.89 20.11 19.93
CA SER D 153 10.14 21.49 19.53
C SER D 153 9.24 21.86 18.35
N ASN D 154 9.28 21.03 17.31
CA ASN D 154 8.50 21.22 16.11
C ASN D 154 7.04 21.47 16.45
N GLU D 155 6.55 20.88 17.55
CA GLU D 155 5.13 20.95 17.81
C GLU D 155 4.72 22.02 18.81
N ILE D 156 5.61 22.51 19.69
CA ILE D 156 5.12 23.30 20.82
C ILE D 156 5.50 24.77 20.77
N TRP D 157 6.43 25.19 19.90
CA TRP D 157 6.81 26.59 19.91
C TRP D 157 5.71 27.48 19.30
N GLN D 158 5.04 26.98 18.25
CA GLN D 158 3.99 27.78 17.60
C GLN D 158 2.77 28.00 18.51
N PRO D 159 2.19 26.98 19.15
CA PRO D 159 1.02 27.27 20.01
C PRO D 159 1.34 28.28 21.10
N THR D 160 2.53 28.21 21.69
CA THR D 160 2.89 29.19 22.72
C THR D 160 3.10 30.57 22.09
N THR D 161 3.82 30.64 20.98
CA THR D 161 4.10 31.92 20.34
C THR D 161 2.80 32.63 19.99
N SER D 162 1.88 31.92 19.35
CA SER D 162 0.58 32.50 19.06
C SER D 162 -0.12 32.93 20.33
N ALA D 163 -0.14 32.06 21.36
CA ALA D 163 -0.80 32.42 22.59
C ALA D 163 -0.19 33.67 23.19
N THR D 164 1.11 33.86 22.99
CA THR D 164 1.74 35.05 23.53
C THR D 164 1.36 36.28 22.73
N LEU D 165 1.42 36.17 21.39
CA LEU D 165 1.08 37.30 20.54
C LEU D 165 -0.37 37.69 20.75
N ALA D 166 -1.26 36.70 20.76
CA ALA D 166 -2.66 36.94 21.07
C ALA D 166 -2.80 37.73 22.36
N TYR D 167 -2.09 37.30 23.41
CA TYR D 167 -2.28 37.94 24.70
C TYR D 167 -1.86 39.40 24.63
N GLU D 168 -0.85 39.71 23.81
CA GLU D 168 -0.43 41.09 23.69
C GLU D 168 -1.57 41.96 23.21
N TYR D 169 -2.23 41.54 22.13
CA TYR D 169 -3.44 42.25 21.71
C TYR D 169 -4.38 42.37 22.89
N ARG D 170 -4.64 41.24 23.56
CA ARG D 170 -5.55 41.21 24.69
C ARG D 170 -5.14 42.24 25.72
N LYS D 171 -3.85 42.24 26.07
CA LYS D 171 -3.36 43.16 27.09
C LYS D 171 -3.71 44.58 26.70
N ILE D 172 -3.36 44.97 25.48
CA ILE D 172 -3.61 46.33 25.04
C ILE D 172 -5.10 46.63 25.16
N LEU D 173 -5.91 45.72 24.64
CA LEU D 173 -7.34 45.98 24.60
C LEU D 173 -7.90 46.09 26.01
N ASP D 174 -7.45 45.22 26.91
CA ASP D 174 -7.97 45.27 28.27
C ASP D 174 -7.68 46.64 28.87
N GLU D 175 -6.44 47.11 28.72
CA GLU D 175 -6.09 48.37 29.32
C GLU D 175 -6.90 49.50 28.71
N TYR D 176 -7.18 49.41 27.40
CA TYR D 176 -7.95 50.49 26.82
C TYR D 176 -9.41 50.39 27.20
N ALA D 177 -9.91 49.16 27.34
CA ALA D 177 -11.29 49.00 27.77
C ALA D 177 -11.49 49.58 29.15
N MET D 178 -10.65 49.16 30.10
CA MET D 178 -10.66 49.73 31.44
C MET D 178 -10.55 51.25 31.38
N GLU D 179 -9.77 51.77 30.43
CA GLU D 179 -9.58 53.21 30.34
C GLU D 179 -10.84 53.90 29.81
N THR D 180 -11.48 53.31 28.80
CA THR D 180 -12.51 54.03 28.05
C THR D 180 -13.92 53.54 28.32
N VAL D 181 -14.08 52.32 28.85
CA VAL D 181 -15.38 51.79 29.21
C VAL D 181 -15.52 51.69 30.72
N GLY D 182 -14.52 51.12 31.40
CA GLY D 182 -14.62 50.79 32.80
C GLY D 182 -14.90 49.33 33.08
N ASN D 183 -15.00 48.51 32.04
CA ASN D 183 -15.07 47.06 32.18
C ASN D 183 -14.56 46.43 30.89
N LYS D 184 -14.25 45.14 30.95
CA LYS D 184 -13.62 44.45 29.84
C LYS D 184 -14.59 43.53 29.11
N LEU D 185 -15.89 43.79 29.21
CA LEU D 185 -16.88 42.84 28.73
C LEU D 185 -16.84 42.66 27.21
N ALA D 186 -16.38 43.66 26.47
CA ALA D 186 -16.39 43.59 25.02
C ALA D 186 -15.10 43.04 24.42
N VAL D 187 -14.06 42.85 25.23
CA VAL D 187 -12.73 42.54 24.70
C VAL D 187 -12.69 41.14 24.11
N ASP D 188 -13.47 40.20 24.65
CA ASP D 188 -13.43 38.81 24.19
C ASP D 188 -13.63 38.71 22.68
N PHE D 189 -14.46 39.58 22.12
CA PHE D 189 -14.76 39.52 20.69
C PHE D 189 -13.99 40.53 19.88
N GLN D 190 -13.09 41.29 20.50
CA GLN D 190 -12.37 42.33 19.78
C GLN D 190 -11.18 41.81 19.01
N GLY D 191 -10.61 40.66 19.40
CA GLY D 191 -9.57 40.02 18.63
C GLY D 191 -10.13 38.82 17.89
N HIS D 192 -10.15 38.88 16.56
CA HIS D 192 -10.83 37.89 15.74
C HIS D 192 -9.83 37.28 14.77
N ASP D 193 -9.58 35.98 14.92
CA ASP D 193 -8.57 35.28 14.10
C ASP D 193 -9.08 35.13 12.67
N PHE D 194 -8.33 35.71 11.73
CA PHE D 194 -8.61 35.65 10.29
C PHE D 194 -7.55 34.85 9.54
N SER D 195 -6.62 34.24 10.24
CA SER D 195 -5.31 33.86 9.71
C SER D 195 -5.27 32.52 8.99
N MET D 196 -6.37 31.76 8.92
CA MET D 196 -6.27 30.37 8.51
C MET D 196 -5.58 30.21 7.16
N ARG D 197 -6.01 30.98 6.16
CA ARG D 197 -5.51 30.78 4.81
C ARG D 197 -4.01 31.03 4.71
N GLY D 198 -3.40 31.66 5.71
CA GLY D 198 -2.01 32.04 5.64
C GLY D 198 -1.09 31.26 6.56
N MET D 199 -1.65 30.44 7.44
CA MET D 199 -0.82 29.49 8.17
C MET D 199 -0.23 28.46 7.19
N SER D 200 0.90 27.87 7.58
CA SER D 200 1.66 27.03 6.67
C SER D 200 1.06 25.65 6.45
N SER D 201 0.13 25.22 7.30
CA SER D 201 -0.49 23.91 7.22
C SER D 201 -1.70 23.89 8.15
N LEU D 202 -2.62 22.96 7.87
CA LEU D 202 -3.80 22.81 8.73
C LEU D 202 -3.40 22.56 10.18
N GLU D 203 -2.34 21.78 10.40
CA GLU D 203 -1.92 21.50 11.76
C GLU D 203 -1.41 22.78 12.45
N SER D 204 -0.57 23.55 11.76
CA SER D 204 -0.14 24.84 12.30
C SER D 204 -1.34 25.75 12.53
N THR D 205 -2.33 25.69 11.63
CA THR D 205 -3.56 26.44 11.82
C THR D 205 -4.22 26.10 13.16
N LYS D 206 -4.41 24.81 13.43
CA LYS D 206 -5.03 24.38 14.68
C LYS D 206 -4.25 24.89 15.88
N LEU D 207 -2.93 24.70 15.86
CA LEU D 207 -2.12 25.08 17.02
C LEU D 207 -2.20 26.59 17.25
N SER D 208 -1.99 27.38 16.19
CA SER D 208 -1.96 28.83 16.34
C SER D 208 -3.32 29.37 16.75
N GLY D 209 -4.39 28.92 16.09
CA GLY D 209 -5.72 29.39 16.44
C GLY D 209 -6.13 28.99 17.85
N ALA D 210 -5.72 27.80 18.29
CA ALA D 210 -5.93 27.41 19.68
C ALA D 210 -5.22 28.37 20.63
N GLY D 211 -4.01 28.79 20.28
CA GLY D 211 -3.34 29.79 21.10
C GLY D 211 -4.10 31.10 21.14
N HIS D 212 -4.64 31.51 19.99
CA HIS D 212 -5.46 32.72 19.92
C HIS D 212 -6.66 32.62 20.85
N LEU D 213 -7.30 31.44 20.90
CA LEU D 213 -8.54 31.32 21.65
C LEU D 213 -8.34 31.33 23.17
N LEU D 214 -7.10 31.29 23.67
CA LEU D 214 -6.90 31.46 25.10
C LEU D 214 -7.32 32.86 25.54
N SER D 215 -7.09 33.85 24.68
CA SER D 215 -7.32 35.26 24.98
C SER D 215 -8.66 35.77 24.47
N PHE D 216 -9.19 35.20 23.39
CA PHE D 216 -10.37 35.75 22.72
C PHE D 216 -11.35 34.65 22.39
N THR D 217 -12.63 35.02 22.26
CA THR D 217 -13.64 34.09 21.76
C THR D 217 -13.97 34.32 20.29
N GLY D 218 -13.50 35.41 19.69
CA GLY D 218 -13.76 35.67 18.28
C GLY D 218 -12.76 34.99 17.39
N THR D 219 -13.26 34.20 16.44
CA THR D 219 -12.38 33.52 15.50
C THR D 219 -13.17 33.07 14.28
N ASP D 220 -12.53 33.11 13.11
CA ASP D 220 -13.05 32.43 11.94
C ASP D 220 -12.39 31.08 11.71
N THR D 221 -11.38 30.72 12.49
CA THR D 221 -10.66 29.45 12.33
C THR D 221 -11.44 28.35 13.05
N ILE D 222 -12.40 27.76 12.34
CA ILE D 222 -13.22 26.67 12.91
C ILE D 222 -12.35 25.54 13.48
N PRO D 223 -11.31 25.05 12.78
CA PRO D 223 -10.51 23.96 13.35
C PRO D 223 -9.90 24.29 14.70
N ALA D 224 -9.63 25.56 15.01
CA ALA D 224 -9.06 25.90 16.31
C ALA D 224 -10.03 25.61 17.46
N ILE D 225 -11.31 25.97 17.25
CA ILE D 225 -12.37 25.62 18.20
C ILE D 225 -12.43 24.11 18.39
N LEU D 226 -12.44 23.37 17.27
CA LEU D 226 -12.55 21.92 17.39
C LEU D 226 -11.29 21.29 17.99
N TYR D 227 -10.13 21.94 17.82
CA TYR D 227 -8.91 21.51 18.48
C TYR D 227 -9.06 21.58 19.99
N HIS D 228 -9.65 22.67 20.48
CA HIS D 228 -9.86 22.74 21.93
C HIS D 228 -10.84 21.66 22.39
N GLU D 229 -11.81 21.31 21.56
CA GLU D 229 -12.65 20.16 21.91
C GLU D 229 -11.83 18.87 21.96
N GLU D 230 -10.89 18.70 21.02
CA GLU D 230 -10.18 17.41 20.94
C GLU D 230 -9.25 17.21 22.13
N PHE D 231 -8.40 18.22 22.43
CA PHE D 231 -7.33 17.99 23.40
C PHE D 231 -7.51 18.70 24.73
N TYR D 232 -8.36 19.73 24.82
CA TYR D 232 -8.41 20.52 26.05
C TYR D 232 -9.79 20.49 26.70
N ASN D 233 -10.58 19.45 26.43
CA ASN D 233 -11.83 19.15 27.14
C ASN D 233 -12.92 20.20 26.92
N ALA D 234 -12.82 21.00 25.86
CA ALA D 234 -13.86 21.98 25.62
C ALA D 234 -15.08 21.33 24.96
N ASN D 235 -16.23 21.98 25.13
CA ASN D 235 -17.47 21.51 24.51
C ASN D 235 -18.29 22.73 24.14
N ILE D 236 -18.48 22.94 22.83
CA ILE D 236 -19.19 24.12 22.35
C ILE D 236 -20.66 24.10 22.74
N GLU D 237 -21.20 22.94 23.11
CA GLU D 237 -22.58 22.89 23.59
C GLU D 237 -22.72 23.45 24.99
N ASN D 238 -21.66 23.40 25.80
CA ASN D 238 -21.71 23.78 27.20
C ASN D 238 -20.98 25.08 27.51
N GLU D 239 -20.23 25.63 26.56
CA GLU D 239 -19.44 26.82 26.83
C GLU D 239 -19.13 27.51 25.51
N LEU D 240 -18.85 28.80 25.60
CA LEU D 240 -18.48 29.58 24.43
C LEU D 240 -16.99 29.37 24.20
N VAL D 241 -16.65 28.51 23.25
CA VAL D 241 -15.25 28.29 22.89
C VAL D 241 -14.79 29.33 21.89
N GLY D 242 -15.41 29.35 20.72
CA GLY D 242 -15.18 30.38 19.74
C GLY D 242 -16.50 30.73 19.08
N SER D 243 -16.56 31.95 18.58
CA SER D 243 -17.78 32.42 17.96
C SER D 243 -17.43 33.30 16.78
N SER D 244 -18.39 33.44 15.86
CA SER D 244 -18.21 34.25 14.68
C SER D 244 -19.58 34.70 14.19
N ILE D 245 -19.61 35.34 13.03
CA ILE D 245 -20.82 35.96 12.50
C ILE D 245 -20.81 35.81 10.99
N PRO D 246 -21.98 35.85 10.36
CA PRO D 246 -22.02 35.89 8.89
C PRO D 246 -21.28 37.13 8.38
N ALA D 247 -20.40 36.91 7.40
CA ALA D 247 -19.61 37.99 6.83
C ALA D 247 -19.52 37.81 5.33
N THR D 248 -19.62 38.91 4.60
CA THR D 248 -19.46 38.84 3.16
C THR D 248 -17.99 38.93 2.79
N GLU D 249 -17.70 38.65 1.52
CA GLU D 249 -16.35 38.70 1.00
C GLU D 249 -16.36 39.42 -0.34
N HIS D 250 -15.17 39.78 -0.81
CA HIS D 250 -15.05 40.65 -2.00
C HIS D 250 -15.64 39.99 -3.24
N SER D 251 -15.41 38.68 -3.41
CA SER D 251 -15.93 38.00 -4.61
C SER D 251 -17.45 37.99 -4.63
N VAL D 252 -18.08 37.78 -3.47
CA VAL D 252 -19.55 37.78 -3.42
C VAL D 252 -20.10 39.18 -3.69
N MET D 253 -19.49 40.20 -3.06
CA MET D 253 -19.94 41.57 -3.30
C MET D 253 -19.80 41.93 -4.78
N CYS D 254 -18.71 41.50 -5.42
CA CYS D 254 -18.53 41.77 -6.84
C CYS D 254 -19.57 41.03 -7.68
N ALA D 255 -19.83 39.76 -7.34
CA ALA D 255 -20.83 39.00 -8.10
C ALA D 255 -22.22 39.61 -7.96
N ASN D 256 -22.49 40.29 -6.86
CA ASN D 256 -23.83 40.86 -6.66
C ASN D 256 -24.04 42.19 -7.37
N GLY D 257 -22.99 42.81 -7.91
CA GLY D 257 -23.14 43.99 -8.75
C GLY D 257 -22.97 45.30 -8.00
N GLN D 258 -23.05 46.38 -8.78
CA GLN D 258 -22.65 47.70 -8.32
C GLN D 258 -23.80 48.53 -7.75
N ASP D 259 -25.03 48.02 -7.74
CA ASP D 259 -26.13 48.71 -7.07
C ASP D 259 -26.06 48.32 -5.59
N GLU D 260 -25.16 48.99 -4.87
CA GLU D 260 -24.80 48.54 -3.53
C GLU D 260 -25.92 48.79 -2.53
N TYR D 261 -26.79 49.78 -2.77
CA TYR D 261 -27.91 49.98 -1.86
C TYR D 261 -28.82 48.76 -1.84
N VAL D 262 -29.18 48.24 -3.02
CA VAL D 262 -30.05 47.07 -3.09
C VAL D 262 -29.37 45.86 -2.47
N VAL D 263 -28.08 45.66 -2.75
CA VAL D 263 -27.36 44.51 -2.21
C VAL D 263 -27.32 44.57 -0.69
N PHE D 264 -26.93 45.73 -0.14
CA PHE D 264 -26.85 45.89 1.30
C PHE D 264 -28.22 45.72 1.96
N LYS D 265 -29.26 46.33 1.36
CA LYS D 265 -30.60 46.24 1.93
C LYS D 265 -31.09 44.80 1.95
N LYS D 266 -30.83 44.05 0.87
CA LYS D 266 -31.19 42.64 0.86
C LYS D 266 -30.44 41.87 1.93
N LEU D 267 -29.16 42.19 2.13
CA LEU D 267 -28.37 41.49 3.13
C LEU D 267 -28.90 41.73 4.54
N ILE D 268 -29.25 42.98 4.86
CA ILE D 268 -29.57 43.31 6.26
C ILE D 268 -31.06 43.22 6.59
N THR D 269 -31.95 43.27 5.60
CA THR D 269 -33.37 43.09 5.86
C THR D 269 -33.92 41.75 5.43
N GLU D 270 -33.23 41.03 4.52
CA GLU D 270 -33.74 39.77 4.00
C GLU D 270 -32.83 38.58 4.33
N THR D 271 -31.56 38.62 3.91
CA THR D 271 -30.69 37.45 4.15
C THR D 271 -30.39 37.29 5.63
N TYR D 272 -30.08 38.39 6.31
CA TYR D 272 -29.83 38.39 7.76
C TYR D 272 -30.59 39.54 8.41
N PRO D 273 -31.90 39.38 8.62
CA PRO D 273 -32.59 40.22 9.63
C PRO D 273 -32.17 39.85 11.04
N GLU D 274 -31.19 38.95 11.14
CA GLU D 274 -30.61 38.38 12.34
C GLU D 274 -29.81 39.40 13.11
N GLY D 275 -29.00 38.93 14.03
CA GLY D 275 -28.15 39.82 14.78
C GLY D 275 -27.00 40.21 13.89
N PHE D 276 -25.80 39.76 14.18
CA PHE D 276 -24.63 40.30 13.52
C PHE D 276 -24.56 39.87 12.05
N VAL D 277 -24.10 40.79 11.20
CA VAL D 277 -23.69 40.50 9.84
C VAL D 277 -22.60 41.50 9.47
N SER D 278 -21.47 41.00 8.98
CA SER D 278 -20.37 41.84 8.55
C SER D 278 -20.41 41.96 7.02
N ILE D 279 -20.34 43.19 6.52
CA ILE D 279 -20.37 43.43 5.08
C ILE D 279 -19.11 44.19 4.70
N VAL D 280 -18.22 43.53 3.98
CA VAL D 280 -17.05 44.21 3.45
C VAL D 280 -17.50 45.22 2.40
N SER D 281 -16.95 46.43 2.47
CA SER D 281 -17.58 47.57 1.84
C SER D 281 -16.70 48.35 0.87
N ASP D 282 -15.48 47.89 0.59
CA ASP D 282 -14.56 48.63 -0.26
C ASP D 282 -14.36 47.98 -1.63
N THR D 283 -15.31 47.16 -2.08
CA THR D 283 -15.14 46.47 -3.36
C THR D 283 -14.97 47.47 -4.50
N TRP D 284 -15.75 48.54 -4.50
CA TRP D 284 -15.68 49.56 -5.54
C TRP D 284 -15.31 50.94 -5.00
N ASP D 285 -16.02 51.43 -4.00
CA ASP D 285 -15.70 52.72 -3.40
C ASP D 285 -16.20 52.69 -1.96
N PHE D 286 -15.25 52.58 -1.01
CA PHE D 286 -15.62 52.43 0.39
C PHE D 286 -16.36 53.67 0.91
N TRP D 287 -15.78 54.85 0.71
CA TRP D 287 -16.35 56.04 1.30
C TRP D 287 -17.68 56.40 0.65
N ASN D 288 -17.86 56.07 -0.64
CA ASN D 288 -19.18 56.24 -1.24
C ASN D 288 -20.19 55.30 -0.60
N VAL D 289 -19.78 54.08 -0.25
CA VAL D 289 -20.69 53.15 0.43
C VAL D 289 -21.10 53.72 1.78
N ILE D 290 -20.14 54.25 2.54
CA ILE D 290 -20.48 54.81 3.85
C ILE D 290 -21.40 56.02 3.68
N ASP D 291 -21.08 56.91 2.74
CA ASP D 291 -21.80 58.17 2.61
C ASP D 291 -23.18 58.00 1.99
N THR D 292 -23.34 57.02 1.11
CA THR D 292 -24.52 56.89 0.25
C THR D 292 -25.31 55.62 0.54
N VAL D 293 -24.65 54.49 0.72
CA VAL D 293 -25.34 53.26 1.06
C VAL D 293 -25.70 53.24 2.55
N VAL D 294 -24.69 53.28 3.42
CA VAL D 294 -24.93 53.10 4.85
C VAL D 294 -25.83 54.20 5.40
N ARG D 295 -25.52 55.46 5.08
CA ARG D 295 -26.35 56.58 5.53
C ARG D 295 -27.81 56.36 5.13
N LYS D 296 -28.05 56.03 3.87
CA LYS D 296 -29.40 55.82 3.36
C LYS D 296 -30.12 54.69 4.10
N LEU D 297 -29.37 53.70 4.61
CA LEU D 297 -29.98 52.56 5.28
C LEU D 297 -30.09 52.75 6.79
N LYS D 298 -29.81 53.96 7.30
CA LYS D 298 -29.82 54.19 8.74
C LYS D 298 -31.04 53.57 9.42
N GLY D 299 -32.24 53.93 8.96
CA GLY D 299 -33.45 53.42 9.59
C GLY D 299 -33.51 51.91 9.60
N ASP D 300 -33.24 51.29 8.45
CA ASP D 300 -33.24 49.84 8.39
C ASP D 300 -32.22 49.26 9.37
N ILE D 301 -31.03 49.85 9.43
CA ILE D 301 -30.01 49.37 10.35
C ILE D 301 -30.48 49.54 11.80
N LEU D 302 -31.15 50.66 12.09
CA LEU D 302 -31.61 50.88 13.45
C LEU D 302 -32.84 50.04 13.78
N LYS D 303 -33.43 49.37 12.79
CA LYS D 303 -34.63 48.59 13.04
C LYS D 303 -34.33 47.14 13.39
N ARG D 304 -33.21 46.61 12.89
CA ARG D 304 -32.88 45.21 13.12
C ARG D 304 -32.59 44.95 14.59
N ASP D 305 -33.02 43.78 15.08
CA ASP D 305 -32.53 43.28 16.36
C ASP D 305 -31.16 42.65 16.13
N GLY D 306 -30.15 43.50 16.07
CA GLY D 306 -28.79 43.03 15.81
C GLY D 306 -27.87 44.17 15.40
N LYS D 307 -26.80 43.79 14.70
CA LYS D 307 -25.70 44.72 14.41
C LYS D 307 -25.15 44.50 13.01
N VAL D 308 -25.00 45.59 12.26
CA VAL D 308 -24.37 45.57 10.95
C VAL D 308 -22.95 46.09 11.12
N VAL D 309 -21.97 45.28 10.74
CA VAL D 309 -20.56 45.55 10.99
C VAL D 309 -19.90 45.88 9.66
N ILE D 310 -19.35 47.09 9.55
CA ILE D 310 -18.68 47.52 8.33
C ILE D 310 -17.24 47.02 8.35
N ARG D 311 -16.83 46.33 7.27
CA ARG D 311 -15.45 45.89 7.12
C ARG D 311 -14.77 46.57 5.94
N PRO D 312 -13.93 47.56 6.17
CA PRO D 312 -12.96 47.95 5.13
C PRO D 312 -11.83 46.93 5.07
N ASP D 313 -11.17 46.86 3.91
CA ASP D 313 -10.12 45.87 3.69
C ASP D 313 -8.96 46.47 2.88
N SER D 314 -8.82 47.78 2.89
CA SER D 314 -7.77 48.44 2.14
C SER D 314 -7.44 49.75 2.86
N GLY D 315 -6.60 50.57 2.23
CA GLY D 315 -6.16 51.81 2.83
C GLY D 315 -5.26 51.57 4.02
N ASP D 316 -4.86 52.66 4.66
CA ASP D 316 -4.10 52.54 5.90
C ASP D 316 -5.06 52.22 7.04
N PRO D 317 -4.85 51.13 7.78
CA PRO D 317 -5.78 50.79 8.87
C PRO D 317 -5.99 51.94 9.86
N VAL D 318 -4.89 52.56 10.33
CA VAL D 318 -5.00 53.62 11.31
C VAL D 318 -5.80 54.79 10.73
N LYS D 319 -5.53 55.16 9.49
CA LYS D 319 -6.20 56.32 8.90
C LYS D 319 -7.67 56.02 8.59
N ILE D 320 -7.95 54.85 8.03
CA ILE D 320 -9.34 54.49 7.73
C ILE D 320 -10.17 54.47 9.01
N ILE D 321 -9.63 53.90 10.09
CA ILE D 321 -10.40 53.77 11.32
C ILE D 321 -10.51 55.11 12.04
N CYS D 322 -9.38 55.78 12.28
CA CYS D 322 -9.36 56.97 13.13
C CYS D 322 -9.41 58.28 12.36
N GLY D 323 -9.20 58.25 11.05
CA GLY D 323 -9.22 59.45 10.27
C GLY D 323 -7.83 59.85 9.79
N ASP D 324 -7.79 60.54 8.66
CA ASP D 324 -6.55 61.07 8.11
C ASP D 324 -6.51 62.57 8.35
N PRO D 325 -5.66 63.07 9.25
CA PRO D 325 -5.63 64.52 9.50
C PRO D 325 -5.27 65.34 8.26
N GLU D 326 -4.49 64.78 7.35
CA GLU D 326 -4.12 65.48 6.12
C GLU D 326 -5.19 65.40 5.04
N ALA D 327 -6.27 64.67 5.27
CA ALA D 327 -7.27 64.45 4.23
C ALA D 327 -8.07 65.72 3.97
N LYS D 328 -8.50 65.87 2.71
CA LYS D 328 -9.28 67.01 2.27
C LYS D 328 -10.78 66.76 2.43
N ASP D 329 -11.23 65.54 2.15
CA ASP D 329 -12.63 65.18 2.29
C ASP D 329 -12.97 64.96 3.77
N GLU D 330 -14.17 65.42 4.16
CA GLU D 330 -14.57 65.38 5.56
C GLU D 330 -14.67 63.93 6.06
N LEU D 331 -15.25 63.04 5.26
CA LEU D 331 -15.38 61.65 5.68
C LEU D 331 -14.01 60.99 5.86
N VAL D 332 -13.10 61.20 4.91
CA VAL D 332 -11.76 60.63 5.03
C VAL D 332 -11.02 61.24 6.22
N ARG D 333 -11.17 62.56 6.42
CA ARG D 333 -10.52 63.21 7.54
C ARG D 333 -11.01 62.65 8.87
N LYS D 334 -12.32 62.40 8.97
CA LYS D 334 -12.91 61.97 10.24
C LYS D 334 -12.57 60.52 10.55
N GLY D 335 -12.64 59.65 9.55
CA GLY D 335 -12.46 58.23 9.77
C GLY D 335 -13.78 57.52 10.02
N LEU D 336 -13.73 56.19 9.90
CA LEU D 336 -14.96 55.40 9.94
C LEU D 336 -15.71 55.57 11.26
N ILE D 337 -15.01 55.44 12.40
CA ILE D 337 -15.69 55.41 13.69
C ILE D 337 -16.43 56.72 13.94
N GLU D 338 -15.77 57.85 13.68
CA GLU D 338 -16.39 59.15 13.93
C GLU D 338 -17.58 59.36 13.00
N VAL D 339 -17.47 58.94 11.74
CA VAL D 339 -18.54 59.15 10.77
C VAL D 339 -19.76 58.30 11.12
N LEU D 340 -19.54 57.03 11.48
CA LEU D 340 -20.63 56.19 11.93
C LEU D 340 -21.27 56.77 13.19
N TRP D 341 -20.47 57.38 14.06
CA TRP D 341 -21.03 58.06 15.22
C TRP D 341 -21.85 59.28 14.81
N ASP D 342 -21.39 60.00 13.79
CA ASP D 342 -22.14 61.15 13.30
C ASP D 342 -23.51 60.72 12.78
N ILE D 343 -23.57 59.58 12.10
CA ILE D 343 -24.85 59.10 11.56
C ILE D 343 -25.73 58.52 12.66
N PHE D 344 -25.19 57.59 13.46
CA PHE D 344 -26.01 56.80 14.38
C PHE D 344 -25.95 57.27 15.82
N GLY D 345 -24.99 58.11 16.19
CA GLY D 345 -24.87 58.45 17.59
C GLY D 345 -24.45 57.25 18.40
N GLY D 346 -24.85 57.25 19.67
CA GLY D 346 -24.52 56.14 20.54
C GLY D 346 -24.69 56.46 22.00
N ASN D 347 -23.72 56.04 22.81
CA ASN D 347 -23.76 56.20 24.26
C ASN D 347 -22.43 56.74 24.76
N VAL D 348 -22.44 57.21 26.01
CA VAL D 348 -21.24 57.66 26.69
C VAL D 348 -20.98 56.70 27.85
N THR D 349 -19.72 56.29 28.01
CA THR D 349 -19.39 55.34 29.05
C THR D 349 -19.20 56.04 30.40
N ASP D 350 -19.02 55.22 31.44
CA ASP D 350 -18.70 55.75 32.76
C ASP D 350 -17.41 56.56 32.76
N LYS D 351 -16.53 56.31 31.79
CA LYS D 351 -15.27 57.03 31.65
C LYS D 351 -15.40 58.27 30.77
N GLY D 352 -16.56 58.50 30.16
CA GLY D 352 -16.78 59.68 29.35
C GLY D 352 -16.38 59.54 27.89
N TYR D 353 -16.24 58.32 27.39
CA TYR D 353 -15.89 58.08 25.99
C TYR D 353 -17.13 57.67 25.19
N LYS D 354 -17.07 57.88 23.89
CA LYS D 354 -18.19 57.61 23.00
C LYS D 354 -18.14 56.17 22.48
N VAL D 355 -19.29 55.49 22.53
CA VAL D 355 -19.45 54.15 21.98
C VAL D 355 -20.61 54.18 20.99
N LEU D 356 -20.39 53.55 19.83
CA LEU D 356 -21.39 53.58 18.76
C LEU D 356 -22.70 52.94 19.19
N ASP D 357 -23.79 53.40 18.58
CA ASP D 357 -25.07 52.77 18.79
C ASP D 357 -24.97 51.28 18.45
N PRO D 358 -25.51 50.39 19.29
CA PRO D 358 -25.23 48.95 19.13
C PRO D 358 -25.70 48.34 17.82
N HIS D 359 -26.47 49.06 17.01
CA HIS D 359 -26.92 48.50 15.75
C HIS D 359 -25.85 48.56 14.66
N ILE D 360 -24.83 49.37 14.84
CA ILE D 360 -23.75 49.52 13.86
C ILE D 360 -22.45 49.12 14.53
N GLY D 361 -21.48 48.71 13.71
CA GLY D 361 -20.18 48.33 14.22
C GLY D 361 -19.14 48.38 13.11
N ALA D 362 -17.91 48.00 13.48
CA ALA D 362 -16.79 48.05 12.55
C ALA D 362 -15.83 46.91 12.84
N ILE D 363 -15.18 46.43 11.77
CA ILE D 363 -14.13 45.42 11.89
C ILE D 363 -13.08 45.72 10.83
N TYR D 364 -11.81 45.53 11.18
CA TYR D 364 -10.70 45.74 10.25
C TYR D 364 -9.75 44.55 10.34
N GLY D 365 -9.51 43.90 9.19
CA GLY D 365 -8.72 42.70 9.18
C GLY D 365 -7.69 42.64 8.06
N ASP D 366 -7.02 43.76 7.77
CA ASP D 366 -6.01 43.81 6.71
C ASP D 366 -4.71 44.32 7.31
N ALA D 367 -3.71 43.44 7.37
CA ALA D 367 -2.36 43.80 7.84
C ALA D 367 -2.37 44.37 9.26
N ILE D 368 -3.20 43.79 10.13
CA ILE D 368 -3.24 44.21 11.52
C ILE D 368 -1.97 43.74 12.22
N THR D 369 -1.36 44.63 12.99
CA THR D 369 -0.21 44.31 13.82
C THR D 369 -0.49 44.80 15.23
N ILE D 370 0.30 44.30 16.18
CA ILE D 370 0.17 44.72 17.58
C ILE D 370 0.31 46.24 17.68
N SER D 371 1.33 46.78 17.02
CA SER D 371 1.55 48.21 17.05
C SER D 371 0.37 48.96 16.44
N ARG D 372 -0.21 48.43 15.36
CA ARG D 372 -1.34 49.11 14.74
C ARG D 372 -2.58 49.07 15.63
N CYS D 373 -2.82 47.96 16.31
CA CYS D 373 -3.92 47.89 17.27
C CYS D 373 -3.75 48.95 18.36
N LYS D 374 -2.53 49.04 18.91
CA LYS D 374 -2.24 50.05 19.92
C LYS D 374 -2.49 51.45 19.35
N GLU D 375 -2.01 51.72 18.14
CA GLU D 375 -2.16 53.06 17.58
C GLU D 375 -3.62 53.42 17.34
N ILE D 376 -4.42 52.46 16.87
CA ILE D 376 -5.84 52.71 16.65
C ILE D 376 -6.53 53.03 17.97
N CYS D 377 -6.25 52.25 19.02
CA CYS D 377 -6.86 52.53 20.31
C CYS D 377 -6.45 53.91 20.82
N LYS D 378 -5.17 54.24 20.69
CA LYS D 378 -4.68 55.52 21.18
C LYS D 378 -5.31 56.70 20.45
N LYS D 379 -5.34 56.63 19.11
CA LYS D 379 -5.85 57.76 18.35
C LYS D 379 -7.36 57.89 18.50
N LEU D 380 -8.07 56.76 18.60
CA LEU D 380 -9.50 56.81 18.90
C LEU D 380 -9.74 57.46 20.27
N ALA D 381 -8.99 57.05 21.28
CA ALA D 381 -9.17 57.61 22.62
C ALA D 381 -8.84 59.10 22.65
N ALA D 382 -7.91 59.55 21.80
CA ALA D 382 -7.61 60.97 21.73
C ALA D 382 -8.77 61.77 21.16
N LYS D 383 -9.56 61.18 20.27
CA LYS D 383 -10.77 61.81 19.75
C LYS D 383 -11.99 61.61 20.65
N GLY D 384 -11.79 60.97 21.81
CA GLY D 384 -12.89 60.71 22.73
C GLY D 384 -13.69 59.45 22.43
N PHE D 385 -13.21 58.59 21.54
CA PHE D 385 -13.91 57.36 21.19
C PHE D 385 -13.31 56.17 21.92
N ALA D 386 -14.19 55.31 22.46
CA ALA D 386 -13.74 54.16 23.22
C ALA D 386 -13.13 53.10 22.30
N SER D 387 -12.25 52.28 22.87
CA SER D 387 -11.54 51.28 22.09
C SER D 387 -12.43 50.14 21.63
N VAL D 388 -13.58 49.92 22.26
CA VAL D 388 -14.46 48.81 21.92
C VAL D 388 -15.26 49.04 20.66
N ASN D 389 -15.06 50.18 19.98
CA ASN D 389 -15.79 50.48 18.76
C ASN D 389 -15.24 49.78 17.53
N VAL D 390 -14.08 49.14 17.62
CA VAL D 390 -13.49 48.41 16.50
C VAL D 390 -13.18 46.99 16.96
N VAL D 391 -13.55 46.02 16.14
CA VAL D 391 -13.07 44.66 16.26
C VAL D 391 -11.85 44.51 15.35
N PHE D 392 -10.82 43.81 15.82
CA PHE D 392 -9.58 43.64 15.09
C PHE D 392 -9.50 42.22 14.52
N GLY D 393 -9.39 42.12 13.21
CA GLY D 393 -9.16 40.84 12.56
C GLY D 393 -7.67 40.56 12.50
N ILE D 394 -7.19 39.66 13.35
CA ILE D 394 -5.78 39.34 13.43
C ILE D 394 -5.48 38.20 12.45
N GLY D 395 -4.55 38.44 11.53
CA GLY D 395 -4.34 37.51 10.44
C GLY D 395 -2.98 36.83 10.44
N SER D 396 -2.64 36.20 9.31
CA SER D 396 -1.42 35.41 9.25
C SER D 396 -0.15 36.24 9.38
N PHE D 397 -0.21 37.55 9.10
CA PHE D 397 0.97 38.39 9.30
C PHE D 397 1.43 38.34 10.75
N THR D 398 0.48 38.38 11.68
CA THR D 398 0.79 38.19 13.10
C THR D 398 1.22 36.75 13.39
N TYR D 399 0.36 35.78 13.08
CA TYR D 399 0.51 34.44 13.64
C TYR D 399 1.49 33.56 12.85
N GLN D 400 1.58 33.72 11.53
CA GLN D 400 2.49 32.92 10.73
C GLN D 400 3.91 33.47 10.72
N TYR D 401 4.08 34.80 10.64
CA TYR D 401 5.40 35.37 10.41
C TYR D 401 6.22 35.38 11.71
N ASN D 402 6.64 34.19 12.10
CA ASN D 402 7.47 34.00 13.29
C ASN D 402 8.38 32.80 13.06
N THR D 403 9.35 32.66 13.96
CA THR D 403 10.14 31.45 14.05
C THR D 403 10.14 30.95 15.49
N ARG D 404 10.75 29.79 15.67
CA ARG D 404 11.02 29.28 17.00
C ARG D 404 11.89 30.25 17.80
N ASP D 405 12.69 31.06 17.12
CA ASP D 405 13.59 32.00 17.78
C ASP D 405 12.93 33.34 18.07
N THR D 406 11.68 33.55 17.66
CA THR D 406 10.99 34.78 18.02
C THR D 406 10.96 34.96 19.53
N PHE D 407 10.72 33.88 20.27
CA PHE D 407 10.90 33.89 21.71
C PHE D 407 12.04 32.96 22.14
N GLY D 408 13.02 32.76 21.26
CA GLY D 408 14.29 32.13 21.64
C GLY D 408 14.14 30.73 22.18
N PHE D 409 13.18 29.97 21.65
CA PHE D 409 12.89 28.65 22.19
C PHE D 409 14.01 27.67 21.89
N ALA D 410 14.39 26.90 22.91
CA ALA D 410 15.36 25.84 22.70
C ALA D 410 15.09 24.69 23.64
N MET D 411 15.27 23.49 23.11
CA MET D 411 15.33 22.26 23.87
C MET D 411 16.79 22.01 24.16
N LYS D 412 17.17 21.93 25.42
CA LYS D 412 18.57 21.75 25.79
C LYS D 412 18.73 20.67 26.83
N ALA D 413 19.59 19.69 26.56
CA ALA D 413 20.03 18.79 27.61
C ALA D 413 20.87 19.57 28.60
N THR D 414 20.51 19.47 29.89
CA THR D 414 21.25 20.14 30.94
C THR D 414 21.83 19.18 31.98
N TYR D 415 21.36 17.93 32.04
CA TYR D 415 21.79 17.07 33.13
C TYR D 415 21.90 15.63 32.64
N THR D 416 22.90 14.91 33.11
CA THR D 416 23.04 13.51 32.73
C THR D 416 23.56 12.69 33.90
N VAL D 417 23.27 11.39 33.88
CA VAL D 417 23.87 10.44 34.81
C VAL D 417 24.58 9.37 33.99
N VAL D 418 25.85 9.14 34.34
CA VAL D 418 26.75 8.19 33.67
C VAL D 418 27.40 7.36 34.77
N ASN D 419 27.04 6.06 34.83
CA ASN D 419 27.58 5.14 35.83
C ASN D 419 27.37 5.67 37.25
N GLY D 420 26.17 6.19 37.50
CA GLY D 420 25.83 6.73 38.80
C GLY D 420 26.39 8.11 39.10
N GLU D 421 27.20 8.66 38.20
CA GLU D 421 27.77 9.99 38.41
C GLU D 421 26.86 11.02 37.76
N GLU D 422 26.43 12.00 38.56
CA GLU D 422 25.71 13.16 38.05
C GLU D 422 26.66 14.12 37.35
N ARG D 423 26.23 14.63 36.19
CA ARG D 423 27.02 15.58 35.43
C ARG D 423 26.12 16.68 34.91
N GLN D 424 26.70 17.86 34.73
CA GLN D 424 26.02 19.00 34.12
C GLN D 424 26.42 19.11 32.66
N ILE D 425 25.45 19.44 31.80
CA ILE D 425 25.67 19.55 30.37
C ILE D 425 25.44 21.00 29.96
N PHE D 426 26.46 21.59 29.34
CA PHE D 426 26.39 22.97 28.84
C PHE D 426 27.56 23.20 27.90
N LYS D 427 27.34 24.02 26.89
CA LYS D 427 28.40 24.37 25.95
C LYS D 427 28.97 25.74 26.28
N ASN D 428 30.12 26.03 25.68
CA ASN D 428 30.77 27.32 25.87
C ASN D 428 30.78 28.14 24.58
N LYS D 437 23.91 33.51 30.74
CA LYS D 437 24.25 32.23 31.34
C LYS D 437 23.47 31.10 30.68
N SER D 438 23.97 29.88 30.82
CA SER D 438 23.31 28.68 30.34
C SER D 438 22.81 27.87 31.53
N GLN D 439 21.78 27.06 31.27
CA GLN D 439 21.23 26.20 32.31
C GLN D 439 22.11 24.96 32.48
N LYS D 440 22.36 24.60 33.74
CA LYS D 440 23.20 23.46 34.08
C LYS D 440 22.51 22.63 35.16
N GLY D 441 22.65 21.32 35.06
CA GLY D 441 22.08 20.43 36.07
C GLY D 441 20.55 20.39 35.99
N LEU D 442 19.96 19.91 37.08
CA LEU D 442 18.51 19.96 37.18
C LEU D 442 18.05 21.38 37.44
N VAL D 443 16.81 21.67 37.04
CA VAL D 443 16.28 23.03 37.15
C VAL D 443 14.93 23.00 37.85
N ALA D 444 14.59 24.10 38.50
CA ALA D 444 13.30 24.32 39.11
C ALA D 444 12.90 25.77 38.87
N VAL D 445 11.61 26.04 38.93
CA VAL D 445 11.09 27.40 38.87
C VAL D 445 10.30 27.63 40.14
N VAL D 446 10.63 28.70 40.85
CA VAL D 446 10.02 28.96 42.15
C VAL D 446 9.50 30.38 42.18
N ASN D 447 8.45 30.58 42.98
CA ASN D 447 7.97 31.92 43.25
C ASN D 447 8.93 32.59 44.23
N ASN D 448 9.49 33.71 43.79
CA ASN D 448 10.55 34.45 44.45
C ASN D 448 9.97 35.85 44.63
N GLY D 449 9.37 36.10 45.79
CA GLY D 449 8.65 37.35 45.97
C GLY D 449 7.54 37.48 44.93
N ASN D 450 7.63 38.53 44.11
CA ASN D 450 6.65 38.83 43.09
C ASN D 450 6.95 38.19 41.75
N GLU D 451 7.95 37.32 41.67
CA GLU D 451 8.42 36.87 40.36
C GLU D 451 8.57 35.35 40.33
N LEU D 452 8.59 34.80 39.13
CA LEU D 452 9.02 33.43 38.92
C LEU D 452 10.50 33.47 38.56
N SER D 453 11.30 32.67 39.26
CA SER D 453 12.73 32.70 39.01
C SER D 453 13.25 31.28 38.82
N LEU D 454 14.28 31.17 37.99
CA LEU D 454 14.95 29.92 37.71
C LEU D 454 15.94 29.57 38.81
N VAL D 455 15.91 28.31 39.23
CA VAL D 455 16.96 27.74 40.07
C VAL D 455 17.57 26.60 39.27
N ASP D 456 18.89 26.58 39.16
CA ASP D 456 19.55 25.51 38.41
C ASP D 456 20.79 25.08 39.19
N GLU D 457 21.65 24.31 38.52
CA GLU D 457 22.83 23.71 39.15
C GLU D 457 22.45 22.82 40.33
N LEU D 458 21.22 22.30 40.31
CA LEU D 458 20.78 21.39 41.34
C LEU D 458 21.23 19.98 41.01
N ASP D 459 21.65 19.24 42.04
CA ASP D 459 21.78 17.80 41.90
C ASP D 459 20.46 17.14 42.31
N ARG D 460 20.39 15.83 42.22
CA ARG D 460 19.11 15.16 42.45
C ARG D 460 18.60 15.37 43.87
N ASN D 461 19.50 15.33 44.86
CA ASN D 461 19.09 15.54 46.26
C ASN D 461 18.51 16.93 46.47
N ALA D 462 19.19 17.96 45.95
CA ALA D 462 18.73 19.33 46.14
C ALA D 462 17.42 19.59 45.40
N TYR D 463 17.29 19.04 44.20
CA TYR D 463 16.06 19.15 43.43
C TYR D 463 14.90 18.47 44.15
N LYS D 464 15.14 17.28 44.69
CA LYS D 464 14.16 16.64 45.56
C LYS D 464 13.72 17.59 46.67
N GLN D 465 14.70 18.21 47.34
CA GLN D 465 14.38 19.15 48.40
C GLN D 465 13.47 20.27 47.91
N LEU D 466 13.74 20.81 46.72
CA LEU D 466 13.00 21.94 46.18
C LEU D 466 11.64 21.55 45.59
N SER D 467 11.36 20.25 45.46
CA SER D 467 10.21 19.81 44.67
C SER D 467 8.88 20.42 45.11
N ASN D 468 8.72 20.76 46.40
CA ASN D 468 7.44 21.34 46.81
C ASN D 468 7.27 22.76 46.31
N ASP D 469 8.36 23.50 46.12
CA ASP D 469 8.29 24.88 45.64
C ASP D 469 8.35 24.98 44.12
N ASP D 470 8.71 23.90 43.42
CA ASP D 470 8.78 23.89 41.97
C ASP D 470 7.38 24.01 41.38
N ILE D 471 7.18 25.00 40.51
CA ILE D 471 5.86 25.15 39.89
C ILE D 471 5.73 24.32 38.63
N LEU D 472 6.84 23.78 38.10
CA LEU D 472 6.77 22.69 37.16
C LEU D 472 6.05 21.51 37.82
N GLU D 473 5.05 20.97 37.14
CA GLU D 473 4.25 19.89 37.70
C GLU D 473 4.39 18.66 36.81
N ASP D 474 4.34 17.48 37.45
CA ASP D 474 4.29 16.23 36.71
C ASP D 474 3.12 16.22 35.74
N VAL D 475 3.41 15.99 34.47
CA VAL D 475 2.36 16.02 33.45
C VAL D 475 2.26 14.67 32.73
N PHE D 476 3.38 13.95 32.61
CA PHE D 476 3.35 12.70 31.86
C PHE D 476 4.45 11.78 32.35
N ILE D 477 4.12 10.55 32.73
CA ILE D 477 5.12 9.57 33.13
C ILE D 477 4.70 8.18 32.63
N ASN D 478 5.57 7.54 31.84
CA ASN D 478 5.41 6.13 31.46
C ASN D 478 4.05 5.85 30.83
N GLY D 479 3.59 6.78 29.99
CA GLY D 479 2.33 6.64 29.31
C GLY D 479 1.12 7.14 30.07
N GLN D 480 1.29 7.53 31.33
CA GLN D 480 0.19 8.05 32.13
C GLN D 480 0.09 9.56 31.96
N LEU D 481 -1.09 10.03 31.60
CA LEU D 481 -1.41 11.44 31.72
C LEU D 481 -1.60 11.77 33.20
N LEU D 482 -0.84 12.73 33.72
CA LEU D 482 -0.94 13.09 35.13
C LEU D 482 -1.68 14.40 35.36
N ARG D 483 -1.78 15.26 34.34
CA ARG D 483 -2.50 16.51 34.45
C ARG D 483 -3.31 16.69 33.18
N ASN D 484 -4.56 17.14 33.34
CA ASN D 484 -5.51 17.27 32.23
C ASN D 484 -6.28 18.58 32.40
N GLN D 485 -5.76 19.65 31.79
CA GLN D 485 -6.32 20.99 31.96
C GLN D 485 -7.45 21.23 30.96
N THR D 486 -8.41 22.06 31.35
CA THR D 486 -9.48 22.46 30.46
C THR D 486 -9.18 23.83 29.86
N LEU D 487 -9.76 24.08 28.68
CA LEU D 487 -9.73 25.41 28.09
C LEU D 487 -10.19 26.45 29.11
N SER D 488 -11.27 26.14 29.84
CA SER D 488 -11.81 27.09 30.80
C SER D 488 -10.79 27.39 31.90
N GLU D 489 -10.13 26.37 32.42
CA GLU D 489 -9.12 26.58 33.46
C GLU D 489 -7.97 27.43 32.93
N ILE D 490 -7.48 27.13 31.73
CA ILE D 490 -6.36 27.87 31.18
C ILE D 490 -6.74 29.34 30.99
N ARG D 491 -7.95 29.57 30.47
CA ARG D 491 -8.43 30.93 30.31
C ARG D 491 -8.51 31.65 31.65
N GLU D 492 -8.99 30.95 32.69
CA GLU D 492 -9.09 31.53 34.03
C GLU D 492 -7.71 31.91 34.56
N LEU D 493 -6.75 31.02 34.39
CA LEU D 493 -5.38 31.30 34.83
C LEU D 493 -4.81 32.51 34.08
N LEU D 494 -5.09 32.61 32.78
CA LEU D 494 -4.53 33.68 31.96
C LEU D 494 -5.13 35.04 32.30
N LEU D 495 -6.44 35.10 32.44
CA LEU D 495 -7.13 36.39 32.48
C LEU D 495 -7.48 36.87 33.88
N ASP D 496 -7.49 35.98 34.87
CA ASP D 496 -7.82 36.39 36.23
C ASP D 496 -6.54 36.50 37.06
#